data_3EU4
# 
_entry.id   3EU4 
# 
_audit_conform.dict_name       mmcif_pdbx.dic 
_audit_conform.dict_version    5.397 
_audit_conform.dict_location   http://mmcif.pdb.org/dictionaries/ascii/mmcif_pdbx.dic 
# 
loop_
_database_2.database_id 
_database_2.database_code 
_database_2.pdbx_database_accession 
_database_2.pdbx_DOI 
PDB   3EU4         pdb_00003eu4 10.2210/pdb3eu4/pdb 
RCSB  RCSB049769   ?            ?                   
WWPDB D_1000049769 ?            ?                   
# 
loop_
_pdbx_audit_revision_history.ordinal 
_pdbx_audit_revision_history.data_content_type 
_pdbx_audit_revision_history.major_revision 
_pdbx_audit_revision_history.minor_revision 
_pdbx_audit_revision_history.revision_date 
1 'Structure model' 1 0 2009-06-16 
2 'Structure model' 1 1 2011-07-13 
3 'Structure model' 1 2 2023-11-01 
4 'Structure model' 1 3 2024-10-16 
# 
_pdbx_audit_revision_details.ordinal             1 
_pdbx_audit_revision_details.revision_ordinal    1 
_pdbx_audit_revision_details.data_content_type   'Structure model' 
_pdbx_audit_revision_details.provider            repository 
_pdbx_audit_revision_details.type                'Initial release' 
_pdbx_audit_revision_details.description         ? 
_pdbx_audit_revision_details.details             ? 
# 
loop_
_pdbx_audit_revision_group.ordinal 
_pdbx_audit_revision_group.revision_ordinal 
_pdbx_audit_revision_group.data_content_type 
_pdbx_audit_revision_group.group 
1 2 'Structure model' 'Version format compliance' 
2 3 'Structure model' 'Data collection'           
3 3 'Structure model' 'Database references'       
4 3 'Structure model' 'Derived calculations'      
5 3 'Structure model' 'Refinement description'    
6 4 'Structure model' 'Structure summary'         
# 
loop_
_pdbx_audit_revision_category.ordinal 
_pdbx_audit_revision_category.revision_ordinal 
_pdbx_audit_revision_category.data_content_type 
_pdbx_audit_revision_category.category 
1  3 'Structure model' chem_comp_atom                
2  3 'Structure model' chem_comp_bond                
3  3 'Structure model' database_2                    
4  3 'Structure model' pdbx_initial_refinement_model 
5  3 'Structure model' pdbx_struct_conn_angle        
6  3 'Structure model' struct_conn                   
7  3 'Structure model' struct_ref_seq_dif            
8  3 'Structure model' struct_site                   
9  4 'Structure model' pdbx_entry_details            
10 4 'Structure model' pdbx_modification_feature     
# 
loop_
_pdbx_audit_revision_item.ordinal 
_pdbx_audit_revision_item.revision_ordinal 
_pdbx_audit_revision_item.data_content_type 
_pdbx_audit_revision_item.item 
1  3 'Structure model' '_database_2.pdbx_DOI'                      
2  3 'Structure model' '_database_2.pdbx_database_accession'       
3  3 'Structure model' '_pdbx_struct_conn_angle.ptnr1_auth_seq_id' 
4  3 'Structure model' '_pdbx_struct_conn_angle.ptnr3_auth_seq_id' 
5  3 'Structure model' '_pdbx_struct_conn_angle.value'             
6  3 'Structure model' '_struct_conn.pdbx_dist_value'              
7  3 'Structure model' '_struct_conn.ptnr1_auth_comp_id'           
8  3 'Structure model' '_struct_conn.ptnr1_auth_seq_id'            
9  3 'Structure model' '_struct_conn.ptnr1_label_asym_id'          
10 3 'Structure model' '_struct_conn.ptnr1_label_atom_id'          
11 3 'Structure model' '_struct_conn.ptnr1_label_comp_id'          
12 3 'Structure model' '_struct_conn.ptnr1_label_seq_id'           
13 3 'Structure model' '_struct_conn.ptnr2_auth_comp_id'           
14 3 'Structure model' '_struct_conn.ptnr2_auth_seq_id'            
15 3 'Structure model' '_struct_conn.ptnr2_label_asym_id'          
16 3 'Structure model' '_struct_conn.ptnr2_label_atom_id'          
17 3 'Structure model' '_struct_conn.ptnr2_label_comp_id'          
18 3 'Structure model' '_struct_conn.ptnr2_label_seq_id'           
19 3 'Structure model' '_struct_ref_seq_dif.details'               
20 3 'Structure model' '_struct_site.pdbx_auth_asym_id'            
21 3 'Structure model' '_struct_site.pdbx_auth_comp_id'            
22 3 'Structure model' '_struct_site.pdbx_auth_seq_id'             
# 
_pdbx_database_status.status_code                     REL 
_pdbx_database_status.entry_id                        3EU4 
_pdbx_database_status.recvd_initial_deposition_date   2008-10-09 
_pdbx_database_status.deposit_site                    RCSB 
_pdbx_database_status.process_site                    PDBJ 
_pdbx_database_status.status_code_sf                  REL 
_pdbx_database_status.status_code_mr                  ? 
_pdbx_database_status.SG_entry                        ? 
_pdbx_database_status.pdb_format_compatible           Y 
_pdbx_database_status.status_code_cs                  ? 
_pdbx_database_status.status_code_nmr_data            ? 
_pdbx_database_status.methods_development_category    ? 
# 
_pdbx_database_related.db_name        PDB 
_pdbx_database_related.db_id          3EU3 
_pdbx_database_related.details        'reduced form of this protein' 
_pdbx_database_related.content_type   unspecified 
# 
loop_
_audit_author.name 
_audit_author.pdbx_ordinal 
'Crow, A.'       1 
'Moller, M.C.'   2 
'Hederstedt, L.' 3 
'Le Brun, N.'    4 
# 
_citation.id                        primary 
_citation.title                     
;Crystal Structure and Biophysical Properties of Bacillus subtilis BdbD: AN OXIDIZING THIOL:DISULFIDE OXIDOREDUCTASE CONTAINING A NOVEL METAL SITE
;
_citation.journal_abbrev            J.Biol.Chem. 
_citation.journal_volume            284 
_citation.page_first                23719 
_citation.page_last                 23733 
_citation.year                      2009 
_citation.journal_id_ASTM           JBCHA3 
_citation.country                   US 
_citation.journal_id_ISSN           0021-9258 
_citation.journal_id_CSD            0071 
_citation.book_publisher            ? 
_citation.pdbx_database_id_PubMed   19535335 
_citation.pdbx_database_id_DOI      10.1074/jbc.M109.005785 
# 
loop_
_citation_author.citation_id 
_citation_author.name 
_citation_author.ordinal 
_citation_author.identifier_ORCID 
primary 'Crow, A.'            1 ? 
primary 'Lewin, A.'           2 ? 
primary 'Hecht, O.'           3 ? 
primary 'Carlsson Moller, M.' 4 ? 
primary 'Moore, G.R.'         5 ? 
primary 'Hederstedt, L.'      6 ? 
primary 'Le Brun, N.E.'       7 ? 
# 
loop_
_entity.id 
_entity.type 
_entity.src_method 
_entity.pdbx_description 
_entity.formula_weight 
_entity.pdbx_number_of_molecules 
_entity.pdbx_ec 
_entity.pdbx_mutation 
_entity.pdbx_fragment 
_entity.details 
1 polymer     man BdbD          23043.812 1  ? ? ? ? 
2 non-polymer syn 'CALCIUM ION' 40.078    1  ? ? ? ? 
3 water       nat water         18.015    38 ? ? ? ? 
# 
_entity_name_com.entity_id   1 
_entity_name_com.name        'Bacillus disulfide bond protein D' 
# 
_entity_poly.entity_id                      1 
_entity_poly.type                           'polypeptide(L)' 
_entity_poly.nstd_linkage                   no 
_entity_poly.nstd_monomer                   no 
_entity_poly.pdbx_seq_one_letter_code       
;MNNKTEQGNDAVSGQPSIKGQPVLGKDDAPVTVVEFGDYKCPSCKVFNSDIFPKIQKDFIDKGDVKFSFVNVMFHGKGSR
LAALASEEVWKEDPDSFWDFHEKLFEKQPDTEQEWVTPGLLGDLAKSTTKIKPETLKENLDKETFASQVEKDSDLNQKMN
IQATPTIYVNDKVIKNFADYDEIKETIEKELKGKLEHHHHHH
;
_entity_poly.pdbx_seq_one_letter_code_can   
;MNNKTEQGNDAVSGQPSIKGQPVLGKDDAPVTVVEFGDYKCPSCKVFNSDIFPKIQKDFIDKGDVKFSFVNVMFHGKGSR
LAALASEEVWKEDPDSFWDFHEKLFEKQPDTEQEWVTPGLLGDLAKSTTKIKPETLKENLDKETFASQVEKDSDLNQKMN
IQATPTIYVNDKVIKNFADYDEIKETIEKELKGKLEHHHHHH
;
_entity_poly.pdbx_strand_id                 A 
_entity_poly.pdbx_target_identifier         ? 
# 
loop_
_pdbx_entity_nonpoly.entity_id 
_pdbx_entity_nonpoly.name 
_pdbx_entity_nonpoly.comp_id 
2 'CALCIUM ION' CA  
3 water         HOH 
# 
loop_
_entity_poly_seq.entity_id 
_entity_poly_seq.num 
_entity_poly_seq.mon_id 
_entity_poly_seq.hetero 
1 1   MET n 
1 2   ASN n 
1 3   ASN n 
1 4   LYS n 
1 5   THR n 
1 6   GLU n 
1 7   GLN n 
1 8   GLY n 
1 9   ASN n 
1 10  ASP n 
1 11  ALA n 
1 12  VAL n 
1 13  SER n 
1 14  GLY n 
1 15  GLN n 
1 16  PRO n 
1 17  SER n 
1 18  ILE n 
1 19  LYS n 
1 20  GLY n 
1 21  GLN n 
1 22  PRO n 
1 23  VAL n 
1 24  LEU n 
1 25  GLY n 
1 26  LYS n 
1 27  ASP n 
1 28  ASP n 
1 29  ALA n 
1 30  PRO n 
1 31  VAL n 
1 32  THR n 
1 33  VAL n 
1 34  VAL n 
1 35  GLU n 
1 36  PHE n 
1 37  GLY n 
1 38  ASP n 
1 39  TYR n 
1 40  LYS n 
1 41  CYS n 
1 42  PRO n 
1 43  SER n 
1 44  CYS n 
1 45  LYS n 
1 46  VAL n 
1 47  PHE n 
1 48  ASN n 
1 49  SER n 
1 50  ASP n 
1 51  ILE n 
1 52  PHE n 
1 53  PRO n 
1 54  LYS n 
1 55  ILE n 
1 56  GLN n 
1 57  LYS n 
1 58  ASP n 
1 59  PHE n 
1 60  ILE n 
1 61  ASP n 
1 62  LYS n 
1 63  GLY n 
1 64  ASP n 
1 65  VAL n 
1 66  LYS n 
1 67  PHE n 
1 68  SER n 
1 69  PHE n 
1 70  VAL n 
1 71  ASN n 
1 72  VAL n 
1 73  MET n 
1 74  PHE n 
1 75  HIS n 
1 76  GLY n 
1 77  LYS n 
1 78  GLY n 
1 79  SER n 
1 80  ARG n 
1 81  LEU n 
1 82  ALA n 
1 83  ALA n 
1 84  LEU n 
1 85  ALA n 
1 86  SER n 
1 87  GLU n 
1 88  GLU n 
1 89  VAL n 
1 90  TRP n 
1 91  LYS n 
1 92  GLU n 
1 93  ASP n 
1 94  PRO n 
1 95  ASP n 
1 96  SER n 
1 97  PHE n 
1 98  TRP n 
1 99  ASP n 
1 100 PHE n 
1 101 HIS n 
1 102 GLU n 
1 103 LYS n 
1 104 LEU n 
1 105 PHE n 
1 106 GLU n 
1 107 LYS n 
1 108 GLN n 
1 109 PRO n 
1 110 ASP n 
1 111 THR n 
1 112 GLU n 
1 113 GLN n 
1 114 GLU n 
1 115 TRP n 
1 116 VAL n 
1 117 THR n 
1 118 PRO n 
1 119 GLY n 
1 120 LEU n 
1 121 LEU n 
1 122 GLY n 
1 123 ASP n 
1 124 LEU n 
1 125 ALA n 
1 126 LYS n 
1 127 SER n 
1 128 THR n 
1 129 THR n 
1 130 LYS n 
1 131 ILE n 
1 132 LYS n 
1 133 PRO n 
1 134 GLU n 
1 135 THR n 
1 136 LEU n 
1 137 LYS n 
1 138 GLU n 
1 139 ASN n 
1 140 LEU n 
1 141 ASP n 
1 142 LYS n 
1 143 GLU n 
1 144 THR n 
1 145 PHE n 
1 146 ALA n 
1 147 SER n 
1 148 GLN n 
1 149 VAL n 
1 150 GLU n 
1 151 LYS n 
1 152 ASP n 
1 153 SER n 
1 154 ASP n 
1 155 LEU n 
1 156 ASN n 
1 157 GLN n 
1 158 LYS n 
1 159 MET n 
1 160 ASN n 
1 161 ILE n 
1 162 GLN n 
1 163 ALA n 
1 164 THR n 
1 165 PRO n 
1 166 THR n 
1 167 ILE n 
1 168 TYR n 
1 169 VAL n 
1 170 ASN n 
1 171 ASP n 
1 172 LYS n 
1 173 VAL n 
1 174 ILE n 
1 175 LYS n 
1 176 ASN n 
1 177 PHE n 
1 178 ALA n 
1 179 ASP n 
1 180 TYR n 
1 181 ASP n 
1 182 GLU n 
1 183 ILE n 
1 184 LYS n 
1 185 GLU n 
1 186 THR n 
1 187 ILE n 
1 188 GLU n 
1 189 LYS n 
1 190 GLU n 
1 191 LEU n 
1 192 LYS n 
1 193 GLY n 
1 194 LYS n 
1 195 LEU n 
1 196 GLU n 
1 197 HIS n 
1 198 HIS n 
1 199 HIS n 
1 200 HIS n 
1 201 HIS n 
1 202 HIS n 
# 
_entity_src_gen.entity_id                          1 
_entity_src_gen.pdbx_src_id                        1 
_entity_src_gen.pdbx_alt_source_flag               sample 
_entity_src_gen.pdbx_seq_type                      ? 
_entity_src_gen.pdbx_beg_seq_num                   ? 
_entity_src_gen.pdbx_end_seq_num                   ? 
_entity_src_gen.gene_src_common_name               ? 
_entity_src_gen.gene_src_genus                     ? 
_entity_src_gen.pdbx_gene_src_gene                 'bdbD, BSU33480, yvgV' 
_entity_src_gen.gene_src_species                   ? 
_entity_src_gen.gene_src_strain                    ? 
_entity_src_gen.gene_src_tissue                    ? 
_entity_src_gen.gene_src_tissue_fraction           ? 
_entity_src_gen.gene_src_details                   ? 
_entity_src_gen.pdbx_gene_src_fragment             ? 
_entity_src_gen.pdbx_gene_src_scientific_name      'Bacillus subtilis' 
_entity_src_gen.pdbx_gene_src_ncbi_taxonomy_id     1423 
_entity_src_gen.pdbx_gene_src_variant              ? 
_entity_src_gen.pdbx_gene_src_cell_line            ? 
_entity_src_gen.pdbx_gene_src_atcc                 ? 
_entity_src_gen.pdbx_gene_src_organ                ? 
_entity_src_gen.pdbx_gene_src_organelle            ? 
_entity_src_gen.pdbx_gene_src_cell                 ? 
_entity_src_gen.pdbx_gene_src_cellular_location    ? 
_entity_src_gen.host_org_common_name               ? 
_entity_src_gen.pdbx_host_org_scientific_name      'Escherichia coli' 
_entity_src_gen.pdbx_host_org_ncbi_taxonomy_id     562 
_entity_src_gen.host_org_genus                     ? 
_entity_src_gen.pdbx_host_org_gene                 ? 
_entity_src_gen.pdbx_host_org_organ                ? 
_entity_src_gen.host_org_species                   ? 
_entity_src_gen.pdbx_host_org_tissue               ? 
_entity_src_gen.pdbx_host_org_tissue_fraction      ? 
_entity_src_gen.pdbx_host_org_strain               ? 
_entity_src_gen.pdbx_host_org_variant              ? 
_entity_src_gen.pdbx_host_org_cell_line            ? 
_entity_src_gen.pdbx_host_org_atcc                 ? 
_entity_src_gen.pdbx_host_org_culture_collection   ? 
_entity_src_gen.pdbx_host_org_cell                 ? 
_entity_src_gen.pdbx_host_org_organelle            ? 
_entity_src_gen.pdbx_host_org_cellular_location    ? 
_entity_src_gen.pdbx_host_org_vector_type          plasmid 
_entity_src_gen.pdbx_host_org_vector               ? 
_entity_src_gen.host_org_details                   ? 
_entity_src_gen.expression_system_id               ? 
_entity_src_gen.plasmid_name                       pET21a-based 
_entity_src_gen.plasmid_details                    ? 
_entity_src_gen.pdbx_description                   ? 
# 
loop_
_chem_comp.id 
_chem_comp.type 
_chem_comp.mon_nstd_flag 
_chem_comp.name 
_chem_comp.pdbx_synonyms 
_chem_comp.formula 
_chem_comp.formula_weight 
ALA 'L-peptide linking' y ALANINE         ? 'C3 H7 N O2'     89.093  
ARG 'L-peptide linking' y ARGININE        ? 'C6 H15 N4 O2 1' 175.209 
ASN 'L-peptide linking' y ASPARAGINE      ? 'C4 H8 N2 O3'    132.118 
ASP 'L-peptide linking' y 'ASPARTIC ACID' ? 'C4 H7 N O4'     133.103 
CA  non-polymer         . 'CALCIUM ION'   ? 'Ca 2'           40.078  
CYS 'L-peptide linking' y CYSTEINE        ? 'C3 H7 N O2 S'   121.158 
GLN 'L-peptide linking' y GLUTAMINE       ? 'C5 H10 N2 O3'   146.144 
GLU 'L-peptide linking' y 'GLUTAMIC ACID' ? 'C5 H9 N O4'     147.129 
GLY 'peptide linking'   y GLYCINE         ? 'C2 H5 N O2'     75.067  
HIS 'L-peptide linking' y HISTIDINE       ? 'C6 H10 N3 O2 1' 156.162 
HOH non-polymer         . WATER           ? 'H2 O'           18.015  
ILE 'L-peptide linking' y ISOLEUCINE      ? 'C6 H13 N O2'    131.173 
LEU 'L-peptide linking' y LEUCINE         ? 'C6 H13 N O2'    131.173 
LYS 'L-peptide linking' y LYSINE          ? 'C6 H15 N2 O2 1' 147.195 
MET 'L-peptide linking' y METHIONINE      ? 'C5 H11 N O2 S'  149.211 
PHE 'L-peptide linking' y PHENYLALANINE   ? 'C9 H11 N O2'    165.189 
PRO 'L-peptide linking' y PROLINE         ? 'C5 H9 N O2'     115.130 
SER 'L-peptide linking' y SERINE          ? 'C3 H7 N O3'     105.093 
THR 'L-peptide linking' y THREONINE       ? 'C4 H9 N O3'     119.119 
TRP 'L-peptide linking' y TRYPTOPHAN      ? 'C11 H12 N2 O2'  204.225 
TYR 'L-peptide linking' y TYROSINE        ? 'C9 H11 N O3'    181.189 
VAL 'L-peptide linking' y VALINE          ? 'C5 H11 N O2'    117.146 
# 
loop_
_pdbx_poly_seq_scheme.asym_id 
_pdbx_poly_seq_scheme.entity_id 
_pdbx_poly_seq_scheme.seq_id 
_pdbx_poly_seq_scheme.mon_id 
_pdbx_poly_seq_scheme.ndb_seq_num 
_pdbx_poly_seq_scheme.pdb_seq_num 
_pdbx_poly_seq_scheme.auth_seq_num 
_pdbx_poly_seq_scheme.pdb_mon_id 
_pdbx_poly_seq_scheme.auth_mon_id 
_pdbx_poly_seq_scheme.pdb_strand_id 
_pdbx_poly_seq_scheme.pdb_ins_code 
_pdbx_poly_seq_scheme.hetero 
A 1 1   MET 1   29  ?   ?   ?   A . n 
A 1 2   ASN 2   30  ?   ?   ?   A . n 
A 1 3   ASN 3   31  ?   ?   ?   A . n 
A 1 4   LYS 4   32  ?   ?   ?   A . n 
A 1 5   THR 5   33  ?   ?   ?   A . n 
A 1 6   GLU 6   34  ?   ?   ?   A . n 
A 1 7   GLN 7   35  ?   ?   ?   A . n 
A 1 8   GLY 8   36  ?   ?   ?   A . n 
A 1 9   ASN 9   37  37  ASN ASN A . n 
A 1 10  ASP 10  38  38  ASP ASP A . n 
A 1 11  ALA 11  39  39  ALA ALA A . n 
A 1 12  VAL 12  40  40  VAL VAL A . n 
A 1 13  SER 13  41  41  SER SER A . n 
A 1 14  GLY 14  42  42  GLY GLY A . n 
A 1 15  GLN 15  43  43  GLN GLN A . n 
A 1 16  PRO 16  44  44  PRO PRO A . n 
A 1 17  SER 17  45  45  SER SER A . n 
A 1 18  ILE 18  46  46  ILE ILE A . n 
A 1 19  LYS 19  47  47  LYS LYS A . n 
A 1 20  GLY 20  48  48  GLY GLY A . n 
A 1 21  GLN 21  49  49  GLN GLN A . n 
A 1 22  PRO 22  50  50  PRO PRO A . n 
A 1 23  VAL 23  51  51  VAL VAL A . n 
A 1 24  LEU 24  52  52  LEU LEU A . n 
A 1 25  GLY 25  53  53  GLY GLY A . n 
A 1 26  LYS 26  54  54  LYS LYS A . n 
A 1 27  ASP 27  55  55  ASP ASP A . n 
A 1 28  ASP 28  56  56  ASP ASP A . n 
A 1 29  ALA 29  57  57  ALA ALA A . n 
A 1 30  PRO 30  58  58  PRO PRO A . n 
A 1 31  VAL 31  59  59  VAL VAL A . n 
A 1 32  THR 32  60  60  THR THR A . n 
A 1 33  VAL 33  61  61  VAL VAL A . n 
A 1 34  VAL 34  62  62  VAL VAL A . n 
A 1 35  GLU 35  63  63  GLU GLU A . n 
A 1 36  PHE 36  64  64  PHE PHE A . n 
A 1 37  GLY 37  65  65  GLY GLY A . n 
A 1 38  ASP 38  66  66  ASP ASP A . n 
A 1 39  TYR 39  67  67  TYR TYR A . n 
A 1 40  LYS 40  68  68  LYS LYS A . n 
A 1 41  CYS 41  69  69  CYS CYS A . n 
A 1 42  PRO 42  70  70  PRO PRO A . n 
A 1 43  SER 43  71  71  SER SER A . n 
A 1 44  CYS 44  72  72  CYS CYS A . n 
A 1 45  LYS 45  73  73  LYS LYS A . n 
A 1 46  VAL 46  74  74  VAL VAL A . n 
A 1 47  PHE 47  75  75  PHE PHE A . n 
A 1 48  ASN 48  76  76  ASN ASN A . n 
A 1 49  SER 49  77  77  SER SER A . n 
A 1 50  ASP 50  78  78  ASP ASP A . n 
A 1 51  ILE 51  79  79  ILE ILE A . n 
A 1 52  PHE 52  80  80  PHE PHE A . n 
A 1 53  PRO 53  81  81  PRO PRO A . n 
A 1 54  LYS 54  82  82  LYS LYS A . n 
A 1 55  ILE 55  83  83  ILE ILE A . n 
A 1 56  GLN 56  84  84  GLN GLN A . n 
A 1 57  LYS 57  85  85  LYS LYS A . n 
A 1 58  ASP 58  86  86  ASP ASP A . n 
A 1 59  PHE 59  87  87  PHE PHE A . n 
A 1 60  ILE 60  88  88  ILE ILE A . n 
A 1 61  ASP 61  89  89  ASP ASP A . n 
A 1 62  LYS 62  90  90  LYS LYS A . n 
A 1 63  GLY 63  91  91  GLY GLY A . n 
A 1 64  ASP 64  92  92  ASP ASP A . n 
A 1 65  VAL 65  93  93  VAL VAL A . n 
A 1 66  LYS 66  94  94  LYS LYS A . n 
A 1 67  PHE 67  95  95  PHE PHE A . n 
A 1 68  SER 68  96  96  SER SER A . n 
A 1 69  PHE 69  97  97  PHE PHE A . n 
A 1 70  VAL 70  98  98  VAL VAL A . n 
A 1 71  ASN 71  99  99  ASN ASN A . n 
A 1 72  VAL 72  100 100 VAL VAL A . n 
A 1 73  MET 73  101 101 MET MET A . n 
A 1 74  PHE 74  102 102 PHE PHE A . n 
A 1 75  HIS 75  103 103 HIS HIS A . n 
A 1 76  GLY 76  104 104 GLY GLY A . n 
A 1 77  LYS 77  105 105 LYS LYS A . n 
A 1 78  GLY 78  106 106 GLY GLY A . n 
A 1 79  SER 79  107 107 SER SER A . n 
A 1 80  ARG 80  108 108 ARG ARG A . n 
A 1 81  LEU 81  109 109 LEU LEU A . n 
A 1 82  ALA 82  110 110 ALA ALA A . n 
A 1 83  ALA 83  111 111 ALA ALA A . n 
A 1 84  LEU 84  112 112 LEU LEU A . n 
A 1 85  ALA 85  113 113 ALA ALA A . n 
A 1 86  SER 86  114 114 SER SER A . n 
A 1 87  GLU 87  115 115 GLU GLU A . n 
A 1 88  GLU 88  116 116 GLU GLU A . n 
A 1 89  VAL 89  117 117 VAL VAL A . n 
A 1 90  TRP 90  118 118 TRP TRP A . n 
A 1 91  LYS 91  119 119 LYS LYS A . n 
A 1 92  GLU 92  120 120 GLU GLU A . n 
A 1 93  ASP 93  121 121 ASP ASP A . n 
A 1 94  PRO 94  122 122 PRO PRO A . n 
A 1 95  ASP 95  123 123 ASP ASP A . n 
A 1 96  SER 96  124 124 SER SER A . n 
A 1 97  PHE 97  125 125 PHE PHE A . n 
A 1 98  TRP 98  126 126 TRP TRP A . n 
A 1 99  ASP 99  127 127 ASP ASP A . n 
A 1 100 PHE 100 128 128 PHE PHE A . n 
A 1 101 HIS 101 129 129 HIS HIS A . n 
A 1 102 GLU 102 130 130 GLU GLU A . n 
A 1 103 LYS 103 131 131 LYS LYS A . n 
A 1 104 LEU 104 132 132 LEU LEU A . n 
A 1 105 PHE 105 133 133 PHE PHE A . n 
A 1 106 GLU 106 134 134 GLU GLU A . n 
A 1 107 LYS 107 135 135 LYS LYS A . n 
A 1 108 GLN 108 136 136 GLN GLN A . n 
A 1 109 PRO 109 137 137 PRO PRO A . n 
A 1 110 ASP 110 138 138 ASP ASP A . n 
A 1 111 THR 111 139 139 THR THR A . n 
A 1 112 GLU 112 140 140 GLU GLU A . n 
A 1 113 GLN 113 141 141 GLN GLN A . n 
A 1 114 GLU 114 142 142 GLU GLU A . n 
A 1 115 TRP 115 143 143 TRP TRP A . n 
A 1 116 VAL 116 144 144 VAL VAL A . n 
A 1 117 THR 117 145 145 THR THR A . n 
A 1 118 PRO 118 146 146 PRO PRO A . n 
A 1 119 GLY 119 147 147 GLY GLY A . n 
A 1 120 LEU 120 148 148 LEU LEU A . n 
A 1 121 LEU 121 149 149 LEU LEU A . n 
A 1 122 GLY 122 150 150 GLY GLY A . n 
A 1 123 ASP 123 151 151 ASP ASP A . n 
A 1 124 LEU 124 152 152 LEU LEU A . n 
A 1 125 ALA 125 153 153 ALA ALA A . n 
A 1 126 LYS 126 154 154 LYS LYS A . n 
A 1 127 SER 127 155 155 SER SER A . n 
A 1 128 THR 128 156 156 THR THR A . n 
A 1 129 THR 129 157 157 THR THR A . n 
A 1 130 LYS 130 158 158 LYS LYS A . n 
A 1 131 ILE 131 159 159 ILE ILE A . n 
A 1 132 LYS 132 160 160 LYS LYS A . n 
A 1 133 PRO 133 161 161 PRO PRO A . n 
A 1 134 GLU 134 162 162 GLU GLU A . n 
A 1 135 THR 135 163 163 THR THR A . n 
A 1 136 LEU 136 164 164 LEU LEU A . n 
A 1 137 LYS 137 165 165 LYS LYS A . n 
A 1 138 GLU 138 166 166 GLU GLU A . n 
A 1 139 ASN 139 167 167 ASN ASN A . n 
A 1 140 LEU 140 168 168 LEU LEU A . n 
A 1 141 ASP 141 169 169 ASP ASP A . n 
A 1 142 LYS 142 170 170 LYS LYS A . n 
A 1 143 GLU 143 171 171 GLU GLU A . n 
A 1 144 THR 144 172 172 THR THR A . n 
A 1 145 PHE 145 173 173 PHE PHE A . n 
A 1 146 ALA 146 174 174 ALA ALA A . n 
A 1 147 SER 147 175 175 SER SER A . n 
A 1 148 GLN 148 176 176 GLN GLN A . n 
A 1 149 VAL 149 177 177 VAL VAL A . n 
A 1 150 GLU 150 178 178 GLU GLU A . n 
A 1 151 LYS 151 179 179 LYS LYS A . n 
A 1 152 ASP 152 180 180 ASP ASP A . n 
A 1 153 SER 153 181 181 SER SER A . n 
A 1 154 ASP 154 182 182 ASP ASP A . n 
A 1 155 LEU 155 183 183 LEU LEU A . n 
A 1 156 ASN 156 184 184 ASN ASN A . n 
A 1 157 GLN 157 185 185 GLN GLN A . n 
A 1 158 LYS 158 186 186 LYS LYS A . n 
A 1 159 MET 159 187 187 MET MET A . n 
A 1 160 ASN 160 188 188 ASN ASN A . n 
A 1 161 ILE 161 189 189 ILE ILE A . n 
A 1 162 GLN 162 190 190 GLN GLN A . n 
A 1 163 ALA 163 191 191 ALA ALA A . n 
A 1 164 THR 164 192 192 THR THR A . n 
A 1 165 PRO 165 193 193 PRO PRO A . n 
A 1 166 THR 166 194 194 THR THR A . n 
A 1 167 ILE 167 195 195 ILE ILE A . n 
A 1 168 TYR 168 196 196 TYR TYR A . n 
A 1 169 VAL 169 197 197 VAL VAL A . n 
A 1 170 ASN 170 198 198 ASN ASN A . n 
A 1 171 ASP 171 199 199 ASP ASP A . n 
A 1 172 LYS 172 200 200 LYS LYS A . n 
A 1 173 VAL 173 201 201 VAL VAL A . n 
A 1 174 ILE 174 202 202 ILE ILE A . n 
A 1 175 LYS 175 203 203 LYS LYS A . n 
A 1 176 ASN 176 204 204 ASN ASN A . n 
A 1 177 PHE 177 205 205 PHE PHE A . n 
A 1 178 ALA 178 206 206 ALA ALA A . n 
A 1 179 ASP 179 207 207 ASP ASP A . n 
A 1 180 TYR 180 208 208 TYR TYR A . n 
A 1 181 ASP 181 209 209 ASP ASP A . n 
A 1 182 GLU 182 210 210 GLU GLU A . n 
A 1 183 ILE 183 211 211 ILE ILE A . n 
A 1 184 LYS 184 212 212 LYS LYS A . n 
A 1 185 GLU 185 213 213 GLU GLU A . n 
A 1 186 THR 186 214 214 THR THR A . n 
A 1 187 ILE 187 215 215 ILE ILE A . n 
A 1 188 GLU 188 216 216 GLU GLU A . n 
A 1 189 LYS 189 217 217 LYS LYS A . n 
A 1 190 GLU 190 218 218 GLU GLU A . n 
A 1 191 LEU 191 219 219 LEU LEU A . n 
A 1 192 LYS 192 220 220 LYS LYS A . n 
A 1 193 GLY 193 221 221 GLY GLY A . n 
A 1 194 LYS 194 222 ?   ?   ?   A . n 
A 1 195 LEU 195 223 ?   ?   ?   A . n 
A 1 196 GLU 196 224 ?   ?   ?   A . n 
A 1 197 HIS 197 225 ?   ?   ?   A . n 
A 1 198 HIS 198 226 ?   ?   ?   A . n 
A 1 199 HIS 199 227 ?   ?   ?   A . n 
A 1 200 HIS 200 228 ?   ?   ?   A . n 
A 1 201 HIS 201 229 ?   ?   ?   A . n 
A 1 202 HIS 202 230 ?   ?   ?   A . n 
# 
loop_
_pdbx_nonpoly_scheme.asym_id 
_pdbx_nonpoly_scheme.entity_id 
_pdbx_nonpoly_scheme.mon_id 
_pdbx_nonpoly_scheme.ndb_seq_num 
_pdbx_nonpoly_scheme.pdb_seq_num 
_pdbx_nonpoly_scheme.auth_seq_num 
_pdbx_nonpoly_scheme.pdb_mon_id 
_pdbx_nonpoly_scheme.auth_mon_id 
_pdbx_nonpoly_scheme.pdb_strand_id 
_pdbx_nonpoly_scheme.pdb_ins_code 
B 2 CA  1  1   1  CA  CA  A . 
C 3 HOH 1  231 1  HOH HOH A . 
C 3 HOH 2  232 2  HOH HOH A . 
C 3 HOH 3  233 3  HOH HOH A . 
C 3 HOH 4  234 4  HOH HOH A . 
C 3 HOH 5  235 5  HOH HOH A . 
C 3 HOH 6  236 6  HOH HOH A . 
C 3 HOH 7  237 7  HOH HOH A . 
C 3 HOH 8  238 8  HOH HOH A . 
C 3 HOH 9  239 9  HOH HOH A . 
C 3 HOH 10 240 10 HOH HOH A . 
C 3 HOH 11 241 11 HOH HOH A . 
C 3 HOH 12 242 12 HOH HOH A . 
C 3 HOH 13 243 13 HOH HOH A . 
C 3 HOH 14 244 14 HOH HOH A . 
C 3 HOH 15 245 15 HOH HOH A . 
C 3 HOH 16 246 16 HOH HOH A . 
C 3 HOH 17 247 17 HOH HOH A . 
C 3 HOH 18 248 18 HOH HOH A . 
C 3 HOH 19 249 19 HOH HOH A . 
C 3 HOH 20 250 20 HOH HOH A . 
C 3 HOH 21 251 21 HOH HOH A . 
C 3 HOH 22 252 22 HOH HOH A . 
C 3 HOH 23 253 23 HOH HOH A . 
C 3 HOH 24 254 24 HOH HOH A . 
C 3 HOH 25 255 25 HOH HOH A . 
C 3 HOH 26 256 26 HOH HOH A . 
C 3 HOH 27 257 27 HOH HOH A . 
C 3 HOH 28 258 28 HOH HOH A . 
C 3 HOH 29 259 29 HOH HOH A . 
C 3 HOH 30 260 30 HOH HOH A . 
C 3 HOH 31 261 31 HOH HOH A . 
C 3 HOH 32 262 32 HOH HOH A . 
C 3 HOH 33 263 33 HOH HOH A . 
C 3 HOH 34 264 34 HOH HOH A . 
C 3 HOH 35 265 35 HOH HOH A . 
C 3 HOH 36 266 36 HOH HOH A . 
C 3 HOH 37 267 37 HOH HOH A . 
C 3 HOH 38 268 38 HOH HOH A . 
# 
loop_
_software.name 
_software.classification 
_software.version 
_software.citation_id 
_software.pdbx_ordinal 
ADSC   'data collection' Quantum  ? 1 
MOLREP phasing           .        ? 2 
REFMAC refinement        5.2.0019 ? 3 
MOSFLM 'data reduction'  .        ? 4 
SCALA  'data scaling'    .        ? 5 
# 
_cell.entry_id           3EU4 
_cell.length_a           37.863 
_cell.length_b           43.113 
_cell.length_c           54.718 
_cell.angle_alpha        90.00 
_cell.angle_beta         107.50 
_cell.angle_gamma        90.00 
_cell.Z_PDB              2 
_cell.pdbx_unique_axis   ? 
_cell.length_a_esd       ? 
_cell.length_b_esd       ? 
_cell.length_c_esd       ? 
_cell.angle_alpha_esd    ? 
_cell.angle_beta_esd     ? 
_cell.angle_gamma_esd    ? 
# 
_symmetry.entry_id                         3EU4 
_symmetry.space_group_name_H-M             'P 1 21 1' 
_symmetry.pdbx_full_space_group_name_H-M   ? 
_symmetry.cell_setting                     ? 
_symmetry.Int_Tables_number                4 
_symmetry.space_group_name_Hall            ? 
# 
_exptl.entry_id          3EU4 
_exptl.method            'X-RAY DIFFRACTION' 
_exptl.crystals_number   1 
# 
_exptl_crystal.id                    1 
_exptl_crystal.density_meas          ? 
_exptl_crystal.density_Matthews      1.85 
_exptl_crystal.density_percent_sol   33.45 
_exptl_crystal.description           ? 
_exptl_crystal.F_000                 ? 
_exptl_crystal.preparation           ? 
# 
_exptl_crystal_grow.crystal_id      1 
_exptl_crystal_grow.method          ? 
_exptl_crystal_grow.temp            ? 
_exptl_crystal_grow.temp_details    ? 
_exptl_crystal_grow.pH              6.5 
_exptl_crystal_grow.pdbx_details    '25% PEG2000, 0.1M ammonium acetate, 0.1M MES, pH6.5, cryo-protected with 20% Ethylene glycol' 
_exptl_crystal_grow.pdbx_pH_range   . 
# 
_diffrn.id                     1 
_diffrn.ambient_temp           100 
_diffrn.ambient_temp_details   ? 
_diffrn.crystal_id             1 
# 
_diffrn_radiation.diffrn_id                        1 
_diffrn_radiation.wavelength_id                    1 
_diffrn_radiation.pdbx_monochromatic_or_laue_m_l   M 
_diffrn_radiation.monochromator                    ? 
_diffrn_radiation.pdbx_diffrn_protocol             'SINGLE WAVELENGTH' 
_diffrn_radiation.pdbx_scattering_type             x-ray 
# 
_diffrn_radiation_wavelength.id           1 
_diffrn_radiation_wavelength.wavelength   . 
_diffrn_radiation_wavelength.wt           1.0 
# 
_diffrn_source.diffrn_id                   1 
_diffrn_source.source                      SYNCHROTRON 
_diffrn_source.type                        'ESRF BEAMLINE ID23-1' 
_diffrn_source.pdbx_synchrotron_site       ESRF 
_diffrn_source.pdbx_synchrotron_beamline   ID23-1 
_diffrn_source.pdbx_wavelength             ? 
_diffrn_source.pdbx_wavelength_list        ? 
# 
_reflns.entry_id                     3EU4 
_reflns.observed_criterion_sigma_I   1 
_reflns.observed_criterion_sigma_F   1 
_reflns.d_resolution_low             52.2 
_reflns.d_resolution_high            2.3 
_reflns.number_obs                   7198 
_reflns.number_all                   7198 
_reflns.percent_possible_obs         94.8 
_reflns.pdbx_Rmerge_I_obs            ? 
_reflns.pdbx_Rsym_value              0.046 
_reflns.pdbx_netI_over_sigmaI        15.7 
_reflns.B_iso_Wilson_estimate        ? 
_reflns.pdbx_redundancy              2.3 
_reflns.R_free_details               ? 
_reflns.limit_h_max                  ? 
_reflns.limit_h_min                  ? 
_reflns.limit_k_max                  ? 
_reflns.limit_k_min                  ? 
_reflns.limit_l_max                  ? 
_reflns.limit_l_min                  ? 
_reflns.observed_criterion_F_max     ? 
_reflns.observed_criterion_F_min     ? 
_reflns.pdbx_chi_squared             ? 
_reflns.pdbx_scaling_rejects         ? 
_reflns.pdbx_diffrn_id               1 
_reflns.pdbx_ordinal                 1 
# 
_reflns_shell.d_res_high             2.30 
_reflns_shell.d_res_low              2.42 
_reflns_shell.percent_possible_all   81.2 
_reflns_shell.Rmerge_I_obs           ? 
_reflns_shell.pdbx_Rsym_value        0.119 
_reflns_shell.meanI_over_sigI_obs    7.3 
_reflns_shell.pdbx_redundancy        2.2 
_reflns_shell.percent_possible_obs   ? 
_reflns_shell.number_unique_all      ? 
_reflns_shell.number_measured_all    ? 
_reflns_shell.number_measured_obs    ? 
_reflns_shell.number_unique_obs      ? 
_reflns_shell.pdbx_chi_squared       ? 
_reflns_shell.pdbx_diffrn_id         ? 
_reflns_shell.pdbx_ordinal           1 
# 
_refine.entry_id                                 3EU4 
_refine.ls_number_reflns_obs                     6805 
_refine.ls_number_reflns_all                     6805 
_refine.pdbx_ls_sigma_I                          ? 
_refine.pdbx_ls_sigma_F                          ? 
_refine.pdbx_data_cutoff_high_absF               ? 
_refine.pdbx_data_cutoff_low_absF                ? 
_refine.pdbx_data_cutoff_high_rms_absF           ? 
_refine.ls_d_res_low                             52.20 
_refine.ls_d_res_high                            2.30 
_refine.ls_percent_reflns_obs                    94.43 
_refine.ls_R_factor_obs                          0.19601 
_refine.ls_R_factor_all                          ? 
_refine.ls_R_factor_R_work                       0.19310 
_refine.ls_R_factor_R_free                       0.24821 
_refine.ls_R_factor_R_free_error                 ? 
_refine.ls_R_factor_R_free_error_details         ? 
_refine.ls_percent_reflns_R_free                 5.4 
_refine.ls_number_reflns_R_free                  385 
_refine.ls_number_parameters                     ? 
_refine.ls_number_restraints                     ? 
_refine.occupancy_min                            ? 
_refine.occupancy_max                            ? 
_refine.correlation_coeff_Fo_to_Fc               0.932 
_refine.correlation_coeff_Fo_to_Fc_free          0.892 
_refine.B_iso_mean                               19.203 
_refine.aniso_B[1][1]                            -0.32 
_refine.aniso_B[2][2]                            2.26 
_refine.aniso_B[3][3]                            -1.89 
_refine.aniso_B[1][2]                            0.00 
_refine.aniso_B[1][3]                            0.07 
_refine.aniso_B[2][3]                            0.00 
_refine.solvent_model_details                    MASK 
_refine.solvent_model_param_ksol                 ? 
_refine.solvent_model_param_bsol                 ? 
_refine.pdbx_solvent_vdw_probe_radii             1.20 
_refine.pdbx_solvent_ion_probe_radii             0.80 
_refine.pdbx_solvent_shrinkage_radii             0.80 
_refine.pdbx_ls_cross_valid_method               THROUGHOUT 
_refine.details                                  
;HYDROGENS HAVE BEEN ADDED IN THE RIDING POSITIONS, 
THE DEPOSITORS ASSERT THAT NO BACKBONE TORSION (RAMACHANDRAN PLOT) OUTLIERS
ARE PRESENT AS JUDGED BY THE STANDARDS EMPLOYED BY MOLPROBITY (V3.15), OR
PROCHECK (V3.4.4).
;
_refine.pdbx_starting_model                      'PDB ENTRY 3EU3' 
_refine.pdbx_method_to_determine_struct          'MOLECULAR REPLACEMENT' 
_refine.pdbx_isotropic_thermal_model             ? 
_refine.pdbx_stereochemistry_target_values       'MAXIMUM LIKELIHOOD' 
_refine.pdbx_stereochem_target_val_spec_case     ? 
_refine.pdbx_R_Free_selection_details            RANDOM 
_refine.pdbx_overall_ESU_R                       0.758 
_refine.pdbx_overall_ESU_R_Free                  0.284 
_refine.overall_SU_ML                            0.198 
_refine.overall_SU_B                             7.950 
_refine.ls_redundancy_reflns_obs                 ? 
_refine.B_iso_min                                ? 
_refine.B_iso_max                                ? 
_refine.overall_SU_R_Cruickshank_DPI             ? 
_refine.overall_SU_R_free                        ? 
_refine.ls_wR_factor_R_free                      ? 
_refine.ls_wR_factor_R_work                      ? 
_refine.overall_FOM_free_R_set                   ? 
_refine.overall_FOM_work_R_set                   ? 
_refine.pdbx_refine_id                           'X-RAY DIFFRACTION' 
_refine.pdbx_overall_phase_error                 ? 
_refine.pdbx_diffrn_id                           1 
_refine.pdbx_TLS_residual_ADP_flag               ? 
_refine.pdbx_overall_SU_R_free_Cruickshank_DPI   ? 
_refine.pdbx_overall_SU_R_Blow_DPI               ? 
_refine.pdbx_overall_SU_R_free_Blow_DPI          ? 
# 
_refine_hist.pdbx_refine_id                   'X-RAY DIFFRACTION' 
_refine_hist.cycle_id                         LAST 
_refine_hist.pdbx_number_atoms_protein        1518 
_refine_hist.pdbx_number_atoms_nucleic_acid   0 
_refine_hist.pdbx_number_atoms_ligand         1 
_refine_hist.number_atoms_solvent             38 
_refine_hist.number_atoms_total               1557 
_refine_hist.d_res_high                       2.30 
_refine_hist.d_res_low                        52.20 
# 
loop_
_refine_ls_restr.type 
_refine_ls_restr.dev_ideal 
_refine_ls_restr.dev_ideal_target 
_refine_ls_restr.weight 
_refine_ls_restr.number 
_refine_ls_restr.pdbx_refine_id 
_refine_ls_restr.pdbx_restraint_function 
r_bond_refined_d         0.009  0.022  ? 1560 'X-RAY DIFFRACTION' ? 
r_angle_refined_deg      1.262  1.965  ? 2114 'X-RAY DIFFRACTION' ? 
r_dihedral_angle_1_deg   9.752  5.000  ? 198  'X-RAY DIFFRACTION' ? 
r_dihedral_angle_2_deg   36.817 27.067 ? 75   'X-RAY DIFFRACTION' ? 
r_dihedral_angle_3_deg   15.385 15.000 ? 294  'X-RAY DIFFRACTION' ? 
r_dihedral_angle_4_deg   11.990 15.000 ? 1    'X-RAY DIFFRACTION' ? 
r_chiral_restr           0.085  0.200  ? 227  'X-RAY DIFFRACTION' ? 
r_gen_planes_refined     0.004  0.020  ? 1191 'X-RAY DIFFRACTION' ? 
r_nbd_refined            0.186  0.200  ? 735  'X-RAY DIFFRACTION' ? 
r_nbtor_refined          0.300  0.200  ? 1084 'X-RAY DIFFRACTION' ? 
r_xyhbond_nbd_refined    0.124  0.200  ? 72   'X-RAY DIFFRACTION' ? 
r_metal_ion_refined      0.060  0.200  ? 3    'X-RAY DIFFRACTION' ? 
r_symmetry_vdw_refined   0.225  0.200  ? 31   'X-RAY DIFFRACTION' ? 
r_symmetry_hbond_refined 0.120  0.200  ? 9    'X-RAY DIFFRACTION' ? 
r_mcbond_it              0.616  1.500  ? 983  'X-RAY DIFFRACTION' ? 
r_mcangle_it             0.783  2.000  ? 1560 'X-RAY DIFFRACTION' ? 
r_scbond_it              1.297  3.000  ? 651  'X-RAY DIFFRACTION' ? 
r_scangle_it             2.068  4.500  ? 550  'X-RAY DIFFRACTION' ? 
# 
_refine_ls_shell.pdbx_total_number_of_bins_used   20 
_refine_ls_shell.d_res_high                       2.301 
_refine_ls_shell.d_res_low                        2.361 
_refine_ls_shell.number_reflns_R_work             372 
_refine_ls_shell.R_factor_R_work                  0.199 
_refine_ls_shell.percent_reflns_obs               72.30 
_refine_ls_shell.R_factor_R_free                  0.282 
_refine_ls_shell.R_factor_R_free_error            ? 
_refine_ls_shell.percent_reflns_R_free            ? 
_refine_ls_shell.number_reflns_R_free             30 
_refine_ls_shell.number_reflns_all                ? 
_refine_ls_shell.R_factor_all                     ? 
_refine_ls_shell.number_reflns_obs                ? 
_refine_ls_shell.redundancy_reflns_obs            ? 
_refine_ls_shell.pdbx_refine_id                   'X-RAY DIFFRACTION' 
# 
_struct.entry_id                  3EU4 
_struct.title                     'Crystal Structure of BdbD from Bacillus subtilis (oxidised)' 
_struct.pdbx_model_details        ? 
_struct.pdbx_CASP_flag            ? 
_struct.pdbx_model_type_details   ? 
# 
_struct_keywords.entry_id        3EU4 
_struct_keywords.pdbx_keywords   OXIDOREDUCTASE 
_struct_keywords.text            
'bdbdb, oxidised, disulfide bridge, partially broken disulfide, Competence, Oxidoreductase, Redox-active center' 
# 
loop_
_struct_asym.id 
_struct_asym.pdbx_blank_PDB_chainid_flag 
_struct_asym.pdbx_modified 
_struct_asym.entity_id 
_struct_asym.details 
A N N 1 ? 
B N N 2 ? 
C N N 3 ? 
# 
_struct_ref.id                         1 
_struct_ref.db_name                    UNP 
_struct_ref.db_code                    BDBD_BACSU 
_struct_ref.pdbx_db_accession          O32218 
_struct_ref.entity_id                  1 
_struct_ref.pdbx_seq_one_letter_code   
;NDAVSGQPSIKGQPVLGKDDAPVTVVEFGDYKCPSCKVFNSDIFPKIQKDFIDKGDVKFSFVNVMFHGKGSRLAALASEE
VWKEDPDSFWDFHEKLFEKQPDTEQEWVTPGLLGDLAKSTTKIKPETLKENLDKETFASQVEKDSDLNQKMNIQATPTIY
VNDKVIKNFADYDEIKETIEKELKGK
;
_struct_ref.pdbx_align_begin           37 
_struct_ref.pdbx_db_isoform            ? 
# 
_struct_ref_seq.align_id                      1 
_struct_ref_seq.ref_id                        1 
_struct_ref_seq.pdbx_PDB_id_code              3EU4 
_struct_ref_seq.pdbx_strand_id                A 
_struct_ref_seq.seq_align_beg                 9 
_struct_ref_seq.pdbx_seq_align_beg_ins_code   ? 
_struct_ref_seq.seq_align_end                 194 
_struct_ref_seq.pdbx_seq_align_end_ins_code   ? 
_struct_ref_seq.pdbx_db_accession             O32218 
_struct_ref_seq.db_align_beg                  37 
_struct_ref_seq.pdbx_db_align_beg_ins_code    ? 
_struct_ref_seq.db_align_end                  222 
_struct_ref_seq.pdbx_db_align_end_ins_code    ? 
_struct_ref_seq.pdbx_auth_seq_align_beg       37 
_struct_ref_seq.pdbx_auth_seq_align_end       222 
# 
loop_
_struct_ref_seq_dif.align_id 
_struct_ref_seq_dif.pdbx_pdb_id_code 
_struct_ref_seq_dif.mon_id 
_struct_ref_seq_dif.pdbx_pdb_strand_id 
_struct_ref_seq_dif.seq_num 
_struct_ref_seq_dif.pdbx_pdb_ins_code 
_struct_ref_seq_dif.pdbx_seq_db_name 
_struct_ref_seq_dif.pdbx_seq_db_accession_code 
_struct_ref_seq_dif.db_mon_id 
_struct_ref_seq_dif.pdbx_seq_db_seq_num 
_struct_ref_seq_dif.details 
_struct_ref_seq_dif.pdbx_auth_seq_num 
_struct_ref_seq_dif.pdbx_ordinal 
1 3EU4 MET A 1   ? UNP O32218 ? ? 'expression tag' 29  1  
1 3EU4 ASN A 2   ? UNP O32218 ? ? 'expression tag' 30  2  
1 3EU4 ASN A 3   ? UNP O32218 ? ? 'expression tag' 31  3  
1 3EU4 LYS A 4   ? UNP O32218 ? ? 'expression tag' 32  4  
1 3EU4 THR A 5   ? UNP O32218 ? ? 'expression tag' 33  5  
1 3EU4 GLU A 6   ? UNP O32218 ? ? 'expression tag' 34  6  
1 3EU4 GLN A 7   ? UNP O32218 ? ? 'expression tag' 35  7  
1 3EU4 GLY A 8   ? UNP O32218 ? ? 'expression tag' 36  8  
1 3EU4 LEU A 195 ? UNP O32218 ? ? 'expression tag' 223 9  
1 3EU4 GLU A 196 ? UNP O32218 ? ? 'expression tag' 224 10 
1 3EU4 HIS A 197 ? UNP O32218 ? ? 'expression tag' 225 11 
1 3EU4 HIS A 198 ? UNP O32218 ? ? 'expression tag' 226 12 
1 3EU4 HIS A 199 ? UNP O32218 ? ? 'expression tag' 227 13 
1 3EU4 HIS A 200 ? UNP O32218 ? ? 'expression tag' 228 14 
1 3EU4 HIS A 201 ? UNP O32218 ? ? 'expression tag' 229 15 
1 3EU4 HIS A 202 ? UNP O32218 ? ? 'expression tag' 230 16 
# 
_pdbx_struct_assembly.id                   1 
_pdbx_struct_assembly.details              author_and_software_defined_assembly 
_pdbx_struct_assembly.method_details       PISA 
_pdbx_struct_assembly.oligomeric_details   monomeric 
_pdbx_struct_assembly.oligomeric_count     1 
# 
_pdbx_struct_assembly_gen.assembly_id       1 
_pdbx_struct_assembly_gen.oper_expression   1 
_pdbx_struct_assembly_gen.asym_id_list      A,B,C 
# 
_pdbx_struct_oper_list.id                   1 
_pdbx_struct_oper_list.type                 'identity operation' 
_pdbx_struct_oper_list.name                 1_555 
_pdbx_struct_oper_list.symmetry_operation   x,y,z 
_pdbx_struct_oper_list.matrix[1][1]         1.0000000000 
_pdbx_struct_oper_list.matrix[1][2]         0.0000000000 
_pdbx_struct_oper_list.matrix[1][3]         0.0000000000 
_pdbx_struct_oper_list.vector[1]            0.0000000000 
_pdbx_struct_oper_list.matrix[2][1]         0.0000000000 
_pdbx_struct_oper_list.matrix[2][2]         1.0000000000 
_pdbx_struct_oper_list.matrix[2][3]         0.0000000000 
_pdbx_struct_oper_list.vector[2]            0.0000000000 
_pdbx_struct_oper_list.matrix[3][1]         0.0000000000 
_pdbx_struct_oper_list.matrix[3][2]         0.0000000000 
_pdbx_struct_oper_list.matrix[3][3]         1.0000000000 
_pdbx_struct_oper_list.vector[3]            0.0000000000 
# 
_struct_biol.id        1 
_struct_biol.details   ? 
# 
loop_
_struct_conf.conf_type_id 
_struct_conf.id 
_struct_conf.pdbx_PDB_helix_id 
_struct_conf.beg_label_comp_id 
_struct_conf.beg_label_asym_id 
_struct_conf.beg_label_seq_id 
_struct_conf.pdbx_beg_PDB_ins_code 
_struct_conf.end_label_comp_id 
_struct_conf.end_label_asym_id 
_struct_conf.end_label_seq_id 
_struct_conf.pdbx_end_PDB_ins_code 
_struct_conf.beg_auth_comp_id 
_struct_conf.beg_auth_asym_id 
_struct_conf.beg_auth_seq_id 
_struct_conf.end_auth_comp_id 
_struct_conf.end_auth_asym_id 
_struct_conf.end_auth_seq_id 
_struct_conf.pdbx_PDB_helix_class 
_struct_conf.details 
_struct_conf.pdbx_PDB_helix_length 
HELX_P HELX_P1 1 CYS A 41  ? ILE A 51  ? CYS A 69  ILE A 79  1 ? 11 
HELX_P HELX_P2 2 ILE A 51  ? PHE A 59  ? ILE A 79  PHE A 87  1 ? 9  
HELX_P HELX_P3 3 GLY A 76  ? ASP A 93  ? GLY A 104 ASP A 121 1 ? 18 
HELX_P HELX_P4 4 SER A 96  ? GLN A 108 ? SER A 124 GLN A 136 1 ? 13 
HELX_P HELX_P5 5 THR A 117 ? THR A 129 ? THR A 145 THR A 157 1 ? 13 
HELX_P HELX_P6 6 LYS A 132 ? GLU A 143 ? LYS A 160 GLU A 171 1 ? 12 
HELX_P HELX_P7 7 PHE A 145 ? MET A 159 ? PHE A 173 MET A 187 1 ? 15 
HELX_P HELX_P8 8 ASP A 179 ? GLY A 193 ? ASP A 207 GLY A 221 1 ? 15 
# 
_struct_conf_type.id          HELX_P 
_struct_conf_type.criteria    ? 
_struct_conf_type.reference   ? 
# 
loop_
_struct_conn.id 
_struct_conn.conn_type_id 
_struct_conn.pdbx_leaving_atom_flag 
_struct_conn.pdbx_PDB_id 
_struct_conn.ptnr1_label_asym_id 
_struct_conn.ptnr1_label_comp_id 
_struct_conn.ptnr1_label_seq_id 
_struct_conn.ptnr1_label_atom_id 
_struct_conn.pdbx_ptnr1_label_alt_id 
_struct_conn.pdbx_ptnr1_PDB_ins_code 
_struct_conn.pdbx_ptnr1_standard_comp_id 
_struct_conn.ptnr1_symmetry 
_struct_conn.ptnr2_label_asym_id 
_struct_conn.ptnr2_label_comp_id 
_struct_conn.ptnr2_label_seq_id 
_struct_conn.ptnr2_label_atom_id 
_struct_conn.pdbx_ptnr2_label_alt_id 
_struct_conn.pdbx_ptnr2_PDB_ins_code 
_struct_conn.ptnr1_auth_asym_id 
_struct_conn.ptnr1_auth_comp_id 
_struct_conn.ptnr1_auth_seq_id 
_struct_conn.ptnr2_auth_asym_id 
_struct_conn.ptnr2_auth_comp_id 
_struct_conn.ptnr2_auth_seq_id 
_struct_conn.ptnr2_symmetry 
_struct_conn.pdbx_ptnr3_label_atom_id 
_struct_conn.pdbx_ptnr3_label_seq_id 
_struct_conn.pdbx_ptnr3_label_comp_id 
_struct_conn.pdbx_ptnr3_label_asym_id 
_struct_conn.pdbx_ptnr3_label_alt_id 
_struct_conn.pdbx_ptnr3_PDB_ins_code 
_struct_conn.details 
_struct_conn.pdbx_dist_value 
_struct_conn.pdbx_value_order 
_struct_conn.pdbx_role 
disulf1 disulf ? ? A CYS 41 SG A ? ? 1_555 A CYS 44  SG  A ? A CYS 69 A CYS 72  1_555 ? ? ? ? ? ? ? 2.044 ? ? 
metalc1 metalc ? ? B CA  .  CA ? ? ? 1_555 A GLN 21  OE1 ? ? A CA  1  A GLN 49  1_555 ? ? ? ? ? ? ? 2.329 ? ? 
metalc2 metalc ? ? B CA  .  CA ? ? ? 1_555 A GLU 87  OE2 ? ? A CA  1  A GLU 115 1_555 ? ? ? ? ? ? ? 2.372 ? ? 
metalc3 metalc ? ? B CA  .  CA ? ? ? 1_555 A ASP 152 OD1 ? ? A CA  1  A ASP 180 1_555 ? ? ? ? ? ? ? 2.579 ? ? 
metalc4 metalc ? ? B CA  .  CA ? ? ? 1_555 A ASP 152 OD2 ? ? A CA  1  A ASP 180 1_555 ? ? ? ? ? ? ? 2.515 ? ? 
metalc5 metalc ? ? B CA  .  CA ? ? ? 1_555 C HOH .   O   ? ? A CA  1  A HOH 231 1_555 ? ? ? ? ? ? ? 2.517 ? ? 
metalc6 metalc ? ? B CA  .  CA ? ? ? 1_555 C HOH .   O   ? ? A CA  1  A HOH 232 1_555 ? ? ? ? ? ? ? 2.567 ? ? 
metalc7 metalc ? ? B CA  .  CA ? ? ? 1_555 C HOH .   O   ? ? A CA  1  A HOH 233 1_555 ? ? ? ? ? ? ? 2.404 ? ? 
# 
loop_
_struct_conn_type.id 
_struct_conn_type.criteria 
_struct_conn_type.reference 
disulf ? ? 
metalc ? ? 
# 
loop_
_pdbx_struct_conn_angle.id 
_pdbx_struct_conn_angle.ptnr1_label_atom_id 
_pdbx_struct_conn_angle.ptnr1_label_alt_id 
_pdbx_struct_conn_angle.ptnr1_label_asym_id 
_pdbx_struct_conn_angle.ptnr1_label_comp_id 
_pdbx_struct_conn_angle.ptnr1_label_seq_id 
_pdbx_struct_conn_angle.ptnr1_auth_atom_id 
_pdbx_struct_conn_angle.ptnr1_auth_asym_id 
_pdbx_struct_conn_angle.ptnr1_auth_comp_id 
_pdbx_struct_conn_angle.ptnr1_auth_seq_id 
_pdbx_struct_conn_angle.ptnr1_PDB_ins_code 
_pdbx_struct_conn_angle.ptnr1_symmetry 
_pdbx_struct_conn_angle.ptnr2_label_atom_id 
_pdbx_struct_conn_angle.ptnr2_label_alt_id 
_pdbx_struct_conn_angle.ptnr2_label_asym_id 
_pdbx_struct_conn_angle.ptnr2_label_comp_id 
_pdbx_struct_conn_angle.ptnr2_label_seq_id 
_pdbx_struct_conn_angle.ptnr2_auth_atom_id 
_pdbx_struct_conn_angle.ptnr2_auth_asym_id 
_pdbx_struct_conn_angle.ptnr2_auth_comp_id 
_pdbx_struct_conn_angle.ptnr2_auth_seq_id 
_pdbx_struct_conn_angle.ptnr2_PDB_ins_code 
_pdbx_struct_conn_angle.ptnr2_symmetry 
_pdbx_struct_conn_angle.ptnr3_label_atom_id 
_pdbx_struct_conn_angle.ptnr3_label_alt_id 
_pdbx_struct_conn_angle.ptnr3_label_asym_id 
_pdbx_struct_conn_angle.ptnr3_label_comp_id 
_pdbx_struct_conn_angle.ptnr3_label_seq_id 
_pdbx_struct_conn_angle.ptnr3_auth_atom_id 
_pdbx_struct_conn_angle.ptnr3_auth_asym_id 
_pdbx_struct_conn_angle.ptnr3_auth_comp_id 
_pdbx_struct_conn_angle.ptnr3_auth_seq_id 
_pdbx_struct_conn_angle.ptnr3_PDB_ins_code 
_pdbx_struct_conn_angle.ptnr3_symmetry 
_pdbx_struct_conn_angle.value 
_pdbx_struct_conn_angle.value_esd 
1  OE1 ? A GLN 21  ? A GLN 49  ? 1_555 CA ? B CA . ? A CA 1 ? 1_555 OE2 ? A GLU 87  ? A GLU 115 ? 1_555 155.3 ? 
2  OE1 ? A GLN 21  ? A GLN 49  ? 1_555 CA ? B CA . ? A CA 1 ? 1_555 OD1 ? A ASP 152 ? A ASP 180 ? 1_555 81.6  ? 
3  OE2 ? A GLU 87  ? A GLU 115 ? 1_555 CA ? B CA . ? A CA 1 ? 1_555 OD1 ? A ASP 152 ? A ASP 180 ? 1_555 121.8 ? 
4  OE1 ? A GLN 21  ? A GLN 49  ? 1_555 CA ? B CA . ? A CA 1 ? 1_555 OD2 ? A ASP 152 ? A ASP 180 ? 1_555 106.1 ? 
5  OE2 ? A GLU 87  ? A GLU 115 ? 1_555 CA ? B CA . ? A CA 1 ? 1_555 OD2 ? A ASP 152 ? A ASP 180 ? 1_555 86.1  ? 
6  OD1 ? A ASP 152 ? A ASP 180 ? 1_555 CA ? B CA . ? A CA 1 ? 1_555 OD2 ? A ASP 152 ? A ASP 180 ? 1_555 50.6  ? 
7  OE1 ? A GLN 21  ? A GLN 49  ? 1_555 CA ? B CA . ? A CA 1 ? 1_555 O   ? C HOH .   ? A HOH 231 ? 1_555 83.4  ? 
8  OE2 ? A GLU 87  ? A GLU 115 ? 1_555 CA ? B CA . ? A CA 1 ? 1_555 O   ? C HOH .   ? A HOH 231 ? 1_555 78.2  ? 
9  OD1 ? A ASP 152 ? A ASP 180 ? 1_555 CA ? B CA . ? A CA 1 ? 1_555 O   ? C HOH .   ? A HOH 231 ? 1_555 118.3 ? 
10 OD2 ? A ASP 152 ? A ASP 180 ? 1_555 CA ? B CA . ? A CA 1 ? 1_555 O   ? C HOH .   ? A HOH 231 ? 1_555 77.8  ? 
11 OE1 ? A GLN 21  ? A GLN 49  ? 1_555 CA ? B CA . ? A CA 1 ? 1_555 O   ? C HOH .   ? A HOH 232 ? 1_555 106.6 ? 
12 OE2 ? A GLU 87  ? A GLU 115 ? 1_555 CA ? B CA . ? A CA 1 ? 1_555 O   ? C HOH .   ? A HOH 232 ? 1_555 91.4  ? 
13 OD1 ? A ASP 152 ? A ASP 180 ? 1_555 CA ? B CA . ? A CA 1 ? 1_555 O   ? C HOH .   ? A HOH 232 ? 1_555 67.0  ? 
14 OD2 ? A ASP 152 ? A ASP 180 ? 1_555 CA ? B CA . ? A CA 1 ? 1_555 O   ? C HOH .   ? A HOH 232 ? 1_555 101.5 ? 
15 O   ? C HOH .   ? A HOH 231 ? 1_555 CA ? B CA . ? A CA 1 ? 1_555 O   ? C HOH .   ? A HOH 232 ? 1_555 169.7 ? 
16 OE1 ? A GLN 21  ? A GLN 49  ? 1_555 CA ? B CA . ? A CA 1 ? 1_555 O   ? C HOH .   ? A HOH 233 ? 1_555 92.2  ? 
17 OE2 ? A GLU 87  ? A GLU 115 ? 1_555 CA ? B CA . ? A CA 1 ? 1_555 O   ? C HOH .   ? A HOH 233 ? 1_555 76.7  ? 
18 OD1 ? A ASP 152 ? A ASP 180 ? 1_555 CA ? B CA . ? A CA 1 ? 1_555 O   ? C HOH .   ? A HOH 233 ? 1_555 135.7 ? 
19 OD2 ? A ASP 152 ? A ASP 180 ? 1_555 CA ? B CA . ? A CA 1 ? 1_555 O   ? C HOH .   ? A HOH 233 ? 1_555 161.7 ? 
20 O   ? C HOH .   ? A HOH 231 ? 1_555 CA ? B CA . ? A CA 1 ? 1_555 O   ? C HOH .   ? A HOH 233 ? 1_555 104.3 ? 
21 O   ? C HOH .   ? A HOH 232 ? 1_555 CA ? B CA . ? A CA 1 ? 1_555 O   ? C HOH .   ? A HOH 233 ? 1_555 73.2  ? 
# 
_pdbx_modification_feature.ordinal                            1 
_pdbx_modification_feature.label_comp_id                      CYS 
_pdbx_modification_feature.label_asym_id                      A 
_pdbx_modification_feature.label_seq_id                       41 
_pdbx_modification_feature.label_alt_id                       A 
_pdbx_modification_feature.modified_residue_label_comp_id     CYS 
_pdbx_modification_feature.modified_residue_label_asym_id     A 
_pdbx_modification_feature.modified_residue_label_seq_id      44 
_pdbx_modification_feature.modified_residue_label_alt_id      A 
_pdbx_modification_feature.auth_comp_id                       CYS 
_pdbx_modification_feature.auth_asym_id                       A 
_pdbx_modification_feature.auth_seq_id                        69 
_pdbx_modification_feature.PDB_ins_code                       ? 
_pdbx_modification_feature.symmetry                           1_555 
_pdbx_modification_feature.modified_residue_auth_comp_id      CYS 
_pdbx_modification_feature.modified_residue_auth_asym_id      A 
_pdbx_modification_feature.modified_residue_auth_seq_id       72 
_pdbx_modification_feature.modified_residue_PDB_ins_code      ? 
_pdbx_modification_feature.modified_residue_symmetry          1_555 
_pdbx_modification_feature.comp_id_linking_atom               SG 
_pdbx_modification_feature.modified_residue_id_linking_atom   SG 
_pdbx_modification_feature.modified_residue_id                . 
_pdbx_modification_feature.ref_pcm_id                         . 
_pdbx_modification_feature.ref_comp_id                        . 
_pdbx_modification_feature.type                               None 
_pdbx_modification_feature.category                           'Disulfide bridge' 
# 
_struct_mon_prot_cis.pdbx_id                1 
_struct_mon_prot_cis.label_comp_id          THR 
_struct_mon_prot_cis.label_seq_id           164 
_struct_mon_prot_cis.label_asym_id          A 
_struct_mon_prot_cis.label_alt_id           . 
_struct_mon_prot_cis.pdbx_PDB_ins_code      ? 
_struct_mon_prot_cis.auth_comp_id           THR 
_struct_mon_prot_cis.auth_seq_id            192 
_struct_mon_prot_cis.auth_asym_id           A 
_struct_mon_prot_cis.pdbx_label_comp_id_2   PRO 
_struct_mon_prot_cis.pdbx_label_seq_id_2    165 
_struct_mon_prot_cis.pdbx_label_asym_id_2   A 
_struct_mon_prot_cis.pdbx_PDB_ins_code_2    ? 
_struct_mon_prot_cis.pdbx_auth_comp_id_2    PRO 
_struct_mon_prot_cis.pdbx_auth_seq_id_2     193 
_struct_mon_prot_cis.pdbx_auth_asym_id_2    A 
_struct_mon_prot_cis.pdbx_PDB_model_num     1 
_struct_mon_prot_cis.pdbx_omega_angle       -8.10 
# 
_struct_sheet.id               A 
_struct_sheet.type             ? 
_struct_sheet.number_strands   5 
_struct_sheet.details          ? 
# 
loop_
_struct_sheet_order.sheet_id 
_struct_sheet_order.range_id_1 
_struct_sheet_order.range_id_2 
_struct_sheet_order.offset 
_struct_sheet_order.sense 
A 1 2 ? anti-parallel 
A 2 3 ? parallel      
A 3 4 ? anti-parallel 
A 4 5 ? anti-parallel 
# 
loop_
_struct_sheet_range.sheet_id 
_struct_sheet_range.id 
_struct_sheet_range.beg_label_comp_id 
_struct_sheet_range.beg_label_asym_id 
_struct_sheet_range.beg_label_seq_id 
_struct_sheet_range.pdbx_beg_PDB_ins_code 
_struct_sheet_range.end_label_comp_id 
_struct_sheet_range.end_label_asym_id 
_struct_sheet_range.end_label_seq_id 
_struct_sheet_range.pdbx_end_PDB_ins_code 
_struct_sheet_range.beg_auth_comp_id 
_struct_sheet_range.beg_auth_asym_id 
_struct_sheet_range.beg_auth_seq_id 
_struct_sheet_range.end_auth_comp_id 
_struct_sheet_range.end_auth_asym_id 
_struct_sheet_range.end_auth_seq_id 
A 1 VAL A 23  ? LEU A 24  ? VAL A 51  LEU A 52  
A 2 VAL A 65  ? ASN A 71  ? VAL A 93  ASN A 99  
A 3 VAL A 31  ? GLY A 37  ? VAL A 59  GLY A 65  
A 4 THR A 166 ? VAL A 169 ? THR A 194 VAL A 197 
A 5 LYS A 172 ? VAL A 173 ? LYS A 200 VAL A 201 
# 
loop_
_pdbx_struct_sheet_hbond.sheet_id 
_pdbx_struct_sheet_hbond.range_id_1 
_pdbx_struct_sheet_hbond.range_id_2 
_pdbx_struct_sheet_hbond.range_1_label_atom_id 
_pdbx_struct_sheet_hbond.range_1_label_comp_id 
_pdbx_struct_sheet_hbond.range_1_label_asym_id 
_pdbx_struct_sheet_hbond.range_1_label_seq_id 
_pdbx_struct_sheet_hbond.range_1_PDB_ins_code 
_pdbx_struct_sheet_hbond.range_1_auth_atom_id 
_pdbx_struct_sheet_hbond.range_1_auth_comp_id 
_pdbx_struct_sheet_hbond.range_1_auth_asym_id 
_pdbx_struct_sheet_hbond.range_1_auth_seq_id 
_pdbx_struct_sheet_hbond.range_2_label_atom_id 
_pdbx_struct_sheet_hbond.range_2_label_comp_id 
_pdbx_struct_sheet_hbond.range_2_label_asym_id 
_pdbx_struct_sheet_hbond.range_2_label_seq_id 
_pdbx_struct_sheet_hbond.range_2_PDB_ins_code 
_pdbx_struct_sheet_hbond.range_2_auth_atom_id 
_pdbx_struct_sheet_hbond.range_2_auth_comp_id 
_pdbx_struct_sheet_hbond.range_2_auth_asym_id 
_pdbx_struct_sheet_hbond.range_2_auth_seq_id 
A 1 2 N LEU A 24  ? N LEU A 52  O PHE A 67  ? O PHE A 95  
A 2 3 O VAL A 70  ? O VAL A 98  N GLU A 35  ? N GLU A 63  
A 3 4 N VAL A 34  ? N VAL A 62  O TYR A 168 ? O TYR A 196 
A 4 5 N VAL A 169 ? N VAL A 197 O LYS A 172 ? O LYS A 200 
# 
_struct_site.id                   AC1 
_struct_site.pdbx_evidence_code   Software 
_struct_site.pdbx_auth_asym_id    A 
_struct_site.pdbx_auth_comp_id    CA 
_struct_site.pdbx_auth_seq_id     1 
_struct_site.pdbx_auth_ins_code   ? 
_struct_site.pdbx_num_residues    6 
_struct_site.details              'BINDING SITE FOR RESIDUE CA A 1' 
# 
loop_
_struct_site_gen.id 
_struct_site_gen.site_id 
_struct_site_gen.pdbx_num_res 
_struct_site_gen.label_comp_id 
_struct_site_gen.label_asym_id 
_struct_site_gen.label_seq_id 
_struct_site_gen.pdbx_auth_ins_code 
_struct_site_gen.auth_comp_id 
_struct_site_gen.auth_asym_id 
_struct_site_gen.auth_seq_id 
_struct_site_gen.label_atom_id 
_struct_site_gen.label_alt_id 
_struct_site_gen.symmetry 
_struct_site_gen.details 
1 AC1 6 GLN A 21  ? GLN A 49  . ? 1_555 ? 
2 AC1 6 GLU A 87  ? GLU A 115 . ? 1_555 ? 
3 AC1 6 ASP A 152 ? ASP A 180 . ? 1_555 ? 
4 AC1 6 HOH C .   ? HOH A 231 . ? 1_555 ? 
5 AC1 6 HOH C .   ? HOH A 232 . ? 1_555 ? 
6 AC1 6 HOH C .   ? HOH A 233 . ? 1_555 ? 
# 
_pdbx_entry_details.entry_id                   3EU4 
_pdbx_entry_details.compound_details           ? 
_pdbx_entry_details.source_details             ? 
_pdbx_entry_details.nonpolymer_details         ? 
_pdbx_entry_details.sequence_details           ? 
_pdbx_entry_details.has_ligand_of_interest     ? 
_pdbx_entry_details.has_protein_modification   Y 
# 
loop_
_pdbx_validate_rmsd_angle.id 
_pdbx_validate_rmsd_angle.PDB_model_num 
_pdbx_validate_rmsd_angle.auth_atom_id_1 
_pdbx_validate_rmsd_angle.auth_asym_id_1 
_pdbx_validate_rmsd_angle.auth_comp_id_1 
_pdbx_validate_rmsd_angle.auth_seq_id_1 
_pdbx_validate_rmsd_angle.PDB_ins_code_1 
_pdbx_validate_rmsd_angle.label_alt_id_1 
_pdbx_validate_rmsd_angle.auth_atom_id_2 
_pdbx_validate_rmsd_angle.auth_asym_id_2 
_pdbx_validate_rmsd_angle.auth_comp_id_2 
_pdbx_validate_rmsd_angle.auth_seq_id_2 
_pdbx_validate_rmsd_angle.PDB_ins_code_2 
_pdbx_validate_rmsd_angle.label_alt_id_2 
_pdbx_validate_rmsd_angle.auth_atom_id_3 
_pdbx_validate_rmsd_angle.auth_asym_id_3 
_pdbx_validate_rmsd_angle.auth_comp_id_3 
_pdbx_validate_rmsd_angle.auth_seq_id_3 
_pdbx_validate_rmsd_angle.PDB_ins_code_3 
_pdbx_validate_rmsd_angle.label_alt_id_3 
_pdbx_validate_rmsd_angle.angle_value 
_pdbx_validate_rmsd_angle.angle_target_value 
_pdbx_validate_rmsd_angle.angle_deviation 
_pdbx_validate_rmsd_angle.angle_standard_deviation 
_pdbx_validate_rmsd_angle.linker_flag 
1 1 CA A CYS 69  ? A CB A CYS 69  ? A SG A CYS 69  ? A 121.32 114.20 7.12   1.10 N 
2 1 N  A LYS 165 ? ? CA A LYS 165 ? ? C  A LYS 165 ? ? 89.18  111.00 -21.82 2.70 N 
# 
loop_
_pdbx_validate_torsion.id 
_pdbx_validate_torsion.PDB_model_num 
_pdbx_validate_torsion.auth_comp_id 
_pdbx_validate_torsion.auth_asym_id 
_pdbx_validate_torsion.auth_seq_id 
_pdbx_validate_torsion.PDB_ins_code 
_pdbx_validate_torsion.label_alt_id 
_pdbx_validate_torsion.phi 
_pdbx_validate_torsion.psi 
1 1 PHE A 87  ? ? -131.06 -46.80  
2 1 MET A 101 ? ? -102.45 70.43   
3 1 TRP A 143 ? ? -146.42 -14.55  
4 1 ASN A 198 ? ? 43.88   -122.23 
# 
_pdbx_validate_peptide_omega.id               1 
_pdbx_validate_peptide_omega.PDB_model_num    1 
_pdbx_validate_peptide_omega.auth_comp_id_1   LEU 
_pdbx_validate_peptide_omega.auth_asym_id_1   A 
_pdbx_validate_peptide_omega.auth_seq_id_1    164 
_pdbx_validate_peptide_omega.PDB_ins_code_1   ? 
_pdbx_validate_peptide_omega.label_alt_id_1   ? 
_pdbx_validate_peptide_omega.auth_comp_id_2   LYS 
_pdbx_validate_peptide_omega.auth_asym_id_2   A 
_pdbx_validate_peptide_omega.auth_seq_id_2    165 
_pdbx_validate_peptide_omega.PDB_ins_code_2   ? 
_pdbx_validate_peptide_omega.label_alt_id_2   ? 
_pdbx_validate_peptide_omega.omega            -113.67 
# 
loop_
_pdbx_unobs_or_zero_occ_residues.id 
_pdbx_unobs_or_zero_occ_residues.PDB_model_num 
_pdbx_unobs_or_zero_occ_residues.polymer_flag 
_pdbx_unobs_or_zero_occ_residues.occupancy_flag 
_pdbx_unobs_or_zero_occ_residues.auth_asym_id 
_pdbx_unobs_or_zero_occ_residues.auth_comp_id 
_pdbx_unobs_or_zero_occ_residues.auth_seq_id 
_pdbx_unobs_or_zero_occ_residues.PDB_ins_code 
_pdbx_unobs_or_zero_occ_residues.label_asym_id 
_pdbx_unobs_or_zero_occ_residues.label_comp_id 
_pdbx_unobs_or_zero_occ_residues.label_seq_id 
1  1 Y 1 A MET 29  ? A MET 1   
2  1 Y 1 A ASN 30  ? A ASN 2   
3  1 Y 1 A ASN 31  ? A ASN 3   
4  1 Y 1 A LYS 32  ? A LYS 4   
5  1 Y 1 A THR 33  ? A THR 5   
6  1 Y 1 A GLU 34  ? A GLU 6   
7  1 Y 1 A GLN 35  ? A GLN 7   
8  1 Y 1 A GLY 36  ? A GLY 8   
9  1 Y 1 A LYS 222 ? A LYS 194 
10 1 Y 1 A LEU 223 ? A LEU 195 
11 1 Y 1 A GLU 224 ? A GLU 196 
12 1 Y 1 A HIS 225 ? A HIS 197 
13 1 Y 1 A HIS 226 ? A HIS 198 
14 1 Y 1 A HIS 227 ? A HIS 199 
15 1 Y 1 A HIS 228 ? A HIS 200 
16 1 Y 1 A HIS 229 ? A HIS 201 
17 1 Y 1 A HIS 230 ? A HIS 202 
# 
loop_
_chem_comp_atom.comp_id 
_chem_comp_atom.atom_id 
_chem_comp_atom.type_symbol 
_chem_comp_atom.pdbx_aromatic_flag 
_chem_comp_atom.pdbx_stereo_config 
_chem_comp_atom.pdbx_ordinal 
ALA N    N  N N 1   
ALA CA   C  N S 2   
ALA C    C  N N 3   
ALA O    O  N N 4   
ALA CB   C  N N 5   
ALA OXT  O  N N 6   
ALA H    H  N N 7   
ALA H2   H  N N 8   
ALA HA   H  N N 9   
ALA HB1  H  N N 10  
ALA HB2  H  N N 11  
ALA HB3  H  N N 12  
ALA HXT  H  N N 13  
ARG N    N  N N 14  
ARG CA   C  N S 15  
ARG C    C  N N 16  
ARG O    O  N N 17  
ARG CB   C  N N 18  
ARG CG   C  N N 19  
ARG CD   C  N N 20  
ARG NE   N  N N 21  
ARG CZ   C  N N 22  
ARG NH1  N  N N 23  
ARG NH2  N  N N 24  
ARG OXT  O  N N 25  
ARG H    H  N N 26  
ARG H2   H  N N 27  
ARG HA   H  N N 28  
ARG HB2  H  N N 29  
ARG HB3  H  N N 30  
ARG HG2  H  N N 31  
ARG HG3  H  N N 32  
ARG HD2  H  N N 33  
ARG HD3  H  N N 34  
ARG HE   H  N N 35  
ARG HH11 H  N N 36  
ARG HH12 H  N N 37  
ARG HH21 H  N N 38  
ARG HH22 H  N N 39  
ARG HXT  H  N N 40  
ASN N    N  N N 41  
ASN CA   C  N S 42  
ASN C    C  N N 43  
ASN O    O  N N 44  
ASN CB   C  N N 45  
ASN CG   C  N N 46  
ASN OD1  O  N N 47  
ASN ND2  N  N N 48  
ASN OXT  O  N N 49  
ASN H    H  N N 50  
ASN H2   H  N N 51  
ASN HA   H  N N 52  
ASN HB2  H  N N 53  
ASN HB3  H  N N 54  
ASN HD21 H  N N 55  
ASN HD22 H  N N 56  
ASN HXT  H  N N 57  
ASP N    N  N N 58  
ASP CA   C  N S 59  
ASP C    C  N N 60  
ASP O    O  N N 61  
ASP CB   C  N N 62  
ASP CG   C  N N 63  
ASP OD1  O  N N 64  
ASP OD2  O  N N 65  
ASP OXT  O  N N 66  
ASP H    H  N N 67  
ASP H2   H  N N 68  
ASP HA   H  N N 69  
ASP HB2  H  N N 70  
ASP HB3  H  N N 71  
ASP HD2  H  N N 72  
ASP HXT  H  N N 73  
CA  CA   CA N N 74  
CYS N    N  N N 75  
CYS CA   C  N R 76  
CYS C    C  N N 77  
CYS O    O  N N 78  
CYS CB   C  N N 79  
CYS SG   S  N N 80  
CYS OXT  O  N N 81  
CYS H    H  N N 82  
CYS H2   H  N N 83  
CYS HA   H  N N 84  
CYS HB2  H  N N 85  
CYS HB3  H  N N 86  
CYS HG   H  N N 87  
CYS HXT  H  N N 88  
GLN N    N  N N 89  
GLN CA   C  N S 90  
GLN C    C  N N 91  
GLN O    O  N N 92  
GLN CB   C  N N 93  
GLN CG   C  N N 94  
GLN CD   C  N N 95  
GLN OE1  O  N N 96  
GLN NE2  N  N N 97  
GLN OXT  O  N N 98  
GLN H    H  N N 99  
GLN H2   H  N N 100 
GLN HA   H  N N 101 
GLN HB2  H  N N 102 
GLN HB3  H  N N 103 
GLN HG2  H  N N 104 
GLN HG3  H  N N 105 
GLN HE21 H  N N 106 
GLN HE22 H  N N 107 
GLN HXT  H  N N 108 
GLU N    N  N N 109 
GLU CA   C  N S 110 
GLU C    C  N N 111 
GLU O    O  N N 112 
GLU CB   C  N N 113 
GLU CG   C  N N 114 
GLU CD   C  N N 115 
GLU OE1  O  N N 116 
GLU OE2  O  N N 117 
GLU OXT  O  N N 118 
GLU H    H  N N 119 
GLU H2   H  N N 120 
GLU HA   H  N N 121 
GLU HB2  H  N N 122 
GLU HB3  H  N N 123 
GLU HG2  H  N N 124 
GLU HG3  H  N N 125 
GLU HE2  H  N N 126 
GLU HXT  H  N N 127 
GLY N    N  N N 128 
GLY CA   C  N N 129 
GLY C    C  N N 130 
GLY O    O  N N 131 
GLY OXT  O  N N 132 
GLY H    H  N N 133 
GLY H2   H  N N 134 
GLY HA2  H  N N 135 
GLY HA3  H  N N 136 
GLY HXT  H  N N 137 
HIS N    N  N N 138 
HIS CA   C  N S 139 
HIS C    C  N N 140 
HIS O    O  N N 141 
HIS CB   C  N N 142 
HIS CG   C  Y N 143 
HIS ND1  N  Y N 144 
HIS CD2  C  Y N 145 
HIS CE1  C  Y N 146 
HIS NE2  N  Y N 147 
HIS OXT  O  N N 148 
HIS H    H  N N 149 
HIS H2   H  N N 150 
HIS HA   H  N N 151 
HIS HB2  H  N N 152 
HIS HB3  H  N N 153 
HIS HD1  H  N N 154 
HIS HD2  H  N N 155 
HIS HE1  H  N N 156 
HIS HE2  H  N N 157 
HIS HXT  H  N N 158 
HOH O    O  N N 159 
HOH H1   H  N N 160 
HOH H2   H  N N 161 
ILE N    N  N N 162 
ILE CA   C  N S 163 
ILE C    C  N N 164 
ILE O    O  N N 165 
ILE CB   C  N S 166 
ILE CG1  C  N N 167 
ILE CG2  C  N N 168 
ILE CD1  C  N N 169 
ILE OXT  O  N N 170 
ILE H    H  N N 171 
ILE H2   H  N N 172 
ILE HA   H  N N 173 
ILE HB   H  N N 174 
ILE HG12 H  N N 175 
ILE HG13 H  N N 176 
ILE HG21 H  N N 177 
ILE HG22 H  N N 178 
ILE HG23 H  N N 179 
ILE HD11 H  N N 180 
ILE HD12 H  N N 181 
ILE HD13 H  N N 182 
ILE HXT  H  N N 183 
LEU N    N  N N 184 
LEU CA   C  N S 185 
LEU C    C  N N 186 
LEU O    O  N N 187 
LEU CB   C  N N 188 
LEU CG   C  N N 189 
LEU CD1  C  N N 190 
LEU CD2  C  N N 191 
LEU OXT  O  N N 192 
LEU H    H  N N 193 
LEU H2   H  N N 194 
LEU HA   H  N N 195 
LEU HB2  H  N N 196 
LEU HB3  H  N N 197 
LEU HG   H  N N 198 
LEU HD11 H  N N 199 
LEU HD12 H  N N 200 
LEU HD13 H  N N 201 
LEU HD21 H  N N 202 
LEU HD22 H  N N 203 
LEU HD23 H  N N 204 
LEU HXT  H  N N 205 
LYS N    N  N N 206 
LYS CA   C  N S 207 
LYS C    C  N N 208 
LYS O    O  N N 209 
LYS CB   C  N N 210 
LYS CG   C  N N 211 
LYS CD   C  N N 212 
LYS CE   C  N N 213 
LYS NZ   N  N N 214 
LYS OXT  O  N N 215 
LYS H    H  N N 216 
LYS H2   H  N N 217 
LYS HA   H  N N 218 
LYS HB2  H  N N 219 
LYS HB3  H  N N 220 
LYS HG2  H  N N 221 
LYS HG3  H  N N 222 
LYS HD2  H  N N 223 
LYS HD3  H  N N 224 
LYS HE2  H  N N 225 
LYS HE3  H  N N 226 
LYS HZ1  H  N N 227 
LYS HZ2  H  N N 228 
LYS HZ3  H  N N 229 
LYS HXT  H  N N 230 
MET N    N  N N 231 
MET CA   C  N S 232 
MET C    C  N N 233 
MET O    O  N N 234 
MET CB   C  N N 235 
MET CG   C  N N 236 
MET SD   S  N N 237 
MET CE   C  N N 238 
MET OXT  O  N N 239 
MET H    H  N N 240 
MET H2   H  N N 241 
MET HA   H  N N 242 
MET HB2  H  N N 243 
MET HB3  H  N N 244 
MET HG2  H  N N 245 
MET HG3  H  N N 246 
MET HE1  H  N N 247 
MET HE2  H  N N 248 
MET HE3  H  N N 249 
MET HXT  H  N N 250 
PHE N    N  N N 251 
PHE CA   C  N S 252 
PHE C    C  N N 253 
PHE O    O  N N 254 
PHE CB   C  N N 255 
PHE CG   C  Y N 256 
PHE CD1  C  Y N 257 
PHE CD2  C  Y N 258 
PHE CE1  C  Y N 259 
PHE CE2  C  Y N 260 
PHE CZ   C  Y N 261 
PHE OXT  O  N N 262 
PHE H    H  N N 263 
PHE H2   H  N N 264 
PHE HA   H  N N 265 
PHE HB2  H  N N 266 
PHE HB3  H  N N 267 
PHE HD1  H  N N 268 
PHE HD2  H  N N 269 
PHE HE1  H  N N 270 
PHE HE2  H  N N 271 
PHE HZ   H  N N 272 
PHE HXT  H  N N 273 
PRO N    N  N N 274 
PRO CA   C  N S 275 
PRO C    C  N N 276 
PRO O    O  N N 277 
PRO CB   C  N N 278 
PRO CG   C  N N 279 
PRO CD   C  N N 280 
PRO OXT  O  N N 281 
PRO H    H  N N 282 
PRO HA   H  N N 283 
PRO HB2  H  N N 284 
PRO HB3  H  N N 285 
PRO HG2  H  N N 286 
PRO HG3  H  N N 287 
PRO HD2  H  N N 288 
PRO HD3  H  N N 289 
PRO HXT  H  N N 290 
SER N    N  N N 291 
SER CA   C  N S 292 
SER C    C  N N 293 
SER O    O  N N 294 
SER CB   C  N N 295 
SER OG   O  N N 296 
SER OXT  O  N N 297 
SER H    H  N N 298 
SER H2   H  N N 299 
SER HA   H  N N 300 
SER HB2  H  N N 301 
SER HB3  H  N N 302 
SER HG   H  N N 303 
SER HXT  H  N N 304 
THR N    N  N N 305 
THR CA   C  N S 306 
THR C    C  N N 307 
THR O    O  N N 308 
THR CB   C  N R 309 
THR OG1  O  N N 310 
THR CG2  C  N N 311 
THR OXT  O  N N 312 
THR H    H  N N 313 
THR H2   H  N N 314 
THR HA   H  N N 315 
THR HB   H  N N 316 
THR HG1  H  N N 317 
THR HG21 H  N N 318 
THR HG22 H  N N 319 
THR HG23 H  N N 320 
THR HXT  H  N N 321 
TRP N    N  N N 322 
TRP CA   C  N S 323 
TRP C    C  N N 324 
TRP O    O  N N 325 
TRP CB   C  N N 326 
TRP CG   C  Y N 327 
TRP CD1  C  Y N 328 
TRP CD2  C  Y N 329 
TRP NE1  N  Y N 330 
TRP CE2  C  Y N 331 
TRP CE3  C  Y N 332 
TRP CZ2  C  Y N 333 
TRP CZ3  C  Y N 334 
TRP CH2  C  Y N 335 
TRP OXT  O  N N 336 
TRP H    H  N N 337 
TRP H2   H  N N 338 
TRP HA   H  N N 339 
TRP HB2  H  N N 340 
TRP HB3  H  N N 341 
TRP HD1  H  N N 342 
TRP HE1  H  N N 343 
TRP HE3  H  N N 344 
TRP HZ2  H  N N 345 
TRP HZ3  H  N N 346 
TRP HH2  H  N N 347 
TRP HXT  H  N N 348 
TYR N    N  N N 349 
TYR CA   C  N S 350 
TYR C    C  N N 351 
TYR O    O  N N 352 
TYR CB   C  N N 353 
TYR CG   C  Y N 354 
TYR CD1  C  Y N 355 
TYR CD2  C  Y N 356 
TYR CE1  C  Y N 357 
TYR CE2  C  Y N 358 
TYR CZ   C  Y N 359 
TYR OH   O  N N 360 
TYR OXT  O  N N 361 
TYR H    H  N N 362 
TYR H2   H  N N 363 
TYR HA   H  N N 364 
TYR HB2  H  N N 365 
TYR HB3  H  N N 366 
TYR HD1  H  N N 367 
TYR HD2  H  N N 368 
TYR HE1  H  N N 369 
TYR HE2  H  N N 370 
TYR HH   H  N N 371 
TYR HXT  H  N N 372 
VAL N    N  N N 373 
VAL CA   C  N S 374 
VAL C    C  N N 375 
VAL O    O  N N 376 
VAL CB   C  N N 377 
VAL CG1  C  N N 378 
VAL CG2  C  N N 379 
VAL OXT  O  N N 380 
VAL H    H  N N 381 
VAL H2   H  N N 382 
VAL HA   H  N N 383 
VAL HB   H  N N 384 
VAL HG11 H  N N 385 
VAL HG12 H  N N 386 
VAL HG13 H  N N 387 
VAL HG21 H  N N 388 
VAL HG22 H  N N 389 
VAL HG23 H  N N 390 
VAL HXT  H  N N 391 
# 
loop_
_chem_comp_bond.comp_id 
_chem_comp_bond.atom_id_1 
_chem_comp_bond.atom_id_2 
_chem_comp_bond.value_order 
_chem_comp_bond.pdbx_aromatic_flag 
_chem_comp_bond.pdbx_stereo_config 
_chem_comp_bond.pdbx_ordinal 
ALA N   CA   sing N N 1   
ALA N   H    sing N N 2   
ALA N   H2   sing N N 3   
ALA CA  C    sing N N 4   
ALA CA  CB   sing N N 5   
ALA CA  HA   sing N N 6   
ALA C   O    doub N N 7   
ALA C   OXT  sing N N 8   
ALA CB  HB1  sing N N 9   
ALA CB  HB2  sing N N 10  
ALA CB  HB3  sing N N 11  
ALA OXT HXT  sing N N 12  
ARG N   CA   sing N N 13  
ARG N   H    sing N N 14  
ARG N   H2   sing N N 15  
ARG CA  C    sing N N 16  
ARG CA  CB   sing N N 17  
ARG CA  HA   sing N N 18  
ARG C   O    doub N N 19  
ARG C   OXT  sing N N 20  
ARG CB  CG   sing N N 21  
ARG CB  HB2  sing N N 22  
ARG CB  HB3  sing N N 23  
ARG CG  CD   sing N N 24  
ARG CG  HG2  sing N N 25  
ARG CG  HG3  sing N N 26  
ARG CD  NE   sing N N 27  
ARG CD  HD2  sing N N 28  
ARG CD  HD3  sing N N 29  
ARG NE  CZ   sing N N 30  
ARG NE  HE   sing N N 31  
ARG CZ  NH1  sing N N 32  
ARG CZ  NH2  doub N N 33  
ARG NH1 HH11 sing N N 34  
ARG NH1 HH12 sing N N 35  
ARG NH2 HH21 sing N N 36  
ARG NH2 HH22 sing N N 37  
ARG OXT HXT  sing N N 38  
ASN N   CA   sing N N 39  
ASN N   H    sing N N 40  
ASN N   H2   sing N N 41  
ASN CA  C    sing N N 42  
ASN CA  CB   sing N N 43  
ASN CA  HA   sing N N 44  
ASN C   O    doub N N 45  
ASN C   OXT  sing N N 46  
ASN CB  CG   sing N N 47  
ASN CB  HB2  sing N N 48  
ASN CB  HB3  sing N N 49  
ASN CG  OD1  doub N N 50  
ASN CG  ND2  sing N N 51  
ASN ND2 HD21 sing N N 52  
ASN ND2 HD22 sing N N 53  
ASN OXT HXT  sing N N 54  
ASP N   CA   sing N N 55  
ASP N   H    sing N N 56  
ASP N   H2   sing N N 57  
ASP CA  C    sing N N 58  
ASP CA  CB   sing N N 59  
ASP CA  HA   sing N N 60  
ASP C   O    doub N N 61  
ASP C   OXT  sing N N 62  
ASP CB  CG   sing N N 63  
ASP CB  HB2  sing N N 64  
ASP CB  HB3  sing N N 65  
ASP CG  OD1  doub N N 66  
ASP CG  OD2  sing N N 67  
ASP OD2 HD2  sing N N 68  
ASP OXT HXT  sing N N 69  
CYS N   CA   sing N N 70  
CYS N   H    sing N N 71  
CYS N   H2   sing N N 72  
CYS CA  C    sing N N 73  
CYS CA  CB   sing N N 74  
CYS CA  HA   sing N N 75  
CYS C   O    doub N N 76  
CYS C   OXT  sing N N 77  
CYS CB  SG   sing N N 78  
CYS CB  HB2  sing N N 79  
CYS CB  HB3  sing N N 80  
CYS SG  HG   sing N N 81  
CYS OXT HXT  sing N N 82  
GLN N   CA   sing N N 83  
GLN N   H    sing N N 84  
GLN N   H2   sing N N 85  
GLN CA  C    sing N N 86  
GLN CA  CB   sing N N 87  
GLN CA  HA   sing N N 88  
GLN C   O    doub N N 89  
GLN C   OXT  sing N N 90  
GLN CB  CG   sing N N 91  
GLN CB  HB2  sing N N 92  
GLN CB  HB3  sing N N 93  
GLN CG  CD   sing N N 94  
GLN CG  HG2  sing N N 95  
GLN CG  HG3  sing N N 96  
GLN CD  OE1  doub N N 97  
GLN CD  NE2  sing N N 98  
GLN NE2 HE21 sing N N 99  
GLN NE2 HE22 sing N N 100 
GLN OXT HXT  sing N N 101 
GLU N   CA   sing N N 102 
GLU N   H    sing N N 103 
GLU N   H2   sing N N 104 
GLU CA  C    sing N N 105 
GLU CA  CB   sing N N 106 
GLU CA  HA   sing N N 107 
GLU C   O    doub N N 108 
GLU C   OXT  sing N N 109 
GLU CB  CG   sing N N 110 
GLU CB  HB2  sing N N 111 
GLU CB  HB3  sing N N 112 
GLU CG  CD   sing N N 113 
GLU CG  HG2  sing N N 114 
GLU CG  HG3  sing N N 115 
GLU CD  OE1  doub N N 116 
GLU CD  OE2  sing N N 117 
GLU OE2 HE2  sing N N 118 
GLU OXT HXT  sing N N 119 
GLY N   CA   sing N N 120 
GLY N   H    sing N N 121 
GLY N   H2   sing N N 122 
GLY CA  C    sing N N 123 
GLY CA  HA2  sing N N 124 
GLY CA  HA3  sing N N 125 
GLY C   O    doub N N 126 
GLY C   OXT  sing N N 127 
GLY OXT HXT  sing N N 128 
HIS N   CA   sing N N 129 
HIS N   H    sing N N 130 
HIS N   H2   sing N N 131 
HIS CA  C    sing N N 132 
HIS CA  CB   sing N N 133 
HIS CA  HA   sing N N 134 
HIS C   O    doub N N 135 
HIS C   OXT  sing N N 136 
HIS CB  CG   sing N N 137 
HIS CB  HB2  sing N N 138 
HIS CB  HB3  sing N N 139 
HIS CG  ND1  sing Y N 140 
HIS CG  CD2  doub Y N 141 
HIS ND1 CE1  doub Y N 142 
HIS ND1 HD1  sing N N 143 
HIS CD2 NE2  sing Y N 144 
HIS CD2 HD2  sing N N 145 
HIS CE1 NE2  sing Y N 146 
HIS CE1 HE1  sing N N 147 
HIS NE2 HE2  sing N N 148 
HIS OXT HXT  sing N N 149 
HOH O   H1   sing N N 150 
HOH O   H2   sing N N 151 
ILE N   CA   sing N N 152 
ILE N   H    sing N N 153 
ILE N   H2   sing N N 154 
ILE CA  C    sing N N 155 
ILE CA  CB   sing N N 156 
ILE CA  HA   sing N N 157 
ILE C   O    doub N N 158 
ILE C   OXT  sing N N 159 
ILE CB  CG1  sing N N 160 
ILE CB  CG2  sing N N 161 
ILE CB  HB   sing N N 162 
ILE CG1 CD1  sing N N 163 
ILE CG1 HG12 sing N N 164 
ILE CG1 HG13 sing N N 165 
ILE CG2 HG21 sing N N 166 
ILE CG2 HG22 sing N N 167 
ILE CG2 HG23 sing N N 168 
ILE CD1 HD11 sing N N 169 
ILE CD1 HD12 sing N N 170 
ILE CD1 HD13 sing N N 171 
ILE OXT HXT  sing N N 172 
LEU N   CA   sing N N 173 
LEU N   H    sing N N 174 
LEU N   H2   sing N N 175 
LEU CA  C    sing N N 176 
LEU CA  CB   sing N N 177 
LEU CA  HA   sing N N 178 
LEU C   O    doub N N 179 
LEU C   OXT  sing N N 180 
LEU CB  CG   sing N N 181 
LEU CB  HB2  sing N N 182 
LEU CB  HB3  sing N N 183 
LEU CG  CD1  sing N N 184 
LEU CG  CD2  sing N N 185 
LEU CG  HG   sing N N 186 
LEU CD1 HD11 sing N N 187 
LEU CD1 HD12 sing N N 188 
LEU CD1 HD13 sing N N 189 
LEU CD2 HD21 sing N N 190 
LEU CD2 HD22 sing N N 191 
LEU CD2 HD23 sing N N 192 
LEU OXT HXT  sing N N 193 
LYS N   CA   sing N N 194 
LYS N   H    sing N N 195 
LYS N   H2   sing N N 196 
LYS CA  C    sing N N 197 
LYS CA  CB   sing N N 198 
LYS CA  HA   sing N N 199 
LYS C   O    doub N N 200 
LYS C   OXT  sing N N 201 
LYS CB  CG   sing N N 202 
LYS CB  HB2  sing N N 203 
LYS CB  HB3  sing N N 204 
LYS CG  CD   sing N N 205 
LYS CG  HG2  sing N N 206 
LYS CG  HG3  sing N N 207 
LYS CD  CE   sing N N 208 
LYS CD  HD2  sing N N 209 
LYS CD  HD3  sing N N 210 
LYS CE  NZ   sing N N 211 
LYS CE  HE2  sing N N 212 
LYS CE  HE3  sing N N 213 
LYS NZ  HZ1  sing N N 214 
LYS NZ  HZ2  sing N N 215 
LYS NZ  HZ3  sing N N 216 
LYS OXT HXT  sing N N 217 
MET N   CA   sing N N 218 
MET N   H    sing N N 219 
MET N   H2   sing N N 220 
MET CA  C    sing N N 221 
MET CA  CB   sing N N 222 
MET CA  HA   sing N N 223 
MET C   O    doub N N 224 
MET C   OXT  sing N N 225 
MET CB  CG   sing N N 226 
MET CB  HB2  sing N N 227 
MET CB  HB3  sing N N 228 
MET CG  SD   sing N N 229 
MET CG  HG2  sing N N 230 
MET CG  HG3  sing N N 231 
MET SD  CE   sing N N 232 
MET CE  HE1  sing N N 233 
MET CE  HE2  sing N N 234 
MET CE  HE3  sing N N 235 
MET OXT HXT  sing N N 236 
PHE N   CA   sing N N 237 
PHE N   H    sing N N 238 
PHE N   H2   sing N N 239 
PHE CA  C    sing N N 240 
PHE CA  CB   sing N N 241 
PHE CA  HA   sing N N 242 
PHE C   O    doub N N 243 
PHE C   OXT  sing N N 244 
PHE CB  CG   sing N N 245 
PHE CB  HB2  sing N N 246 
PHE CB  HB3  sing N N 247 
PHE CG  CD1  doub Y N 248 
PHE CG  CD2  sing Y N 249 
PHE CD1 CE1  sing Y N 250 
PHE CD1 HD1  sing N N 251 
PHE CD2 CE2  doub Y N 252 
PHE CD2 HD2  sing N N 253 
PHE CE1 CZ   doub Y N 254 
PHE CE1 HE1  sing N N 255 
PHE CE2 CZ   sing Y N 256 
PHE CE2 HE2  sing N N 257 
PHE CZ  HZ   sing N N 258 
PHE OXT HXT  sing N N 259 
PRO N   CA   sing N N 260 
PRO N   CD   sing N N 261 
PRO N   H    sing N N 262 
PRO CA  C    sing N N 263 
PRO CA  CB   sing N N 264 
PRO CA  HA   sing N N 265 
PRO C   O    doub N N 266 
PRO C   OXT  sing N N 267 
PRO CB  CG   sing N N 268 
PRO CB  HB2  sing N N 269 
PRO CB  HB3  sing N N 270 
PRO CG  CD   sing N N 271 
PRO CG  HG2  sing N N 272 
PRO CG  HG3  sing N N 273 
PRO CD  HD2  sing N N 274 
PRO CD  HD3  sing N N 275 
PRO OXT HXT  sing N N 276 
SER N   CA   sing N N 277 
SER N   H    sing N N 278 
SER N   H2   sing N N 279 
SER CA  C    sing N N 280 
SER CA  CB   sing N N 281 
SER CA  HA   sing N N 282 
SER C   O    doub N N 283 
SER C   OXT  sing N N 284 
SER CB  OG   sing N N 285 
SER CB  HB2  sing N N 286 
SER CB  HB3  sing N N 287 
SER OG  HG   sing N N 288 
SER OXT HXT  sing N N 289 
THR N   CA   sing N N 290 
THR N   H    sing N N 291 
THR N   H2   sing N N 292 
THR CA  C    sing N N 293 
THR CA  CB   sing N N 294 
THR CA  HA   sing N N 295 
THR C   O    doub N N 296 
THR C   OXT  sing N N 297 
THR CB  OG1  sing N N 298 
THR CB  CG2  sing N N 299 
THR CB  HB   sing N N 300 
THR OG1 HG1  sing N N 301 
THR CG2 HG21 sing N N 302 
THR CG2 HG22 sing N N 303 
THR CG2 HG23 sing N N 304 
THR OXT HXT  sing N N 305 
TRP N   CA   sing N N 306 
TRP N   H    sing N N 307 
TRP N   H2   sing N N 308 
TRP CA  C    sing N N 309 
TRP CA  CB   sing N N 310 
TRP CA  HA   sing N N 311 
TRP C   O    doub N N 312 
TRP C   OXT  sing N N 313 
TRP CB  CG   sing N N 314 
TRP CB  HB2  sing N N 315 
TRP CB  HB3  sing N N 316 
TRP CG  CD1  doub Y N 317 
TRP CG  CD2  sing Y N 318 
TRP CD1 NE1  sing Y N 319 
TRP CD1 HD1  sing N N 320 
TRP CD2 CE2  doub Y N 321 
TRP CD2 CE3  sing Y N 322 
TRP NE1 CE2  sing Y N 323 
TRP NE1 HE1  sing N N 324 
TRP CE2 CZ2  sing Y N 325 
TRP CE3 CZ3  doub Y N 326 
TRP CE3 HE3  sing N N 327 
TRP CZ2 CH2  doub Y N 328 
TRP CZ2 HZ2  sing N N 329 
TRP CZ3 CH2  sing Y N 330 
TRP CZ3 HZ3  sing N N 331 
TRP CH2 HH2  sing N N 332 
TRP OXT HXT  sing N N 333 
TYR N   CA   sing N N 334 
TYR N   H    sing N N 335 
TYR N   H2   sing N N 336 
TYR CA  C    sing N N 337 
TYR CA  CB   sing N N 338 
TYR CA  HA   sing N N 339 
TYR C   O    doub N N 340 
TYR C   OXT  sing N N 341 
TYR CB  CG   sing N N 342 
TYR CB  HB2  sing N N 343 
TYR CB  HB3  sing N N 344 
TYR CG  CD1  doub Y N 345 
TYR CG  CD2  sing Y N 346 
TYR CD1 CE1  sing Y N 347 
TYR CD1 HD1  sing N N 348 
TYR CD2 CE2  doub Y N 349 
TYR CD2 HD2  sing N N 350 
TYR CE1 CZ   doub Y N 351 
TYR CE1 HE1  sing N N 352 
TYR CE2 CZ   sing Y N 353 
TYR CE2 HE2  sing N N 354 
TYR CZ  OH   sing N N 355 
TYR OH  HH   sing N N 356 
TYR OXT HXT  sing N N 357 
VAL N   CA   sing N N 358 
VAL N   H    sing N N 359 
VAL N   H2   sing N N 360 
VAL CA  C    sing N N 361 
VAL CA  CB   sing N N 362 
VAL CA  HA   sing N N 363 
VAL C   O    doub N N 364 
VAL C   OXT  sing N N 365 
VAL CB  CG1  sing N N 366 
VAL CB  CG2  sing N N 367 
VAL CB  HB   sing N N 368 
VAL CG1 HG11 sing N N 369 
VAL CG1 HG12 sing N N 370 
VAL CG1 HG13 sing N N 371 
VAL CG2 HG21 sing N N 372 
VAL CG2 HG22 sing N N 373 
VAL CG2 HG23 sing N N 374 
VAL OXT HXT  sing N N 375 
# 
_pdbx_initial_refinement_model.id               1 
_pdbx_initial_refinement_model.entity_id_list   ? 
_pdbx_initial_refinement_model.type             'experimental model' 
_pdbx_initial_refinement_model.source_name      PDB 
_pdbx_initial_refinement_model.accession_code   3EU3 
_pdbx_initial_refinement_model.details          'PDB ENTRY 3EU3' 
# 
_atom_sites.entry_id                    3EU4 
_atom_sites.fract_transf_matrix[1][1]   0.01395615 
_atom_sites.fract_transf_matrix[1][2]   0.00190673 
_atom_sites.fract_transf_matrix[1][3]   -0.02384226 
_atom_sites.fract_transf_matrix[2][1]   -0.01922091 
_atom_sites.fract_transf_matrix[2][2]   0.00741417 
_atom_sites.fract_transf_matrix[2][3]   -0.01065809 
_atom_sites.fract_transf_matrix[3][1]   0.00735480 
_atom_sites.fract_transf_matrix[3][2]   0.01766753 
_atom_sites.fract_transf_matrix[3][3]   -0.00097352 
_atom_sites.fract_transf_vector[1]      0.391060 
_atom_sites.fract_transf_vector[2]      0.558238 
_atom_sites.fract_transf_vector[3]      0.717858 
# 
loop_
_atom_type.symbol 
C  
CA 
N  
O  
S  
# 
loop_
_atom_site.group_PDB 
_atom_site.id 
_atom_site.type_symbol 
_atom_site.label_atom_id 
_atom_site.label_alt_id 
_atom_site.label_comp_id 
_atom_site.label_asym_id 
_atom_site.label_entity_id 
_atom_site.label_seq_id 
_atom_site.pdbx_PDB_ins_code 
_atom_site.Cartn_x 
_atom_site.Cartn_y 
_atom_site.Cartn_z 
_atom_site.occupancy 
_atom_site.B_iso_or_equiv 
_atom_site.pdbx_formal_charge 
_atom_site.auth_seq_id 
_atom_site.auth_comp_id 
_atom_site.auth_asym_id 
_atom_site.auth_atom_id 
_atom_site.pdbx_PDB_model_num 
ATOM   1    N  N   . ASN A 1 9   ? 20.261  10.467  -6.869  1.00 33.01 ? 37  ASN A N   1 
ATOM   2    C  CA  . ASN A 1 9   ? 19.798  9.088   -6.538  1.00 32.92 ? 37  ASN A CA  1 
ATOM   3    C  C   . ASN A 1 9   ? 18.384  9.117   -5.961  1.00 32.49 ? 37  ASN A C   1 
ATOM   4    O  O   . ASN A 1 9   ? 18.196  9.041   -4.743  1.00 32.30 ? 37  ASN A O   1 
ATOM   5    C  CB  . ASN A 1 9   ? 20.779  8.405   -5.572  1.00 33.22 ? 37  ASN A CB  1 
ATOM   6    C  CG  . ASN A 1 9   ? 20.422  6.942   -5.288  1.00 34.35 ? 37  ASN A CG  1 
ATOM   7    O  OD1 . ASN A 1 9   ? 20.165  6.150   -6.205  1.00 34.94 ? 37  ASN A OD1 1 
ATOM   8    N  ND2 . ASN A 1 9   ? 20.423  6.577   -4.006  1.00 35.33 ? 37  ASN A ND2 1 
ATOM   9    N  N   . ASP A 1 10  ? 17.401  9.248   -6.851  1.00 31.93 ? 38  ASP A N   1 
ATOM   10   C  CA  . ASP A 1 10  ? 15.985  9.281   -6.473  1.00 31.37 ? 38  ASP A CA  1 
ATOM   11   C  C   . ASP A 1 10  ? 15.228  8.104   -7.091  1.00 30.48 ? 38  ASP A C   1 
ATOM   12   O  O   . ASP A 1 10  ? 15.810  7.297   -7.820  1.00 30.28 ? 38  ASP A O   1 
ATOM   13   C  CB  . ASP A 1 10  ? 15.350  10.599  -6.927  1.00 31.66 ? 38  ASP A CB  1 
ATOM   14   C  CG  . ASP A 1 10  ? 16.089  11.822  -6.401  1.00 32.88 ? 38  ASP A CG  1 
ATOM   15   O  OD1 . ASP A 1 10  ? 16.043  12.076  -5.178  1.00 33.98 ? 38  ASP A OD1 1 
ATOM   16   O  OD2 . ASP A 1 10  ? 16.713  12.535  -7.215  1.00 34.41 ? 38  ASP A OD2 1 
ATOM   17   N  N   . ALA A 1 11  ? 13.935  8.008   -6.789  1.00 29.35 ? 39  ALA A N   1 
ATOM   18   C  CA  . ALA A 1 11  ? 13.049  7.057   -7.466  1.00 28.50 ? 39  ALA A CA  1 
ATOM   19   C  C   . ALA A 1 11  ? 13.083  7.269   -8.986  1.00 27.96 ? 39  ALA A C   1 
ATOM   20   O  O   . ALA A 1 11  ? 13.156  8.407   -9.460  1.00 27.53 ? 39  ALA A O   1 
ATOM   21   C  CB  . ALA A 1 11  ? 11.626  7.190   -6.939  1.00 28.23 ? 39  ALA A CB  1 
ATOM   22   N  N   . VAL A 1 12  ? 13.047  6.180   -9.747  1.00 27.29 ? 40  VAL A N   1 
ATOM   23   C  CA  . VAL A 1 12  ? 13.089  6.299   -11.205 1.00 26.98 ? 40  VAL A CA  1 
ATOM   24   C  C   . VAL A 1 12  ? 11.698  6.585   -11.787 1.00 26.69 ? 40  VAL A C   1 
ATOM   25   O  O   . VAL A 1 12  ? 10.689  6.105   -11.264 1.00 26.07 ? 40  VAL A O   1 
ATOM   26   C  CB  . VAL A 1 12  ? 13.772  5.069   -11.907 1.00 27.03 ? 40  VAL A CB  1 
ATOM   27   C  CG1 . VAL A 1 12  ? 15.116  4.768   -11.273 1.00 27.41 ? 40  VAL A CG1 1 
ATOM   28   C  CG2 . VAL A 1 12  ? 12.894  3.834   -11.876 1.00 26.99 ? 40  VAL A CG2 1 
ATOM   29   N  N   . SER A 1 13  ? 11.660  7.388   -12.857 1.00 26.49 ? 41  SER A N   1 
ATOM   30   C  CA  . SER A 1 13  ? 10.418  7.669   -13.574 1.00 26.03 ? 41  SER A CA  1 
ATOM   31   C  C   . SER A 1 13  ? 10.132  6.506   -14.522 1.00 25.53 ? 41  SER A C   1 
ATOM   32   O  O   . SER A 1 13  ? 11.052  5.843   -14.996 1.00 26.02 ? 41  SER A O   1 
ATOM   33   C  CB  . SER A 1 13  ? 10.487  9.020   -14.316 1.00 26.41 ? 41  SER A CB  1 
ATOM   34   O  OG  . SER A 1 13  ? 11.219  8.935   -15.532 1.00 26.40 ? 41  SER A OG  1 
ATOM   35   N  N   . GLY A 1 14  ? 8.857   6.246   -14.778 1.00 24.76 ? 42  GLY A N   1 
ATOM   36   C  CA  . GLY A 1 14  ? 8.447   5.040   -15.498 1.00 23.66 ? 42  GLY A CA  1 
ATOM   37   C  C   . GLY A 1 14  ? 7.246   4.413   -14.820 1.00 22.87 ? 42  GLY A C   1 
ATOM   38   O  O   . GLY A 1 14  ? 7.054   4.572   -13.612 1.00 22.82 ? 42  GLY A O   1 
ATOM   39   N  N   . GLN A 1 15  ? 6.428   3.713   -15.599 1.00 22.10 ? 43  GLN A N   1 
ATOM   40   C  CA  . GLN A 1 15  ? 5.240   3.066   -15.070 1.00 21.58 ? 43  GLN A CA  1 
ATOM   41   C  C   . GLN A 1 15  ? 5.604   1.762   -14.346 1.00 20.98 ? 43  GLN A C   1 
ATOM   42   O  O   . GLN A 1 15  ? 6.087   0.815   -14.976 1.00 21.20 ? 43  GLN A O   1 
ATOM   43   C  CB  . GLN A 1 15  ? 4.229   2.823   -16.193 1.00 22.02 ? 43  GLN A CB  1 
ATOM   44   C  CG  . GLN A 1 15  ? 3.008   2.005   -15.789 1.00 22.69 ? 43  GLN A CG  1 
ATOM   45   C  CD  . GLN A 1 15  ? 2.000   2.799   -14.996 1.00 23.25 ? 43  GLN A CD  1 
ATOM   46   O  OE1 . GLN A 1 15  ? 1.803   2.564   -13.801 1.00 23.70 ? 43  GLN A OE1 1 
ATOM   47   N  NE2 . GLN A 1 15  ? 1.341   3.738   -15.661 1.00 24.66 ? 43  GLN A NE2 1 
ATOM   48   N  N   . PRO A 1 16  ? 5.420   1.726   -13.009 1.00 20.25 ? 44  PRO A N   1 
ATOM   49   C  CA  . PRO A 1 16  ? 5.573   0.463   -12.285 1.00 19.57 ? 44  PRO A CA  1 
ATOM   50   C  C   . PRO A 1 16  ? 4.448   -0.507  -12.630 1.00 19.35 ? 44  PRO A C   1 
ATOM   51   O  O   . PRO A 1 16  ? 3.283   -0.098  -12.748 1.00 18.94 ? 44  PRO A O   1 
ATOM   52   C  CB  . PRO A 1 16  ? 5.469   0.881   -10.811 1.00 19.77 ? 44  PRO A CB  1 
ATOM   53   C  CG  . PRO A 1 16  ? 4.766   2.184   -10.817 1.00 19.58 ? 44  PRO A CG  1 
ATOM   54   C  CD  . PRO A 1 16  ? 5.082   2.849   -12.111 1.00 19.84 ? 44  PRO A CD  1 
ATOM   55   N  N   . SER A 1 17  ? 4.804   -1.779  -12.793 1.00 18.83 ? 45  SER A N   1 
ATOM   56   C  CA  . SER A 1 17  ? 3.822   -2.832  -13.016 1.00 18.93 ? 45  SER A CA  1 
ATOM   57   C  C   . SER A 1 17  ? 3.012   -3.121  -11.742 1.00 18.44 ? 45  SER A C   1 
ATOM   58   O  O   . SER A 1 17  ? 3.573   -3.374  -10.679 1.00 18.45 ? 45  SER A O   1 
ATOM   59   C  CB  . SER A 1 17  ? 4.509   -4.108  -13.509 1.00 18.97 ? 45  SER A CB  1 
ATOM   60   O  OG  . SER A 1 17  ? 3.552   -5.106  -13.807 1.00 19.97 ? 45  SER A OG  1 
ATOM   61   N  N   . ILE A 1 18  ? 1.690   -3.071  -11.867 1.00 18.13 ? 46  ILE A N   1 
ATOM   62   C  CA  . ILE A 1 18  ? 0.788   -3.400  -10.757 1.00 18.02 ? 46  ILE A CA  1 
ATOM   63   C  C   . ILE A 1 18  ? 0.259   -4.838  -10.868 1.00 17.79 ? 46  ILE A C   1 
ATOM   64   O  O   . ILE A 1 18  ? -0.627  -5.235  -10.115 1.00 17.46 ? 46  ILE A O   1 
ATOM   65   C  CB  . ILE A 1 18  ? -0.375  -2.373  -10.620 1.00 18.27 ? 46  ILE A CB  1 
ATOM   66   C  CG1 . ILE A 1 18  ? -1.281  -2.401  -11.861 1.00 18.12 ? 46  ILE A CG1 1 
ATOM   67   C  CG2 . ILE A 1 18  ? 0.178   -0.978  -10.362 1.00 16.93 ? 46  ILE A CG2 1 
ATOM   68   C  CD1 . ILE A 1 18  ? -2.582  -1.680  -11.678 1.00 19.01 ? 46  ILE A CD1 1 
ATOM   69   N  N   . LYS A 1 19  ? 0.815   -5.585  -11.829 1.00 17.73 ? 47  LYS A N   1 
ATOM   70   C  CA  A LYS A 1 19  ? 0.507   -7.002  -12.020 0.50 17.67 ? 47  LYS A CA  1 
ATOM   71   C  CA  B LYS A 1 19  ? 0.527   -7.006  -12.031 0.50 17.64 ? 47  LYS A CA  1 
ATOM   72   C  C   . LYS A 1 19  ? 0.752   -7.798  -10.734 1.00 17.36 ? 47  LYS A C   1 
ATOM   73   O  O   . LYS A 1 19  ? 1.845   -7.765  -10.166 1.00 17.32 ? 47  LYS A O   1 
ATOM   74   C  CB  A LYS A 1 19  ? 1.307   -7.570  -13.205 0.50 17.78 ? 47  LYS A CB  1 
ATOM   75   C  CB  B LYS A 1 19  ? 1.425   -7.544  -13.154 0.50 17.71 ? 47  LYS A CB  1 
ATOM   76   C  CG  A LYS A 1 19  ? 1.602   -9.065  -13.136 0.50 18.65 ? 47  LYS A CG  1 
ATOM   77   C  CG  B LYS A 1 19  ? 1.137   -8.965  -13.619 0.50 18.50 ? 47  LYS A CG  1 
ATOM   78   C  CD  A LYS A 1 19  ? 1.647   -9.722  -14.513 0.50 19.56 ? 47  LYS A CD  1 
ATOM   79   C  CD  B LYS A 1 19  ? 2.300   -9.497  -14.466 0.50 19.21 ? 47  LYS A CD  1 
ATOM   80   C  CE  A LYS A 1 19  ? 0.342   -10.455 -14.808 0.50 19.37 ? 47  LYS A CE  1 
ATOM   81   C  CE  B LYS A 1 19  ? 2.331   -11.021 -14.482 0.50 19.27 ? 47  LYS A CE  1 
ATOM   82   N  NZ  A LYS A 1 19  ? 0.544   -11.555 -15.795 0.50 19.32 ? 47  LYS A NZ  1 
ATOM   83   N  NZ  B LYS A 1 19  ? 3.698   -11.546 -14.764 0.50 19.93 ? 47  LYS A NZ  1 
ATOM   84   N  N   . GLY A 1 20  ? -0.290  -8.491  -10.269 1.00 16.91 ? 48  GLY A N   1 
ATOM   85   C  CA  . GLY A 1 20  ? -0.236  -9.263  -9.013  1.00 16.11 ? 48  GLY A CA  1 
ATOM   86   C  C   . GLY A 1 20  ? -0.356  -8.456  -7.719  1.00 15.59 ? 48  GLY A C   1 
ATOM   87   O  O   . GLY A 1 20  ? -0.249  -9.004  -6.614  1.00 15.00 ? 48  GLY A O   1 
ATOM   88   N  N   . GLN A 1 21  ? -0.591  -7.152  -7.852  1.00 15.12 ? 49  GLN A N   1 
ATOM   89   C  CA  . GLN A 1 21  ? -0.649  -6.248  -6.699  1.00 14.68 ? 49  GLN A CA  1 
ATOM   90   C  C   . GLN A 1 21  ? -2.089  -5.944  -6.290  1.00 15.00 ? 49  GLN A C   1 
ATOM   91   O  O   . GLN A 1 21  ? -2.996  -6.035  -7.118  1.00 15.26 ? 49  GLN A O   1 
ATOM   92   C  CB  . GLN A 1 21  ? 0.071   -4.933  -7.024  1.00 14.38 ? 49  GLN A CB  1 
ATOM   93   C  CG  . GLN A 1 21  ? 1.527   -5.083  -7.435  1.00 13.20 ? 49  GLN A CG  1 
ATOM   94   C  CD  . GLN A 1 21  ? 2.408   -5.619  -6.330  1.00 11.78 ? 49  GLN A CD  1 
ATOM   95   O  OE1 . GLN A 1 21  ? 2.020   -5.643  -5.153  1.00 11.74 ? 49  GLN A OE1 1 
ATOM   96   N  NE2 . GLN A 1 21  ? 3.613   -6.034  -6.693  1.00 10.44 ? 49  GLN A NE2 1 
ATOM   97   N  N   . PRO A 1 22  ? -2.306  -5.563  -5.018  1.00 14.98 ? 50  PRO A N   1 
ATOM   98   C  CA  . PRO A 1 22  ? -3.635  -5.113  -4.635  1.00 15.28 ? 50  PRO A CA  1 
ATOM   99   C  C   . PRO A 1 22  ? -4.065  -3.895  -5.454  1.00 15.98 ? 50  PRO A C   1 
ATOM   100  O  O   . PRO A 1 22  ? -3.246  -3.005  -5.710  1.00 16.16 ? 50  PRO A O   1 
ATOM   101  C  CB  . PRO A 1 22  ? -3.466  -4.734  -3.164  1.00 14.98 ? 50  PRO A CB  1 
ATOM   102  C  CG  . PRO A 1 22  ? -2.278  -5.474  -2.708  1.00 15.12 ? 50  PRO A CG  1 
ATOM   103  C  CD  . PRO A 1 22  ? -1.368  -5.532  -3.884  1.00 14.95 ? 50  PRO A CD  1 
ATOM   104  N  N   . VAL A 1 23  ? -5.329  -3.883  -5.881  1.00 16.70 ? 51  VAL A N   1 
ATOM   105  C  CA  . VAL A 1 23  ? -5.912  -2.773  -6.643  1.00 17.41 ? 51  VAL A CA  1 
ATOM   106  C  C   . VAL A 1 23  ? -7.273  -2.375  -6.083  1.00 17.74 ? 51  VAL A C   1 
ATOM   107  O  O   . VAL A 1 23  ? -7.985  -3.204  -5.503  1.00 17.79 ? 51  VAL A O   1 
ATOM   108  C  CB  . VAL A 1 23  ? -6.099  -3.094  -8.167  1.00 17.78 ? 51  VAL A CB  1 
ATOM   109  C  CG1 . VAL A 1 23  ? -4.831  -2.835  -8.950  1.00 18.75 ? 51  VAL A CG1 1 
ATOM   110  C  CG2 . VAL A 1 23  ? -6.626  -4.525  -8.401  1.00 18.14 ? 51  VAL A CG2 1 
ATOM   111  N  N   . LEU A 1 24  ? -7.618  -1.102  -6.264  1.00 17.82 ? 52  LEU A N   1 
ATOM   112  C  CA  . LEU A 1 24  ? -8.924  -0.563  -5.911  1.00 18.09 ? 52  LEU A CA  1 
ATOM   113  C  C   . LEU A 1 24  ? -9.359  0.412   -7.006  1.00 18.48 ? 52  LEU A C   1 
ATOM   114  O  O   . LEU A 1 24  ? -8.606  1.321   -7.363  1.00 18.55 ? 52  LEU A O   1 
ATOM   115  C  CB  . LEU A 1 24  ? -8.858  0.148   -4.550  1.00 18.15 ? 52  LEU A CB  1 
ATOM   116  C  CG  . LEU A 1 24  ? -10.076 0.917   -4.001  1.00 17.84 ? 52  LEU A CG  1 
ATOM   117  C  CD1 . LEU A 1 24  ? -11.302 0.022   -3.778  1.00 15.39 ? 52  LEU A CD1 1 
ATOM   118  C  CD2 . LEU A 1 24  ? -9.695  1.614   -2.709  1.00 16.81 ? 52  LEU A CD2 1 
ATOM   119  N  N   . GLY A 1 25  ? -10.563 0.206   -7.540  1.00 18.49 ? 53  GLY A N   1 
ATOM   120  C  CA  . GLY A 1 25  ? -11.114 1.045   -8.597  1.00 18.85 ? 53  GLY A CA  1 
ATOM   121  C  C   . GLY A 1 25  ? -11.505 0.258   -9.833  1.00 19.50 ? 53  GLY A C   1 
ATOM   122  O  O   . GLY A 1 25  ? -11.332 -0.962  -9.873  1.00 19.25 ? 53  GLY A O   1 
ATOM   123  N  N   . LYS A 1 26  ? -12.025 0.957   -10.842 1.00 20.18 ? 54  LYS A N   1 
ATOM   124  C  CA  . LYS A 1 26  ? -12.508 0.315   -12.078 1.00 21.08 ? 54  LYS A CA  1 
ATOM   125  C  C   . LYS A 1 26  ? -11.363 -0.263  -12.889 1.00 21.31 ? 54  LYS A C   1 
ATOM   126  O  O   . LYS A 1 26  ? -10.293 0.347   -12.994 1.00 21.60 ? 54  LYS A O   1 
ATOM   127  C  CB  . LYS A 1 26  ? -13.320 1.288   -12.956 1.00 21.26 ? 54  LYS A CB  1 
ATOM   128  C  CG  . LYS A 1 26  ? -14.391 2.102   -12.230 1.00 22.87 ? 54  LYS A CG  1 
ATOM   129  C  CD  . LYS A 1 26  ? -15.371 1.238   -11.419 1.00 24.91 ? 54  LYS A CD  1 
ATOM   130  C  CE  . LYS A 1 26  ? -16.126 2.092   -10.385 1.00 27.13 ? 54  LYS A CE  1 
ATOM   131  N  NZ  . LYS A 1 26  ? -15.266 2.526   -9.232  1.00 27.19 ? 54  LYS A NZ  1 
ATOM   132  N  N   . ASP A 1 27  ? -11.607 -1.433  -13.471 1.00 21.57 ? 55  ASP A N   1 
ATOM   133  C  CA  . ASP A 1 27  ? -10.616 -2.160  -14.258 1.00 22.10 ? 55  ASP A CA  1 
ATOM   134  C  C   . ASP A 1 27  ? -10.012 -1.291  -15.356 1.00 21.92 ? 55  ASP A C   1 
ATOM   135  O  O   . ASP A 1 27  ? -8.808  -1.337  -15.604 1.00 21.89 ? 55  ASP A O   1 
ATOM   136  C  CB  . ASP A 1 27  ? -11.246 -3.409  -14.879 1.00 22.32 ? 55  ASP A CB  1 
ATOM   137  C  CG  . ASP A 1 27  ? -11.917 -4.306  -13.847 1.00 23.98 ? 55  ASP A CG  1 
ATOM   138  O  OD1 . ASP A 1 27  ? -11.245 -4.693  -12.865 1.00 24.99 ? 55  ASP A OD1 1 
ATOM   139  O  OD2 . ASP A 1 27  ? -13.119 -4.626  -14.027 1.00 25.45 ? 55  ASP A OD2 1 
ATOM   140  N  N   . ASP A 1 28  ? -10.854 -0.493  -16.002 1.00 21.73 ? 56  ASP A N   1 
ATOM   141  C  CA  . ASP A 1 28  ? -10.411 0.358   -17.101 1.00 21.87 ? 56  ASP A CA  1 
ATOM   142  C  C   . ASP A 1 28  ? -10.208 1.849   -16.720 1.00 21.06 ? 56  ASP A C   1 
ATOM   143  O  O   . ASP A 1 28  ? -10.329 2.739   -17.569 1.00 21.04 ? 56  ASP A O   1 
ATOM   144  C  CB  . ASP A 1 28  ? -11.361 0.196   -18.300 1.00 22.09 ? 56  ASP A CB  1 
ATOM   145  C  CG  . ASP A 1 28  ? -12.770 0.661   -17.999 1.00 23.90 ? 56  ASP A CG  1 
ATOM   146  O  OD1 . ASP A 1 28  ? -13.146 0.726   -16.808 1.00 25.61 ? 56  ASP A OD1 1 
ATOM   147  O  OD2 . ASP A 1 28  ? -13.510 0.970   -18.967 1.00 27.20 ? 56  ASP A OD2 1 
ATOM   148  N  N   . ALA A 1 29  ? -9.896  2.116   -15.451 1.00 20.04 ? 57  ALA A N   1 
ATOM   149  C  CA  . ALA A 1 29  ? -9.473  3.464   -15.045 1.00 19.15 ? 57  ALA A CA  1 
ATOM   150  C  C   . ALA A 1 29  ? -8.230  3.883   -15.836 1.00 18.45 ? 57  ALA A C   1 
ATOM   151  O  O   . ALA A 1 29  ? -7.247  3.148   -15.864 1.00 18.45 ? 57  ALA A O   1 
ATOM   152  C  CB  . ALA A 1 29  ? -9.212  3.537   -13.560 1.00 18.56 ? 57  ALA A CB  1 
ATOM   153  N  N   . PRO A 1 30  ? -8.286  5.050   -16.510 1.00 17.89 ? 58  PRO A N   1 
ATOM   154  C  CA  . PRO A 1 30  ? -7.187  5.467   -17.393 1.00 17.38 ? 58  PRO A CA  1 
ATOM   155  C  C   . PRO A 1 30  ? -5.904  5.866   -16.663 1.00 16.73 ? 58  PRO A C   1 
ATOM   156  O  O   . PRO A 1 30  ? -4.832  5.890   -17.275 1.00 16.70 ? 58  PRO A O   1 
ATOM   157  C  CB  . PRO A 1 30  ? -7.772  6.660   -18.161 1.00 17.59 ? 58  PRO A CB  1 
ATOM   158  C  CG  . PRO A 1 30  ? -8.892  7.174   -17.292 1.00 17.98 ? 58  PRO A CG  1 
ATOM   159  C  CD  . PRO A 1 30  ? -9.408  6.011   -16.504 1.00 17.70 ? 58  PRO A CD  1 
ATOM   160  N  N   . VAL A 1 31  ? -6.013  6.164   -15.370 1.00 15.77 ? 59  VAL A N   1 
ATOM   161  C  CA  . VAL A 1 31  ? -4.863  6.577   -14.568 1.00 14.50 ? 59  VAL A CA  1 
ATOM   162  C  C   . VAL A 1 31  ? -4.621  5.608   -13.407 1.00 13.67 ? 59  VAL A C   1 
ATOM   163  O  O   . VAL A 1 31  ? -5.541  5.288   -12.669 1.00 13.30 ? 59  VAL A O   1 
ATOM   164  C  CB  . VAL A 1 31  ? -5.015  8.045   -14.046 1.00 14.71 ? 59  VAL A CB  1 
ATOM   165  C  CG1 . VAL A 1 31  ? -3.851  8.426   -13.121 1.00 14.17 ? 59  VAL A CG1 1 
ATOM   166  C  CG2 . VAL A 1 31  ? -5.113  9.031   -15.219 1.00 13.89 ? 59  VAL A CG2 1 
ATOM   167  N  N   . THR A 1 32  ? -3.380  5.138   -13.273 1.00 12.86 ? 60  THR A N   1 
ATOM   168  C  CA  . THR A 1 32  ? -2.985  4.263   -12.159 1.00 12.17 ? 60  THR A CA  1 
ATOM   169  C  C   . THR A 1 32  ? -2.106  5.012   -11.153 1.00 11.67 ? 60  THR A C   1 
ATOM   170  O  O   . THR A 1 32  ? -1.046  5.516   -11.502 1.00 11.27 ? 60  THR A O   1 
ATOM   171  C  CB  . THR A 1 32  ? -2.194  3.029   -12.636 1.00 11.81 ? 60  THR A CB  1 
ATOM   172  O  OG1 . THR A 1 32  ? -2.896  2.391   -13.699 1.00 12.41 ? 60  THR A OG1 1 
ATOM   173  C  CG2 . THR A 1 32  ? -1.997  2.042   -11.506 1.00 11.20 ? 60  THR A CG2 1 
ATOM   174  N  N   . VAL A 1 33  ? -2.562  5.062   -9.906  1.00 11.26 ? 61  VAL A N   1 
ATOM   175  C  CA  . VAL A 1 33  ? -1.781  5.625   -8.815  1.00 11.27 ? 61  VAL A CA  1 
ATOM   176  C  C   . VAL A 1 33  ? -1.198  4.490   -7.965  1.00 11.16 ? 61  VAL A C   1 
ATOM   177  O  O   . VAL A 1 33  ? -1.937  3.668   -7.441  1.00 11.22 ? 61  VAL A O   1 
ATOM   178  C  CB  . VAL A 1 33  ? -2.640  6.626   -7.964  1.00 11.07 ? 61  VAL A CB  1 
ATOM   179  C  CG1 . VAL A 1 33  ? -1.924  7.035   -6.700  1.00 11.50 ? 61  VAL A CG1 1 
ATOM   180  C  CG2 . VAL A 1 33  ? -2.981  7.869   -8.791  1.00 10.89 ? 61  VAL A CG2 1 
ATOM   181  N  N   . VAL A 1 34  ? 0.127   4.449   -7.841  1.00 11.25 ? 62  VAL A N   1 
ATOM   182  C  CA  . VAL A 1 34  ? 0.798   3.422   -7.049  1.00 11.49 ? 62  VAL A CA  1 
ATOM   183  C  C   . VAL A 1 34  ? 1.502   4.010   -5.825  1.00 11.36 ? 62  VAL A C   1 
ATOM   184  O  O   . VAL A 1 34  ? 2.328   4.908   -5.961  1.00 11.29 ? 62  VAL A O   1 
ATOM   185  C  CB  . VAL A 1 34  ? 1.850   2.632   -7.877  1.00 11.71 ? 62  VAL A CB  1 
ATOM   186  C  CG1 . VAL A 1 34  ? 2.452   1.481   -7.045  1.00 11.79 ? 62  VAL A CG1 1 
ATOM   187  C  CG2 . VAL A 1 34  ? 1.240   2.096   -9.157  1.00 12.19 ? 62  VAL A CG2 1 
ATOM   188  N  N   . GLU A 1 35  ? 1.168   3.486   -4.644  1.00 10.95 ? 63  GLU A N   1 
ATOM   189  C  CA  . GLU A 1 35  ? 1.914   3.778   -3.430  1.00 10.85 ? 63  GLU A CA  1 
ATOM   190  C  C   . GLU A 1 35  ? 2.920   2.674   -3.110  1.00 10.76 ? 63  GLU A C   1 
ATOM   191  O  O   . GLU A 1 35  ? 2.561   1.496   -3.005  1.00 10.92 ? 63  GLU A O   1 
ATOM   192  C  CB  . GLU A 1 35  ? 0.984   3.969   -2.231  1.00 10.83 ? 63  GLU A CB  1 
ATOM   193  C  CG  . GLU A 1 35  ? 1.745   4.249   -0.923  1.00 10.65 ? 63  GLU A CG  1 
ATOM   194  C  CD  . GLU A 1 35  ? 0.849   4.346   0.293   1.00 11.10 ? 63  GLU A CD  1 
ATOM   195  O  OE1 . GLU A 1 35  ? -0.377  4.135   0.169   1.00 12.54 ? 63  GLU A OE1 1 
ATOM   196  O  OE2 . GLU A 1 35  ? 1.374   4.627   1.390   1.00 10.32 ? 63  GLU A OE2 1 
ATOM   197  N  N   . PHE A 1 36  ? 4.181   3.066   -2.967  1.00 10.48 ? 64  PHE A N   1 
ATOM   198  C  CA  . PHE A 1 36  ? 5.185   2.225   -2.338  1.00 10.22 ? 64  PHE A CA  1 
ATOM   199  C  C   . PHE A 1 36  ? 5.216   2.608   -0.866  1.00 10.31 ? 64  PHE A C   1 
ATOM   200  O  O   . PHE A 1 36  ? 5.696   3.673   -0.495  1.00 10.31 ? 64  PHE A O   1 
ATOM   201  C  CB  . PHE A 1 36  ? 6.550   2.404   -3.010  1.00 10.16 ? 64  PHE A CB  1 
ATOM   202  C  CG  . PHE A 1 36  ? 6.603   1.854   -4.414  1.00 10.15 ? 64  PHE A CG  1 
ATOM   203  C  CD1 . PHE A 1 36  ? 7.127   0.583   -4.656  1.00 9.43  ? 64  PHE A CD1 1 
ATOM   204  C  CD2 . PHE A 1 36  ? 6.103   2.594   -5.488  1.00 9.19  ? 64  PHE A CD2 1 
ATOM   205  C  CE1 . PHE A 1 36  ? 7.173   0.054   -5.949  1.00 9.61  ? 64  PHE A CE1 1 
ATOM   206  C  CE2 . PHE A 1 36  ? 6.136   2.077   -6.787  1.00 9.28  ? 64  PHE A CE2 1 
ATOM   207  C  CZ  . PHE A 1 36  ? 6.673   0.804   -7.019  1.00 10.42 ? 64  PHE A CZ  1 
ATOM   208  N  N   . GLY A 1 37  ? 4.669   1.744   -0.026  1.00 10.49 ? 65  GLY A N   1 
ATOM   209  C  CA  . GLY A 1 37  ? 4.515   2.081   1.373   1.00 10.76 ? 65  GLY A CA  1 
ATOM   210  C  C   . GLY A 1 37  ? 4.929   0.998   2.334   1.00 10.62 ? 65  GLY A C   1 
ATOM   211  O  O   . GLY A 1 37  ? 5.343   -0.079  1.940   1.00 11.17 ? 65  GLY A O   1 
ATOM   212  N  N   . ASP A 1 38  ? 4.786   1.300   3.612   1.00 10.91 ? 66  ASP A N   1 
ATOM   213  C  CA  . ASP A 1 38  ? 5.262   0.455   4.681   1.00 11.18 ? 66  ASP A CA  1 
ATOM   214  C  C   . ASP A 1 38  ? 4.284   0.652   5.834   1.00 11.31 ? 66  ASP A C   1 
ATOM   215  O  O   . ASP A 1 38  ? 4.059   1.777   6.277   1.00 11.63 ? 66  ASP A O   1 
ATOM   216  C  CB  . ASP A 1 38  ? 6.686   0.905   5.056   1.00 11.24 ? 66  ASP A CB  1 
ATOM   217  C  CG  . ASP A 1 38  ? 7.308   0.085   6.180   1.00 11.47 ? 66  ASP A CG  1 
ATOM   218  O  OD1 . ASP A 1 38  ? 6.623   -0.713  6.843   1.00 10.63 ? 66  ASP A OD1 1 
ATOM   219  O  OD2 . ASP A 1 38  ? 8.516   0.270   6.411   1.00 13.59 ? 66  ASP A OD2 1 
ATOM   220  N  N   . TYR A 1 39  ? 3.691   -0.440  6.300   1.00 11.18 ? 67  TYR A N   1 
ATOM   221  C  CA  . TYR A 1 39  ? 2.739   -0.395  7.401   1.00 11.50 ? 67  TYR A CA  1 
ATOM   222  C  C   . TYR A 1 39  ? 3.265   0.207   8.726   1.00 11.44 ? 67  TYR A C   1 
ATOM   223  O  O   . TYR A 1 39  ? 2.454   0.582   9.596   1.00 11.36 ? 67  TYR A O   1 
ATOM   224  C  CB  . TYR A 1 39  ? 2.123   -1.777  7.629   1.00 11.68 ? 67  TYR A CB  1 
ATOM   225  C  CG  . TYR A 1 39  ? 1.177   -2.210  6.525   1.00 12.46 ? 67  TYR A CG  1 
ATOM   226  C  CD1 . TYR A 1 39  ? -0.095  -1.649  6.415   1.00 12.29 ? 67  TYR A CD1 1 
ATOM   227  C  CD2 . TYR A 1 39  ? 1.561   -3.173  5.586   1.00 12.69 ? 67  TYR A CD2 1 
ATOM   228  C  CE1 . TYR A 1 39  ? -0.970  -2.040  5.404   1.00 13.34 ? 67  TYR A CE1 1 
ATOM   229  C  CE2 . TYR A 1 39  ? 0.699   -3.563  4.565   1.00 13.17 ? 67  TYR A CE2 1 
ATOM   230  C  CZ  . TYR A 1 39  ? -0.568  -2.998  4.481   1.00 13.72 ? 67  TYR A CZ  1 
ATOM   231  O  OH  . TYR A 1 39  ? -1.435  -3.393  3.482   1.00 13.30 ? 67  TYR A OH  1 
ATOM   232  N  N   . LYS A 1 40  ? 4.593   0.298   8.874   1.00 10.82 ? 68  LYS A N   1 
ATOM   233  C  CA  . LYS A 1 40  ? 5.218   0.984   10.024  1.00 10.94 ? 68  LYS A CA  1 
ATOM   234  C  C   . LYS A 1 40  ? 5.715   2.412   9.713   1.00 10.92 ? 68  LYS A C   1 
ATOM   235  O  O   . LYS A 1 40  ? 6.327   3.061   10.558  1.00 11.39 ? 68  LYS A O   1 
ATOM   236  C  CB  . LYS A 1 40  ? 6.380   0.167   10.606  1.00 10.91 ? 68  LYS A CB  1 
ATOM   237  C  CG  . LYS A 1 40  ? 6.047   -1.246  11.106  1.00 11.20 ? 68  LYS A CG  1 
ATOM   238  C  CD  . LYS A 1 40  ? 7.291   -1.923  11.713  1.00 10.90 ? 68  LYS A CD  1 
ATOM   239  C  CE  . LYS A 1 40  ? 7.699   -1.305  13.059  1.00 11.30 ? 68  LYS A CE  1 
ATOM   240  N  NZ  . LYS A 1 40  ? 9.129   -1.600  13.397  1.00 11.27 ? 68  LYS A NZ  1 
ATOM   241  N  N   A CYS A 1 41  ? 5.458   2.883   8.500   0.70 10.98 ? 69  CYS A N   1 
ATOM   242  N  N   B CYS A 1 41  ? 5.440   2.883   8.502   0.30 10.79 ? 69  CYS A N   1 
ATOM   243  C  CA  A CYS A 1 41  ? 5.858   4.225   8.056   0.70 10.82 ? 69  CYS A CA  1 
ATOM   244  C  CA  B CYS A 1 41  ? 5.838   4.218   8.069   0.30 10.49 ? 69  CYS A CA  1 
ATOM   245  C  C   A CYS A 1 41  ? 4.829   5.259   8.543   0.70 10.59 ? 69  CYS A C   1 
ATOM   246  C  C   B CYS A 1 41  ? 4.818   5.253   8.556   0.30 10.46 ? 69  CYS A C   1 
ATOM   247  O  O   A CYS A 1 41  ? 3.655   5.177   8.187   0.70 10.88 ? 69  CYS A O   1 
ATOM   248  O  O   B CYS A 1 41  ? 3.644   5.182   8.188   0.30 10.58 ? 69  CYS A O   1 
ATOM   249  C  CB  A CYS A 1 41  ? 6.061   4.203   6.521   0.70 10.77 ? 69  CYS A CB  1 
ATOM   250  C  CB  B CYS A 1 41  ? 5.959   4.237   6.544   0.30 10.40 ? 69  CYS A CB  1 
ATOM   251  S  SG  A CYS A 1 41  ? 5.558   5.601   5.486   0.70 12.46 ? 69  CYS A SG  1 
ATOM   252  S  SG  B CYS A 1 41  ? 6.398   5.799   5.802   0.30 10.20 ? 69  CYS A SG  1 
ATOM   253  N  N   . PRO A 1 42  ? 5.253   6.198   9.413   1.00 10.42 ? 70  PRO A N   1 
ATOM   254  C  CA  . PRO A 1 42  ? 4.334   7.224   9.938   1.00 10.30 ? 70  PRO A CA  1 
ATOM   255  C  C   . PRO A 1 42  ? 3.801   8.230   8.901   1.00 10.39 ? 70  PRO A C   1 
ATOM   256  O  O   . PRO A 1 42  ? 2.767   8.862   9.129   1.00 9.78  ? 70  PRO A O   1 
ATOM   257  C  CB  . PRO A 1 42  ? 5.162   7.944   11.016  1.00 10.47 ? 70  PRO A CB  1 
ATOM   258  C  CG  . PRO A 1 42  ? 6.564   7.633   10.738  1.00 10.27 ? 70  PRO A CG  1 
ATOM   259  C  CD  . PRO A 1 42  ? 6.615   6.338   9.977   1.00 10.48 ? 70  PRO A CD  1 
ATOM   260  N  N   . SER A 1 43  ? 4.512   8.373   7.784   1.00 10.58 ? 71  SER A N   1 
ATOM   261  C  CA  . SER A 1 43  ? 4.059   9.197   6.667   1.00 10.80 ? 71  SER A CA  1 
ATOM   262  C  C   . SER A 1 43  ? 2.984   8.469   5.856   1.00 11.18 ? 71  SER A C   1 
ATOM   263  O  O   . SER A 1 43  ? 2.086   9.097   5.294   1.00 11.30 ? 71  SER A O   1 
ATOM   264  C  CB  . SER A 1 43  ? 5.253   9.604   5.801   1.00 10.98 ? 71  SER A CB  1 
ATOM   265  O  OG  . SER A 1 43  ? 6.028   10.613  6.460   1.00 10.64 ? 71  SER A OG  1 
ATOM   266  N  N   A CYS A 1 44  ? 3.075   7.141   5.823   0.70 11.54 ? 72  CYS A N   1 
ATOM   267  N  N   B CYS A 1 44  ? 3.081   7.141   5.811   0.30 11.20 ? 72  CYS A N   1 
ATOM   268  C  CA  A CYS A 1 44  ? 2.075   6.291   5.174   0.70 11.61 ? 72  CYS A CA  1 
ATOM   269  C  CA  B CYS A 1 44  ? 2.068   6.302   5.166   0.30 11.12 ? 72  CYS A CA  1 
ATOM   270  C  C   A CYS A 1 44  ? 0.780   6.240   5.986   0.70 11.53 ? 72  CYS A C   1 
ATOM   271  C  C   B CYS A 1 44  ? 0.777   6.253   5.985   0.30 11.18 ? 72  CYS A C   1 
ATOM   272  O  O   A CYS A 1 44  ? -0.317  6.090   5.422   0.70 11.82 ? 72  CYS A O   1 
ATOM   273  O  O   B CYS A 1 44  ? -0.317  6.114   5.426   0.30 11.31 ? 72  CYS A O   1 
ATOM   274  C  CB  A CYS A 1 44  ? 2.632   4.884   4.989   0.70 11.48 ? 72  CYS A CB  1 
ATOM   275  C  CB  B CYS A 1 44  ? 2.603   4.890   4.943   0.30 11.01 ? 72  CYS A CB  1 
ATOM   276  S  SG  A CYS A 1 44  ? 4.221   4.829   4.146   0.70 12.28 ? 72  CYS A SG  1 
ATOM   277  S  SG  B CYS A 1 44  ? 4.046   4.802   3.873   0.30 10.63 ? 72  CYS A SG  1 
ATOM   278  N  N   . LYS A 1 45  ? 0.917   6.360   7.307   1.00 11.06 ? 73  LYS A N   1 
ATOM   279  C  CA  . LYS A 1 45  ? -0.228  6.485   8.216   1.00 11.15 ? 73  LYS A CA  1 
ATOM   280  C  C   . LYS A 1 45  ? -0.962  7.805   7.923   1.00 11.28 ? 73  LYS A C   1 
ATOM   281  O  O   . LYS A 1 45  ? -2.191  7.835   7.843   1.00 11.45 ? 73  LYS A O   1 
ATOM   282  C  CB  . LYS A 1 45  ? 0.229   6.425   9.682   1.00 10.76 ? 73  LYS A CB  1 
ATOM   283  C  CG  . LYS A 1 45  ? -0.890  6.646   10.716  1.00 11.04 ? 73  LYS A CG  1 
ATOM   284  C  CD  . LYS A 1 45  ? -0.359  6.573   12.142  1.00 10.17 ? 73  LYS A CD  1 
ATOM   285  C  CE  . LYS A 1 45  ? -1.456  6.830   13.187  1.00 11.81 ? 73  LYS A CE  1 
ATOM   286  N  NZ  . LYS A 1 45  ? -2.400  5.691   13.310  1.00 12.31 ? 73  LYS A NZ  1 
ATOM   287  N  N   . VAL A 1 46  ? -0.189  8.879   7.754   1.00 11.21 ? 74  VAL A N   1 
ATOM   288  C  CA  . VAL A 1 46  ? -0.707  10.192  7.353   1.00 11.07 ? 74  VAL A CA  1 
ATOM   289  C  C   . VAL A 1 46  ? -1.305  10.195  5.935   1.00 11.14 ? 74  VAL A C   1 
ATOM   290  O  O   . VAL A 1 46  ? -2.367  10.754  5.718   1.00 11.45 ? 74  VAL A O   1 
ATOM   291  C  CB  . VAL A 1 46  ? 0.387   11.297  7.496   1.00 10.92 ? 74  VAL A CB  1 
ATOM   292  C  CG1 . VAL A 1 46  ? -0.069  12.609  6.861   1.00 11.03 ? 74  VAL A CG1 1 
ATOM   293  C  CG2 . VAL A 1 46  ? 0.731   11.515  8.973   1.00 9.79  ? 74  VAL A CG2 1 
ATOM   294  N  N   . PHE A 1 47  ? -0.626  9.576   4.974   1.00 11.34 ? 75  PHE A N   1 
ATOM   295  C  CA  . PHE A 1 47  ? -1.161  9.477   3.618   1.00 11.42 ? 75  PHE A CA  1 
ATOM   296  C  C   . PHE A 1 47  ? -2.542  8.784   3.642   1.00 11.95 ? 75  PHE A C   1 
ATOM   297  O  O   . PHE A 1 47  ? -3.497  9.270   3.019   1.00 11.90 ? 75  PHE A O   1 
ATOM   298  C  CB  . PHE A 1 47  ? -0.163  8.738   2.705   1.00 11.18 ? 75  PHE A CB  1 
ATOM   299  C  CG  . PHE A 1 47  ? -0.682  8.470   1.313   1.00 10.64 ? 75  PHE A CG  1 
ATOM   300  C  CD1 . PHE A 1 47  ? -0.520  9.419   0.300   1.00 9.28  ? 75  PHE A CD1 1 
ATOM   301  C  CD2 . PHE A 1 47  ? -1.321  7.269   1.010   1.00 9.37  ? 75  PHE A CD2 1 
ATOM   302  C  CE1 . PHE A 1 47  ? -0.995  9.184   -0.971  1.00 8.61  ? 75  PHE A CE1 1 
ATOM   303  C  CE2 . PHE A 1 47  ? -1.800  7.023   -0.268  1.00 9.73  ? 75  PHE A CE2 1 
ATOM   304  C  CZ  . PHE A 1 47  ? -1.636  7.980   -1.263  1.00 9.49  ? 75  PHE A CZ  1 
ATOM   305  N  N   . ASN A 1 48  ? -2.631  7.664   4.374   1.00 12.39 ? 76  ASN A N   1 
ATOM   306  C  CA  . ASN A 1 48  ? -3.871  6.891   4.521   1.00 13.06 ? 76  ASN A CA  1 
ATOM   307  C  C   . ASN A 1 48  ? -5.057  7.715   5.007   1.00 13.54 ? 76  ASN A C   1 
ATOM   308  O  O   . ASN A 1 48  ? -6.158  7.600   4.475   1.00 13.61 ? 76  ASN A O   1 
ATOM   309  C  CB  . ASN A 1 48  ? -3.668  5.695   5.466   1.00 13.23 ? 76  ASN A CB  1 
ATOM   310  C  CG  . ASN A 1 48  ? -4.936  4.857   5.633   1.00 14.31 ? 76  ASN A CG  1 
ATOM   311  O  OD1 . ASN A 1 48  ? -5.350  4.150   4.713   1.00 14.77 ? 76  ASN A OD1 1 
ATOM   312  N  ND2 . ASN A 1 48  ? -5.556  4.938   6.809   1.00 13.96 ? 76  ASN A ND2 1 
ATOM   313  N  N   . SER A 1 49  ? -4.830  8.550   6.016   1.00 14.14 ? 77  SER A N   1 
ATOM   314  C  CA  . SER A 1 49  ? -5.923  9.306   6.625   1.00 14.40 ? 77  SER A CA  1 
ATOM   315  C  C   . SER A 1 49  ? -6.192  10.632  5.908   1.00 14.89 ? 77  SER A C   1 
ATOM   316  O  O   . SER A 1 49  ? -7.351  10.992  5.671   1.00 14.36 ? 77  SER A O   1 
ATOM   317  C  CB  . SER A 1 49  ? -5.649  9.545   8.110   1.00 14.16 ? 77  SER A CB  1 
ATOM   318  O  OG  . SER A 1 49  ? -4.452  10.279  8.285   1.00 14.65 ? 77  SER A OG  1 
ATOM   319  N  N   . ASP A 1 50  ? -5.118  11.343  5.559   1.00 15.44 ? 78  ASP A N   1 
ATOM   320  C  CA  . ASP A 1 50  ? -5.235  12.703  5.037   1.00 16.29 ? 78  ASP A CA  1 
ATOM   321  C  C   . ASP A 1 50  ? -5.335  12.810  3.508   1.00 16.55 ? 78  ASP A C   1 
ATOM   322  O  O   . ASP A 1 50  ? -6.061  13.671  3.001   1.00 16.90 ? 78  ASP A O   1 
ATOM   323  C  CB  . ASP A 1 50  ? -4.098  13.589  5.567   1.00 16.70 ? 78  ASP A CB  1 
ATOM   324  C  CG  . ASP A 1 50  ? -4.060  13.675  7.113   1.00 18.22 ? 78  ASP A CG  1 
ATOM   325  O  OD1 . ASP A 1 50  ? -4.983  13.177  7.806   1.00 19.81 ? 78  ASP A OD1 1 
ATOM   326  O  OD2 . ASP A 1 50  ? -3.084  14.254  7.637   1.00 19.61 ? 78  ASP A OD2 1 
ATOM   327  N  N   . ILE A 1 51  ? -4.623  11.953  2.775   1.00 16.55 ? 79  ILE A N   1 
ATOM   328  C  CA  . ILE A 1 51  ? -4.554  12.076  1.307   1.00 16.51 ? 79  ILE A CA  1 
ATOM   329  C  C   . ILE A 1 51  ? -5.419  11.049  0.558   1.00 16.57 ? 79  ILE A C   1 
ATOM   330  O  O   . ILE A 1 51  ? -6.183  11.397  -0.351  1.00 16.43 ? 79  ILE A O   1 
ATOM   331  C  CB  . ILE A 1 51  ? -3.093  11.976  0.761   1.00 16.79 ? 79  ILE A CB  1 
ATOM   332  C  CG1 . ILE A 1 51  ? -2.075  12.703  1.669   1.00 15.76 ? 79  ILE A CG1 1 
ATOM   333  C  CG2 . ILE A 1 51  ? -3.040  12.421  -0.712  1.00 16.19 ? 79  ILE A CG2 1 
ATOM   334  C  CD1 . ILE A 1 51  ? -2.238  14.208  1.769   1.00 17.22 ? 79  ILE A CD1 1 
ATOM   335  N  N   . PHE A 1 52  ? -5.295  9.785   0.949   1.00 16.23 ? 80  PHE A N   1 
ATOM   336  C  CA  . PHE A 1 52  ? -5.974  8.711   0.248   1.00 15.84 ? 80  PHE A CA  1 
ATOM   337  C  C   . PHE A 1 52  ? -7.504  8.896   0.077   1.00 15.52 ? 80  PHE A C   1 
ATOM   338  O  O   . PHE A 1 52  ? -8.013  8.682   -1.022  1.00 15.23 ? 80  PHE A O   1 
ATOM   339  C  CB  . PHE A 1 52  ? -5.621  7.345   0.844   1.00 15.98 ? 80  PHE A CB  1 
ATOM   340  C  CG  . PHE A 1 52  ? -6.285  6.211   0.140   1.00 17.32 ? 80  PHE A CG  1 
ATOM   341  C  CD1 . PHE A 1 52  ? -5.939  5.894   -1.163  1.00 17.77 ? 80  PHE A CD1 1 
ATOM   342  C  CD2 . PHE A 1 52  ? -7.299  5.491   0.758   1.00 19.77 ? 80  PHE A CD2 1 
ATOM   343  C  CE1 . PHE A 1 52  ? -6.577  4.865   -1.833  1.00 18.66 ? 80  PHE A CE1 1 
ATOM   344  C  CE2 . PHE A 1 52  ? -7.930  4.450   0.096   1.00 19.68 ? 80  PHE A CE2 1 
ATOM   345  C  CZ  . PHE A 1 52  ? -7.562  4.139   -1.203  1.00 18.79 ? 80  PHE A CZ  1 
ATOM   346  N  N   . PRO A 1 53  ? -8.231  9.303   1.147   1.00 15.34 ? 81  PRO A N   1 
ATOM   347  C  CA  . PRO A 1 53  ? -9.681  9.525   1.021   1.00 15.20 ? 81  PRO A CA  1 
ATOM   348  C  C   . PRO A 1 53  ? -10.068 10.589  -0.016  1.00 15.12 ? 81  PRO A C   1 
ATOM   349  O  O   . PRO A 1 53  ? -11.137 10.500  -0.613  1.00 15.01 ? 81  PRO A O   1 
ATOM   350  C  CB  . PRO A 1 53  ? -10.085 9.992   2.429   1.00 15.08 ? 81  PRO A CB  1 
ATOM   351  C  CG  . PRO A 1 53  ? -9.054  9.453   3.312   1.00 14.76 ? 81  PRO A CG  1 
ATOM   352  C  CD  . PRO A 1 53  ? -7.786  9.564   2.526   1.00 15.11 ? 81  PRO A CD  1 
ATOM   353  N  N   . LYS A 1 54  ? -9.200  11.575  -0.222  1.00 15.27 ? 82  LYS A N   1 
ATOM   354  C  CA  . LYS A 1 54  ? -9.407  12.591  -1.256  1.00 16.01 ? 82  LYS A CA  1 
ATOM   355  C  C   . LYS A 1 54  ? -9.233  12.012  -2.668  1.00 15.79 ? 82  LYS A C   1 
ATOM   356  O  O   . LYS A 1 54  ? -10.007 12.323  -3.565  1.00 16.20 ? 82  LYS A O   1 
ATOM   357  C  CB  . LYS A 1 54  ? -8.457  13.771  -1.060  1.00 16.18 ? 82  LYS A CB  1 
ATOM   358  C  CG  . LYS A 1 54  ? -8.500  14.425  0.307   1.00 17.34 ? 82  LYS A CG  1 
ATOM   359  C  CD  . LYS A 1 54  ? -7.747  15.735  0.232   1.00 19.70 ? 82  LYS A CD  1 
ATOM   360  C  CE  . LYS A 1 54  ? -7.698  16.434  1.564   1.00 22.28 ? 82  LYS A CE  1 
ATOM   361  N  NZ  . LYS A 1 54  ? -7.398  17.883  1.358   1.00 23.65 ? 82  LYS A NZ  1 
ATOM   362  N  N   . ILE A 1 55  ? -8.222  11.166  -2.852  1.00 15.66 ? 83  ILE A N   1 
ATOM   363  C  CA  . ILE A 1 55  ? -8.037  10.429  -4.104  1.00 15.60 ? 83  ILE A CA  1 
ATOM   364  C  C   . ILE A 1 55  ? -9.250  9.531   -4.421  1.00 15.82 ? 83  ILE A C   1 
ATOM   365  O  O   . ILE A 1 55  ? -9.650  9.405   -5.583  1.00 15.65 ? 83  ILE A O   1 
ATOM   366  C  CB  . ILE A 1 55  ? -6.726  9.572   -4.087  1.00 15.36 ? 83  ILE A CB  1 
ATOM   367  C  CG1 . ILE A 1 55  ? -5.505  10.452  -3.787  1.00 14.88 ? 83  ILE A CG1 1 
ATOM   368  C  CG2 . ILE A 1 55  ? -6.557  8.791   -5.406  1.00 14.93 ? 83  ILE A CG2 1 
ATOM   369  C  CD1 . ILE A 1 55  ? -4.165  9.720   -3.803  1.00 13.22 ? 83  ILE A CD1 1 
ATOM   370  N  N   A GLN A 1 56  ? -9.804  8.907   -3.381  0.50 16.21 ? 84  GLN A N   1 
ATOM   371  N  N   B GLN A 1 56  ? -9.820  8.906   -3.393  0.50 16.01 ? 84  GLN A N   1 
ATOM   372  C  CA  A GLN A 1 56  ? -10.988 8.058   -3.505  0.50 16.63 ? 84  GLN A CA  1 
ATOM   373  C  CA  B GLN A 1 56  ? -10.979 8.037   -3.590  0.50 16.23 ? 84  GLN A CA  1 
ATOM   374  C  C   A GLN A 1 56  ? -12.174 8.848   -4.025  0.50 16.64 ? 84  GLN A C   1 
ATOM   375  C  C   B GLN A 1 56  ? -12.222 8.820   -4.010  0.50 16.41 ? 84  GLN A C   1 
ATOM   376  O  O   A GLN A 1 56  ? -12.746 8.520   -5.069  0.50 16.54 ? 84  GLN A O   1 
ATOM   377  O  O   B GLN A 1 56  ? -12.875 8.464   -4.995  0.50 16.34 ? 84  GLN A O   1 
ATOM   378  C  CB  A GLN A 1 56  ? -11.381 7.479   -2.150  0.50 16.73 ? 84  GLN A CB  1 
ATOM   379  C  CB  B GLN A 1 56  ? -11.256 7.169   -2.355  0.50 16.14 ? 84  GLN A CB  1 
ATOM   380  C  CG  A GLN A 1 56  ? -10.452 6.446   -1.587  0.50 17.33 ? 84  GLN A CG  1 
ATOM   381  C  CG  B GLN A 1 56  ? -12.539 6.348   -2.469  0.50 15.60 ? 84  GLN A CG  1 
ATOM   382  C  CD  A GLN A 1 56  ? -11.037 5.788   -0.356  0.50 18.31 ? 84  GLN A CD  1 
ATOM   383  C  CD  B GLN A 1 56  ? -12.388 4.924   -1.978  0.50 15.25 ? 84  GLN A CD  1 
ATOM   384  O  OE1 A GLN A 1 56  ? -10.523 5.953   0.752   0.50 18.62 ? 84  GLN A OE1 1 
ATOM   385  O  OE1 B GLN A 1 56  ? -11.883 4.676   -0.887  0.50 14.91 ? 84  GLN A OE1 1 
ATOM   386  N  NE2 A GLN A 1 56  ? -12.127 5.046   -0.541  0.50 17.96 ? 84  GLN A NE2 1 
ATOM   387  N  NE2 B GLN A 1 56  ? -12.841 3.974   -2.787  0.50 15.62 ? 84  GLN A NE2 1 
ATOM   388  N  N   . LYS A 1 57  ? -12.533 9.887   -3.275  1.00 16.75 ? 85  LYS A N   1 
ATOM   389  C  CA  . LYS A 1 57  ? -13.699 10.721  -3.578  1.00 17.25 ? 85  LYS A CA  1 
ATOM   390  C  C   . LYS A 1 57  ? -13.603 11.455  -4.907  1.00 16.87 ? 85  LYS A C   1 
ATOM   391  O  O   . LYS A 1 57  ? -14.559 11.430  -5.686  1.00 16.66 ? 85  LYS A O   1 
ATOM   392  C  CB  . LYS A 1 57  ? -13.993 11.690  -2.427  1.00 17.74 ? 85  LYS A CB  1 
ATOM   393  C  CG  . LYS A 1 57  ? -14.326 10.978  -1.112  1.00 20.28 ? 85  LYS A CG  1 
ATOM   394  C  CD  . LYS A 1 57  ? -15.695 10.287  -1.165  1.00 24.10 ? 85  LYS A CD  1 
ATOM   395  C  CE  . LYS A 1 57  ? -15.714 8.999   -0.319  1.00 24.92 ? 85  LYS A CE  1 
ATOM   396  N  NZ  . LYS A 1 57  ? -15.638 7.765   -1.158  1.00 23.21 ? 85  LYS A NZ  1 
ATOM   397  N  N   . ASP A 1 58  ? -12.449 12.068  -5.179  1.00 16.71 ? 86  ASP A N   1 
ATOM   398  C  CA  . ASP A 1 58  ? -12.284 12.916  -6.370  1.00 16.57 ? 86  ASP A CA  1 
ATOM   399  C  C   . ASP A 1 58  ? -12.075 12.126  -7.656  1.00 16.56 ? 86  ASP A C   1 
ATOM   400  O  O   . ASP A 1 58  ? -12.448 12.596  -8.732  1.00 16.58 ? 86  ASP A O   1 
ATOM   401  C  CB  . ASP A 1 58  ? -11.111 13.897  -6.204  1.00 16.96 ? 86  ASP A CB  1 
ATOM   402  C  CG  . ASP A 1 58  ? -11.322 14.899  -5.078  1.00 16.78 ? 86  ASP A CG  1 
ATOM   403  O  OD1 . ASP A 1 58  ? -12.478 15.146  -4.671  1.00 17.67 ? 86  ASP A OD1 1 
ATOM   404  O  OD2 . ASP A 1 58  ? -10.316 15.444  -4.599  1.00 16.21 ? 86  ASP A OD2 1 
ATOM   405  N  N   . PHE A 1 59  ? -11.459 10.945  -7.555  1.00 16.38 ? 87  PHE A N   1 
ATOM   406  C  CA  . PHE A 1 59  ? -11.069 10.199  -8.760  1.00 16.34 ? 87  PHE A CA  1 
ATOM   407  C  C   . PHE A 1 59  ? -11.462 8.720   -8.807  1.00 16.52 ? 87  PHE A C   1 
ATOM   408  O  O   . PHE A 1 59  ? -11.955 8.252   -9.833  1.00 16.51 ? 87  PHE A O   1 
ATOM   409  C  CB  . PHE A 1 59  ? -9.563  10.353  -9.046  1.00 16.17 ? 87  PHE A CB  1 
ATOM   410  C  CG  . PHE A 1 59  ? -9.116  11.777  -9.176  1.00 15.10 ? 87  PHE A CG  1 
ATOM   411  C  CD1 . PHE A 1 59  ? -9.483  12.540  -10.286 1.00 14.11 ? 87  PHE A CD1 1 
ATOM   412  C  CD2 . PHE A 1 59  ? -8.332  12.365  -8.183  1.00 13.63 ? 87  PHE A CD2 1 
ATOM   413  C  CE1 . PHE A 1 59  ? -9.079  13.866  -10.393 1.00 13.96 ? 87  PHE A CE1 1 
ATOM   414  C  CE2 . PHE A 1 59  ? -7.916  13.684  -8.288  1.00 12.99 ? 87  PHE A CE2 1 
ATOM   415  C  CZ  . PHE A 1 59  ? -8.291  14.438  -9.390  1.00 13.40 ? 87  PHE A CZ  1 
ATOM   416  N  N   . ILE A 1 60  ? -11.215 7.982   -7.725  1.00 16.85 ? 88  ILE A N   1 
ATOM   417  C  CA  . ILE A 1 60  ? -11.460 6.536   -7.737  1.00 17.30 ? 88  ILE A CA  1 
ATOM   418  C  C   . ILE A 1 60  ? -12.953 6.237   -7.892  1.00 18.19 ? 88  ILE A C   1 
ATOM   419  O  O   . ILE A 1 60  ? -13.333 5.465   -8.779  1.00 18.03 ? 88  ILE A O   1 
ATOM   420  C  CB  . ILE A 1 60  ? -10.823 5.780   -6.524  1.00 17.05 ? 88  ILE A CB  1 
ATOM   421  C  CG1 . ILE A 1 60  ? -9.298  5.964   -6.511  1.00 17.10 ? 88  ILE A CG1 1 
ATOM   422  C  CG2 . ILE A 1 60  ? -11.150 4.279   -6.578  1.00 16.70 ? 88  ILE A CG2 1 
ATOM   423  C  CD1 . ILE A 1 60  ? -8.607  5.551   -5.208  1.00 16.80 ? 88  ILE A CD1 1 
ATOM   424  N  N   . ASP A 1 61  ? -13.784 6.870   -7.055  1.00 19.00 ? 89  ASP A N   1 
ATOM   425  C  CA  . ASP A 1 61  ? -15.241 6.701   -7.097  1.00 20.07 ? 89  ASP A CA  1 
ATOM   426  C  C   . ASP A 1 61  ? -15.839 6.924   -8.492  1.00 20.37 ? 89  ASP A C   1 
ATOM   427  O  O   . ASP A 1 61  ? -16.783 6.233   -8.879  1.00 20.76 ? 89  ASP A O   1 
ATOM   428  C  CB  . ASP A 1 61  ? -15.938 7.631   -6.090  1.00 20.35 ? 89  ASP A CB  1 
ATOM   429  C  CG  . ASP A 1 61  ? -15.783 7.168   -4.639  1.00 22.18 ? 89  ASP A CG  1 
ATOM   430  O  OD1 . ASP A 1 61  ? -15.247 6.062   -4.390  1.00 23.95 ? 89  ASP A OD1 1 
ATOM   431  O  OD2 . ASP A 1 61  ? -16.209 7.923   -3.732  1.00 24.61 ? 89  ASP A OD2 1 
ATOM   432  N  N   . LYS A 1 62  ? -15.301 7.880   -9.244  1.00 20.51 ? 90  LYS A N   1 
ATOM   433  C  CA  . LYS A 1 62  ? -15.859 8.182   -10.566 1.00 20.70 ? 90  LYS A CA  1 
ATOM   434  C  C   . LYS A 1 62  ? -15.186 7.448   -11.739 1.00 20.19 ? 90  LYS A C   1 
ATOM   435  O  O   . LYS A 1 62  ? -15.551 7.658   -12.904 1.00 19.99 ? 90  LYS A O   1 
ATOM   436  C  CB  . LYS A 1 62  ? -15.979 9.695   -10.812 1.00 21.03 ? 90  LYS A CB  1 
ATOM   437  C  CG  . LYS A 1 62  ? -14.714 10.520  -10.632 1.00 22.36 ? 90  LYS A CG  1 
ATOM   438  C  CD  . LYS A 1 62  ? -14.975 11.998  -10.999 1.00 25.06 ? 90  LYS A CD  1 
ATOM   439  C  CE  . LYS A 1 62  ? -15.181 12.192  -12.517 1.00 27.14 ? 90  LYS A CE  1 
ATOM   440  N  NZ  . LYS A 1 62  ? -15.373 13.620  -12.941 1.00 27.05 ? 90  LYS A NZ  1 
ATOM   441  N  N   . GLY A 1 63  ? -14.232 6.570   -11.419 1.00 19.51 ? 91  GLY A N   1 
ATOM   442  C  CA  . GLY A 1 63  ? -13.607 5.691   -12.411 1.00 18.89 ? 91  GLY A CA  1 
ATOM   443  C  C   . GLY A 1 63  ? -12.407 6.235   -13.172 1.00 18.53 ? 91  GLY A C   1 
ATOM   444  O  O   . GLY A 1 63  ? -12.005 5.669   -14.200 1.00 18.60 ? 91  GLY A O   1 
ATOM   445  N  N   . ASP A 1 64  ? -11.833 7.327   -12.670 1.00 17.91 ? 92  ASP A N   1 
ATOM   446  C  CA  . ASP A 1 64  ? -10.690 7.978   -13.305 1.00 17.19 ? 92  ASP A CA  1 
ATOM   447  C  C   . ASP A 1 64  ? -9.388  7.302   -12.930 1.00 16.40 ? 92  ASP A C   1 
ATOM   448  O  O   . ASP A 1 64  ? -8.463  7.233   -13.730 1.00 16.35 ? 92  ASP A O   1 
ATOM   449  C  CB  . ASP A 1 64  ? -10.592 9.437   -12.852 1.00 17.26 ? 92  ASP A CB  1 
ATOM   450  C  CG  . ASP A 1 64  ? -11.643 10.329  -13.480 1.00 18.61 ? 92  ASP A CG  1 
ATOM   451  O  OD1 . ASP A 1 64  ? -12.003 10.144  -14.675 1.00 17.83 ? 92  ASP A OD1 1 
ATOM   452  O  OD2 . ASP A 1 64  ? -12.091 11.251  -12.763 1.00 20.51 ? 92  ASP A OD2 1 
ATOM   453  N  N   . VAL A 1 65  ? -9.311  6.860   -11.681 1.00 15.87 ? 93  VAL A N   1 
ATOM   454  C  CA  . VAL A 1 65  ? -8.081  6.335   -11.108 1.00 15.21 ? 93  VAL A CA  1 
ATOM   455  C  C   . VAL A 1 65  ? -8.323  4.967   -10.479 1.00 15.37 ? 93  VAL A C   1 
ATOM   456  O  O   . VAL A 1 65  ? -9.323  4.763   -9.773  1.00 14.78 ? 93  VAL A O   1 
ATOM   457  C  CB  . VAL A 1 65  ? -7.496  7.313   -10.029 1.00 15.27 ? 93  VAL A CB  1 
ATOM   458  C  CG1 . VAL A 1 65  ? -6.538  6.602   -9.068  1.00 14.03 ? 93  VAL A CG1 1 
ATOM   459  C  CG2 . VAL A 1 65  ? -6.814  8.492   -10.686 1.00 14.15 ? 93  VAL A CG2 1 
ATOM   460  N  N   . LYS A 1 66  ? -7.417  4.034   -10.765 1.00 15.23 ? 94  LYS A N   1 
ATOM   461  C  CA  . LYS A 1 66  ? -7.281  2.852   -9.928  1.00 15.89 ? 94  LYS A CA  1 
ATOM   462  C  C   . LYS A 1 66  ? -6.023  2.995   -9.084  1.00 15.53 ? 94  LYS A C   1 
ATOM   463  O  O   . LYS A 1 66  ? -5.020  3.572   -9.520  1.00 15.87 ? 94  LYS A O   1 
ATOM   464  C  CB  . LYS A 1 66  ? -7.281  1.546   -10.737 1.00 16.39 ? 94  LYS A CB  1 
ATOM   465  C  CG  . LYS A 1 66  ? -6.253  1.465   -11.856 1.00 18.08 ? 94  LYS A CG  1 
ATOM   466  C  CD  . LYS A 1 66  ? -5.952  0.010   -12.219 1.00 21.20 ? 94  LYS A CD  1 
ATOM   467  C  CE  . LYS A 1 66  ? -6.861  -0.516  -13.311 1.00 23.09 ? 94  LYS A CE  1 
ATOM   468  N  NZ  . LYS A 1 66  ? -6.829  -2.018  -13.350 1.00 25.53 ? 94  LYS A NZ  1 
ATOM   469  N  N   . PHE A 1 67  ? -6.096  2.478   -7.866  1.00 15.12 ? 95  PHE A N   1 
ATOM   470  C  CA  . PHE A 1 67  ? -5.044  2.646   -6.887  1.00 14.50 ? 95  PHE A CA  1 
ATOM   471  C  C   . PHE A 1 67  ? -4.440  1.293   -6.514  1.00 14.36 ? 95  PHE A C   1 
ATOM   472  O  O   . PHE A 1 67  ? -5.160  0.298   -6.384  1.00 14.39 ? 95  PHE A O   1 
ATOM   473  C  CB  . PHE A 1 67  ? -5.618  3.351   -5.651  1.00 14.49 ? 95  PHE A CB  1 
ATOM   474  C  CG  . PHE A 1 67  ? -4.622  3.567   -4.563  1.00 13.99 ? 95  PHE A CG  1 
ATOM   475  C  CD1 . PHE A 1 67  ? -3.772  4.668   -4.590  1.00 14.82 ? 95  PHE A CD1 1 
ATOM   476  C  CD2 . PHE A 1 67  ? -4.523  2.667   -3.513  1.00 13.75 ? 95  PHE A CD2 1 
ATOM   477  C  CE1 . PHE A 1 67  ? -2.841  4.866   -3.591  1.00 13.96 ? 95  PHE A CE1 1 
ATOM   478  C  CE2 . PHE A 1 67  ? -3.604  2.858   -2.511  1.00 14.21 ? 95  PHE A CE2 1 
ATOM   479  C  CZ  . PHE A 1 67  ? -2.750  3.960   -2.551  1.00 14.05 ? 95  PHE A CZ  1 
ATOM   480  N  N   . SER A 1 68  ? -3.119  1.268   -6.333  1.00 13.85 ? 96  SER A N   1 
ATOM   481  C  CA  . SER A 1 68  ? -2.396  0.054   -5.978  1.00 13.43 ? 96  SER A CA  1 
ATOM   482  C  C   . SER A 1 68  ? -1.369  0.339   -4.883  1.00 13.35 ? 96  SER A C   1 
ATOM   483  O  O   . SER A 1 68  ? -0.899  1.474   -4.735  1.00 13.55 ? 96  SER A O   1 
ATOM   484  C  CB  . SER A 1 68  ? -1.722  -0.542  -7.227  1.00 13.78 ? 96  SER A CB  1 
ATOM   485  O  OG  . SER A 1 68  ? -1.173  -1.831  -6.983  1.00 12.60 ? 96  SER A OG  1 
ATOM   486  N  N   . PHE A 1 69  ? -1.038  -0.693  -4.115  1.00 13.18 ? 97  PHE A N   1 
ATOM   487  C  CA  . PHE A 1 69  ? -0.120  -0.582  -2.992  1.00 13.16 ? 97  PHE A CA  1 
ATOM   488  C  C   . PHE A 1 69  ? 0.944   -1.678  -3.099  1.00 13.74 ? 97  PHE A C   1 
ATOM   489  O  O   . PHE A 1 69  ? 0.631   -2.860  -3.293  1.00 13.67 ? 97  PHE A O   1 
ATOM   490  C  CB  . PHE A 1 69  ? -0.886  -0.667  -1.654  1.00 12.80 ? 97  PHE A CB  1 
ATOM   491  C  CG  . PHE A 1 69  ? -0.010  -0.529  -0.420  1.00 12.31 ? 97  PHE A CG  1 
ATOM   492  C  CD1 . PHE A 1 69  ? 0.236   0.727   0.148   1.00 10.34 ? 97  PHE A CD1 1 
ATOM   493  C  CD2 . PHE A 1 69  ? 0.549   -1.662  0.189   1.00 11.56 ? 97  PHE A CD2 1 
ATOM   494  C  CE1 . PHE A 1 69  ? 1.027   0.858   1.294   1.00 10.74 ? 97  PHE A CE1 1 
ATOM   495  C  CE2 . PHE A 1 69  ? 1.343   -1.546  1.341   1.00 9.84  ? 97  PHE A CE2 1 
ATOM   496  C  CZ  . PHE A 1 69  ? 1.588   -0.284  1.894   1.00 10.77 ? 97  PHE A CZ  1 
ATOM   497  N  N   . VAL A 1 70  ? 2.203   -1.265  -2.981  1.00 13.99 ? 98  VAL A N   1 
ATOM   498  C  CA  . VAL A 1 70  ? 3.334   -2.177  -3.008  1.00 14.34 ? 98  VAL A CA  1 
ATOM   499  C  C   . VAL A 1 70  ? 4.083   -2.047  -1.686  1.00 14.86 ? 98  VAL A C   1 
ATOM   500  O  O   . VAL A 1 70  ? 4.390   -0.935  -1.259  1.00 15.40 ? 98  VAL A O   1 
ATOM   501  C  CB  . VAL A 1 70  ? 4.301   -1.847  -4.188  1.00 14.17 ? 98  VAL A CB  1 
ATOM   502  C  CG1 . VAL A 1 70  ? 5.560   -2.702  -4.117  1.00 13.50 ? 98  VAL A CG1 1 
ATOM   503  C  CG2 . VAL A 1 70  ? 3.601   -2.007  -5.531  1.00 13.38 ? 98  VAL A CG2 1 
ATOM   504  N  N   . ASN A 1 71  ? 4.379   -3.181  -1.051  1.00 15.26 ? 99  ASN A N   1 
ATOM   505  C  CA  . ASN A 1 71  ? 5.097   -3.203  0.228   1.00 15.62 ? 99  ASN A CA  1 
ATOM   506  C  C   . ASN A 1 71  ? 6.560   -2.800  0.100   1.00 15.85 ? 99  ASN A C   1 
ATOM   507  O  O   . ASN A 1 71  ? 7.238   -3.175  -0.860  1.00 15.98 ? 99  ASN A O   1 
ATOM   508  C  CB  . ASN A 1 71  ? 5.013   -4.594  0.867   1.00 15.50 ? 99  ASN A CB  1 
ATOM   509  C  CG  . ASN A 1 71  ? 3.592   -4.981  1.250   1.00 15.77 ? 99  ASN A CG  1 
ATOM   510  O  OD1 . ASN A 1 71  ? 3.081   -4.556  2.284   1.00 17.73 ? 99  ASN A OD1 1 
ATOM   511  N  ND2 . ASN A 1 71  ? 2.958   -5.810  0.428   1.00 14.34 ? 99  ASN A ND2 1 
ATOM   512  N  N   . VAL A 1 72  ? 7.041   -2.033  1.075   1.00 16.31 ? 100 VAL A N   1 
ATOM   513  C  CA  . VAL A 1 72  ? 8.466   -1.688  1.175   1.00 16.55 ? 100 VAL A CA  1 
ATOM   514  C  C   . VAL A 1 72  ? 8.953   -1.975  2.590   1.00 16.99 ? 100 VAL A C   1 
ATOM   515  O  O   . VAL A 1 72  ? 8.264   -1.675  3.571   1.00 17.08 ? 100 VAL A O   1 
ATOM   516  C  CB  . VAL A 1 72  ? 8.746   -0.208  0.807   1.00 16.39 ? 100 VAL A CB  1 
ATOM   517  C  CG1 . VAL A 1 72  ? 10.260  0.060   0.719   1.00 15.63 ? 100 VAL A CG1 1 
ATOM   518  C  CG2 . VAL A 1 72  ? 8.061   0.154   -0.510  1.00 16.35 ? 100 VAL A CG2 1 
ATOM   519  N  N   . MET A 1 73  ? 10.148  -2.543  2.690   1.00 17.36 ? 101 MET A N   1 
ATOM   520  C  CA  . MET A 1 73  ? 10.645  -3.044  3.963   1.00 18.05 ? 101 MET A CA  1 
ATOM   521  C  C   . MET A 1 73  ? 11.666  -2.132  4.634   1.00 17.86 ? 101 MET A C   1 
ATOM   522  O  O   . MET A 1 73  ? 12.858  -2.469  4.724   1.00 17.72 ? 101 MET A O   1 
ATOM   523  C  CB  . MET A 1 73  ? 11.244  -4.425  3.755   1.00 18.50 ? 101 MET A CB  1 
ATOM   524  C  CG  . MET A 1 73  ? 10.695  -5.429  4.710   1.00 21.32 ? 101 MET A CG  1 
ATOM   525  S  SD  . MET A 1 73  ? 9.229   -6.189  4.037   1.00 24.83 ? 101 MET A SD  1 
ATOM   526  C  CE  . MET A 1 73  ? 7.961   -4.942  4.174   1.00 24.93 ? 101 MET A CE  1 
ATOM   527  N  N   . PHE A 1 74  ? 11.198  -0.986  5.124   1.00 17.36 ? 102 PHE A N   1 
ATOM   528  C  CA  . PHE A 1 74  ? 12.113  -0.009  5.712   1.00 16.94 ? 102 PHE A CA  1 
ATOM   529  C  C   . PHE A 1 74  ? 12.182  0.006   7.240   1.00 16.62 ? 102 PHE A C   1 
ATOM   530  O  O   . PHE A 1 74  ? 13.072  0.654   7.805   1.00 16.50 ? 102 PHE A O   1 
ATOM   531  C  CB  . PHE A 1 74  ? 11.843  1.404   5.166   1.00 16.87 ? 102 PHE A CB  1 
ATOM   532  C  CG  . PHE A 1 74  ? 12.352  1.632   3.757   1.00 17.35 ? 102 PHE A CG  1 
ATOM   533  C  CD1 . PHE A 1 74  ? 13.283  0.770   3.177   1.00 18.49 ? 102 PHE A CD1 1 
ATOM   534  C  CD2 . PHE A 1 74  ? 11.918  2.740   3.023   1.00 18.01 ? 102 PHE A CD2 1 
ATOM   535  C  CE1 . PHE A 1 74  ? 13.760  0.993   1.870   1.00 19.59 ? 102 PHE A CE1 1 
ATOM   536  C  CE2 . PHE A 1 74  ? 12.396  2.987   1.727   1.00 17.37 ? 102 PHE A CE2 1 
ATOM   537  C  CZ  . PHE A 1 74  ? 13.310  2.114   1.147   1.00 19.18 ? 102 PHE A CZ  1 
ATOM   538  N  N   . HIS A 1 75  ? 11.275  -0.701  7.915   1.00 16.13 ? 103 HIS A N   1 
ATOM   539  C  CA  . HIS A 1 75  ? 11.205  -0.606  9.380   1.00 16.33 ? 103 HIS A CA  1 
ATOM   540  C  C   . HIS A 1 75  ? 11.318  -1.952  10.120  1.00 17.01 ? 103 HIS A C   1 
ATOM   541  O  O   . HIS A 1 75  ? 10.682  -2.176  11.172  1.00 17.12 ? 103 HIS A O   1 
ATOM   542  C  CB  . HIS A 1 75  ? 9.967   0.184   9.822   1.00 15.94 ? 103 HIS A CB  1 
ATOM   543  C  CG  . HIS A 1 75  ? 9.933   1.594   9.308   1.00 15.69 ? 103 HIS A CG  1 
ATOM   544  N  ND1 . HIS A 1 75  ? 10.270  2.681   10.088  1.00 15.46 ? 103 HIS A ND1 1 
ATOM   545  C  CD2 . HIS A 1 75  ? 9.613   2.091   8.090   1.00 14.00 ? 103 HIS A CD2 1 
ATOM   546  C  CE1 . HIS A 1 75  ? 10.156  3.786   9.374   1.00 15.31 ? 103 HIS A CE1 1 
ATOM   547  N  NE2 . HIS A 1 75  ? 9.757   3.456   8.158   1.00 15.98 ? 103 HIS A NE2 1 
ATOM   548  N  N   . GLY A 1 76  ? 12.138  -2.838  9.563   1.00 17.10 ? 104 GLY A N   1 
ATOM   549  C  CA  . GLY A 1 76  ? 12.526  -4.065  10.250  1.00 17.81 ? 104 GLY A CA  1 
ATOM   550  C  C   . GLY A 1 76  ? 11.527  -5.200  10.171  1.00 17.91 ? 104 GLY A C   1 
ATOM   551  O  O   . GLY A 1 76  ? 10.749  -5.293  9.213   1.00 18.14 ? 104 GLY A O   1 
ATOM   552  N  N   . LYS A 1 77  ? 11.551  -6.049  11.200  1.00 18.00 ? 105 LYS A N   1 
ATOM   553  C  CA  A LYS A 1 77  ? 10.772  -7.286  11.218  0.50 17.82 ? 105 LYS A CA  1 
ATOM   554  C  CA  B LYS A 1 77  ? 10.774  -7.284  11.213  0.50 17.81 ? 105 LYS A CA  1 
ATOM   555  C  C   . LYS A 1 77  ? 9.269   -7.016  11.172  1.00 17.66 ? 105 LYS A C   1 
ATOM   556  O  O   . LYS A 1 77  ? 8.525   -7.729  10.497  1.00 17.65 ? 105 LYS A O   1 
ATOM   557  C  CB  A LYS A 1 77  ? 11.129  -8.132  12.446  0.50 17.93 ? 105 LYS A CB  1 
ATOM   558  C  CB  B LYS A 1 77  ? 11.157  -8.177  12.406  0.50 17.91 ? 105 LYS A CB  1 
ATOM   559  C  CG  A LYS A 1 77  ? 10.678  -9.586  12.351  0.50 18.07 ? 105 LYS A CG  1 
ATOM   560  C  CG  B LYS A 1 77  ? 10.822  -7.622  13.793  0.50 18.00 ? 105 LYS A CG  1 
ATOM   561  C  CD  A LYS A 1 77  ? 10.450  -10.198 13.725  0.50 18.31 ? 105 LYS A CD  1 
ATOM   562  C  CD  B LYS A 1 77  ? 10.555  -8.757  14.783  0.50 18.26 ? 105 LYS A CD  1 
ATOM   563  C  CE  A LYS A 1 77  ? 9.891   -11.616 13.610  0.50 18.01 ? 105 LYS A CE  1 
ATOM   564  C  CE  B LYS A 1 77  ? 9.866   -8.250  16.052  0.50 17.61 ? 105 LYS A CE  1 
ATOM   565  N  NZ  A LYS A 1 77  ? 10.964  -12.644 13.483  0.50 17.75 ? 105 LYS A NZ  1 
ATOM   566  N  NZ  B LYS A 1 77  ? 10.853  -7.773  17.059  0.50 16.90 ? 105 LYS A NZ  1 
ATOM   567  N  N   . GLY A 1 78  ? 8.832   -5.984  11.895  1.00 17.35 ? 106 GLY A N   1 
ATOM   568  C  CA  . GLY A 1 78  ? 7.424   -5.589  11.921  1.00 16.66 ? 106 GLY A CA  1 
ATOM   569  C  C   . GLY A 1 78  ? 6.879   -5.245  10.544  1.00 16.21 ? 106 GLY A C   1 
ATOM   570  O  O   . GLY A 1 78  ? 5.707   -5.481  10.267  1.00 16.38 ? 106 GLY A O   1 
ATOM   571  N  N   . SER A 1 79  ? 7.734   -4.703  9.676   1.00 15.80 ? 107 SER A N   1 
ATOM   572  C  CA  . SER A 1 79  ? 7.352   -4.383  8.298   1.00 15.66 ? 107 SER A CA  1 
ATOM   573  C  C   . SER A 1 79  ? 7.120   -5.666  7.500   1.00 15.99 ? 107 SER A C   1 
ATOM   574  O  O   . SER A 1 79  ? 6.205   -5.739  6.677   1.00 15.68 ? 107 SER A O   1 
ATOM   575  C  CB  . SER A 1 79  ? 8.420   -3.521  7.606   1.00 15.42 ? 107 SER A CB  1 
ATOM   576  O  OG  . SER A 1 79  ? 8.508   -2.226  8.171   1.00 14.31 ? 107 SER A OG  1 
ATOM   577  N  N   . ARG A 1 80  ? 7.950   -6.676  7.759   1.00 16.42 ? 108 ARG A N   1 
ATOM   578  C  CA  . ARG A 1 80  ? 7.862   -7.947  7.051   1.00 16.86 ? 108 ARG A CA  1 
ATOM   579  C  C   . ARG A 1 80  ? 6.600   -8.711  7.436   1.00 16.96 ? 108 ARG A C   1 
ATOM   580  O  O   . ARG A 1 80  ? 5.856   -9.164  6.562   1.00 17.49 ? 108 ARG A O   1 
ATOM   581  C  CB  . ARG A 1 80  ? 9.126   -8.798  7.256   1.00 16.96 ? 108 ARG A CB  1 
ATOM   582  C  CG  . ARG A 1 80  ? 9.129   -10.055 6.394   1.00 17.63 ? 108 ARG A CG  1 
ATOM   583  C  CD  . ARG A 1 80  ? 10.297  -10.969 6.701   1.00 19.43 ? 108 ARG A CD  1 
ATOM   584  N  NE  . ARG A 1 80  ? 10.205  -12.221 5.944   1.00 23.21 ? 108 ARG A NE  1 
ATOM   585  C  CZ  . ARG A 1 80  ? 10.522  -12.358 4.650   1.00 24.99 ? 108 ARG A CZ  1 
ATOM   586  N  NH1 . ARG A 1 80  ? 10.956  -11.321 3.937   1.00 25.07 ? 108 ARG A NH1 1 
ATOM   587  N  NH2 . ARG A 1 80  ? 10.399  -13.541 4.063   1.00 25.62 ? 108 ARG A NH2 1 
ATOM   588  N  N   . LEU A 1 81  ? 6.364   -8.838  8.739   1.00 17.20 ? 109 LEU A N   1 
ATOM   589  C  CA  . LEU A 1 81  ? 5.145   -9.460  9.273   1.00 17.43 ? 109 LEU A CA  1 
ATOM   590  C  C   . LEU A 1 81  ? 3.880   -8.839  8.699   1.00 17.08 ? 109 LEU A C   1 
ATOM   591  O  O   . LEU A 1 81  ? 3.004   -9.550  8.199   1.00 17.13 ? 109 LEU A O   1 
ATOM   592  C  CB  . LEU A 1 81  ? 5.101   -9.330  10.805  1.00 17.64 ? 109 LEU A CB  1 
ATOM   593  C  CG  . LEU A 1 81  ? 5.652   -10.467 11.660  1.00 18.58 ? 109 LEU A CG  1 
ATOM   594  C  CD1 . LEU A 1 81  ? 5.879   -9.962  13.067  1.00 20.23 ? 109 LEU A CD1 1 
ATOM   595  C  CD2 . LEU A 1 81  ? 4.704   -11.680 11.644  1.00 17.93 ? 109 LEU A CD2 1 
ATOM   596  N  N   . ALA A 1 82  ? 3.793   -7.510  8.796   1.00 16.82 ? 110 ALA A N   1 
ATOM   597  C  CA  . ALA A 1 82  ? 2.639   -6.754  8.315   1.00 16.36 ? 110 ALA A CA  1 
ATOM   598  C  C   . ALA A 1 82  ? 2.439   -6.925  6.815   1.00 16.15 ? 110 ALA A C   1 
ATOM   599  O  O   . ALA A 1 82  ? 1.297   -7.050  6.354   1.00 16.29 ? 110 ALA A O   1 
ATOM   600  C  CB  . ALA A 1 82  ? 2.770   -5.285  8.679   1.00 16.07 ? 110 ALA A CB  1 
ATOM   601  N  N   . ALA A 1 83  ? 3.543   -6.935  6.066   1.00 15.75 ? 111 ALA A N   1 
ATOM   602  C  CA  . ALA A 1 83  ? 3.508   -7.197  4.625   1.00 16.10 ? 111 ALA A CA  1 
ATOM   603  C  C   . ALA A 1 83  ? 2.961   -8.590  4.315   1.00 16.23 ? 111 ALA A C   1 
ATOM   604  O  O   . ALA A 1 83  ? 2.125   -8.743  3.423   1.00 15.93 ? 111 ALA A O   1 
ATOM   605  C  CB  . ALA A 1 83  ? 4.891   -7.025  4.010   1.00 15.84 ? 111 ALA A CB  1 
ATOM   606  N  N   . LEU A 1 84  ? 3.444   -9.587  5.064   1.00 16.84 ? 112 LEU A N   1 
ATOM   607  C  CA  . LEU A 1 84  ? 3.028   -10.983 4.915   1.00 17.32 ? 112 LEU A CA  1 
ATOM   608  C  C   . LEU A 1 84  ? 1.537   -11.164 5.159   1.00 17.82 ? 112 LEU A C   1 
ATOM   609  O  O   . LEU A 1 84  ? 0.852   -11.822 4.371   1.00 18.19 ? 112 LEU A O   1 
ATOM   610  C  CB  . LEU A 1 84  ? 3.828   -11.897 5.858   1.00 17.23 ? 112 LEU A CB  1 
ATOM   611  C  CG  . LEU A 1 84  ? 5.281   -12.184 5.488   1.00 16.23 ? 112 LEU A CG  1 
ATOM   612  C  CD1 . LEU A 1 84  ? 6.043   -12.774 6.669   1.00 15.93 ? 112 LEU A CD1 1 
ATOM   613  C  CD2 . LEU A 1 84  ? 5.335   -13.105 4.278   1.00 15.62 ? 112 LEU A CD2 1 
ATOM   614  N  N   . ALA A 1 85  ? 1.042   -10.568 6.243   1.00 18.14 ? 113 ALA A N   1 
ATOM   615  C  CA  . ALA A 1 85  ? -0.389  -10.592 6.564   1.00 18.35 ? 113 ALA A CA  1 
ATOM   616  C  C   . ALA A 1 85  ? -1.198  -9.873  5.491   1.00 18.37 ? 113 ALA A C   1 
ATOM   617  O  O   . ALA A 1 85  ? -2.297  -10.305 5.133   1.00 18.29 ? 113 ALA A O   1 
ATOM   618  C  CB  . ALA A 1 85  ? -0.638  -9.969  7.923   1.00 18.14 ? 113 ALA A CB  1 
ATOM   619  N  N   . SER A 1 86  ? -0.636  -8.782  4.976   1.00 18.55 ? 114 SER A N   1 
ATOM   620  C  CA  . SER A 1 86  ? -1.270  -8.012  3.907   1.00 18.69 ? 114 SER A CA  1 
ATOM   621  C  C   . SER A 1 86  ? -1.421  -8.856  2.640   1.00 18.64 ? 114 SER A C   1 
ATOM   622  O  O   . SER A 1 86  ? -2.493  -8.898  2.045   1.00 18.32 ? 114 SER A O   1 
ATOM   623  C  CB  . SER A 1 86  ? -0.469  -6.740  3.616   1.00 18.44 ? 114 SER A CB  1 
ATOM   624  O  OG  . SER A 1 86  ? -1.124  -5.941  2.647   1.00 19.19 ? 114 SER A OG  1 
ATOM   625  N  N   . GLU A 1 87  ? -0.336  -9.530  2.253   1.00 18.88 ? 115 GLU A N   1 
ATOM   626  C  CA  . GLU A 1 87  ? -0.296  -10.378 1.063   1.00 19.02 ? 115 GLU A CA  1 
ATOM   627  C  C   . GLU A 1 87  ? -1.300  -11.522 1.109   1.00 19.29 ? 115 GLU A C   1 
ATOM   628  O  O   . GLU A 1 87  ? -1.948  -11.831 0.107   1.00 19.28 ? 115 GLU A O   1 
ATOM   629  C  CB  . GLU A 1 87  ? 1.123   -10.925 0.846   1.00 19.22 ? 115 GLU A CB  1 
ATOM   630  C  CG  . GLU A 1 87  ? 2.081   -9.906  0.250   1.00 19.13 ? 115 GLU A CG  1 
ATOM   631  C  CD  . GLU A 1 87  ? 1.530   -9.265  -1.012  1.00 19.59 ? 115 GLU A CD  1 
ATOM   632  O  OE1 . GLU A 1 87  ? 0.734   -9.908  -1.739  1.00 20.33 ? 115 GLU A OE1 1 
ATOM   633  O  OE2 . GLU A 1 87  ? 1.888   -8.110  -1.283  1.00 19.42 ? 115 GLU A OE2 1 
ATOM   634  N  N   . GLU A 1 88  ? -1.419  -12.147 2.277   1.00 19.48 ? 116 GLU A N   1 
ATOM   635  C  CA  . GLU A 1 88  ? -2.446  -13.164 2.514   1.00 19.70 ? 116 GLU A CA  1 
ATOM   636  C  C   . GLU A 1 88  ? -3.885  -12.652 2.330   1.00 19.55 ? 116 GLU A C   1 
ATOM   637  O  O   . GLU A 1 88  ? -4.687  -13.294 1.651   1.00 19.47 ? 116 GLU A O   1 
ATOM   638  C  CB  . GLU A 1 88  ? -2.277  -13.793 3.899   1.00 19.58 ? 116 GLU A CB  1 
ATOM   639  C  CG  . GLU A 1 88  ? -3.472  -14.635 4.322   1.00 20.18 ? 116 GLU A CG  1 
ATOM   640  C  CD  . GLU A 1 88  ? -3.142  -15.666 5.384   1.00 20.61 ? 116 GLU A CD  1 
ATOM   641  O  OE1 . GLU A 1 88  ? -1.977  -15.728 5.828   1.00 18.43 ? 116 GLU A OE1 1 
ATOM   642  O  OE2 . GLU A 1 88  ? -4.065  -16.412 5.771   1.00 21.41 ? 116 GLU A OE2 1 
ATOM   643  N  N   . VAL A 1 89  ? -4.211  -11.512 2.936   1.00 19.42 ? 117 VAL A N   1 
ATOM   644  C  CA  . VAL A 1 89  ? -5.553  -10.932 2.792   1.00 19.26 ? 117 VAL A CA  1 
ATOM   645  C  C   . VAL A 1 89  ? -5.907  -10.691 1.321   1.00 19.48 ? 117 VAL A C   1 
ATOM   646  O  O   . VAL A 1 89  ? -6.988  -11.071 0.881   1.00 19.73 ? 117 VAL A O   1 
ATOM   647  C  CB  . VAL A 1 89  ? -5.742  -9.608  3.608   1.00 19.42 ? 117 VAL A CB  1 
ATOM   648  C  CG1 . VAL A 1 89  ? -7.165  -9.073  3.452   1.00 18.27 ? 117 VAL A CG1 1 
ATOM   649  C  CG2 . VAL A 1 89  ? -5.401  -9.811  5.086   1.00 18.84 ? 117 VAL A CG2 1 
ATOM   650  N  N   . TRP A 1 90  ? -5.003  -10.069 0.565   1.00 19.50 ? 118 TRP A N   1 
ATOM   651  C  CA  . TRP A 1 90  ? -5.255  -9.824  -0.856  1.00 19.73 ? 118 TRP A CA  1 
ATOM   652  C  C   . TRP A 1 90  ? -5.515  -11.126 -1.632  1.00 20.14 ? 118 TRP A C   1 
ATOM   653  O  O   . TRP A 1 90  ? -6.420  -11.189 -2.464  1.00 19.72 ? 118 TRP A O   1 
ATOM   654  C  CB  . TRP A 1 90  ? -4.120  -9.020  -1.510  1.00 19.57 ? 118 TRP A CB  1 
ATOM   655  C  CG  . TRP A 1 90  ? -4.336  -8.875  -2.984  1.00 19.05 ? 118 TRP A CG  1 
ATOM   656  C  CD1 . TRP A 1 90  ? -3.628  -9.484  -3.982  1.00 18.89 ? 118 TRP A CD1 1 
ATOM   657  C  CD2 . TRP A 1 90  ? -5.369  -8.120  -3.628  1.00 18.30 ? 118 TRP A CD2 1 
ATOM   658  N  NE1 . TRP A 1 90  ? -4.141  -9.134  -5.208  1.00 18.01 ? 118 TRP A NE1 1 
ATOM   659  C  CE2 . TRP A 1 90  ? -5.215  -8.305  -5.020  1.00 18.14 ? 118 TRP A CE2 1 
ATOM   660  C  CE3 . TRP A 1 90  ? -6.402  -7.293  -3.163  1.00 18.08 ? 118 TRP A CE3 1 
ATOM   661  C  CZ2 . TRP A 1 90  ? -6.053  -7.692  -5.955  1.00 18.39 ? 118 TRP A CZ2 1 
ATOM   662  C  CZ3 . TRP A 1 90  ? -7.237  -6.687  -4.089  1.00 18.58 ? 118 TRP A CZ3 1 
ATOM   663  C  CH2 . TRP A 1 90  ? -7.057  -6.888  -5.471  1.00 19.09 ? 118 TRP A CH2 1 
ATOM   664  N  N   . LYS A 1 91  ? -4.711  -12.150 -1.344  1.00 20.94 ? 119 LYS A N   1 
ATOM   665  C  CA  . LYS A 1 91  ? -4.860  -13.469 -1.955  1.00 21.52 ? 119 LYS A CA  1 
ATOM   666  C  C   . LYS A 1 91  ? -6.134  -14.179 -1.502  1.00 21.43 ? 119 LYS A C   1 
ATOM   667  O  O   . LYS A 1 91  ? -6.942  -14.585 -2.330  1.00 21.53 ? 119 LYS A O   1 
ATOM   668  C  CB  . LYS A 1 91  ? -3.635  -14.342 -1.675  1.00 21.68 ? 119 LYS A CB  1 
ATOM   669  C  CG  . LYS A 1 91  ? -3.726  -15.756 -2.253  1.00 23.30 ? 119 LYS A CG  1 
ATOM   670  C  CD  . LYS A 1 91  ? -3.655  -15.756 -3.764  1.00 25.93 ? 119 LYS A CD  1 
ATOM   671  C  CE  . LYS A 1 91  ? -4.516  -16.865 -4.361  1.00 27.63 ? 119 LYS A CE  1 
ATOM   672  N  NZ  . LYS A 1 91  ? -4.334  -16.950 -5.843  1.00 28.82 ? 119 LYS A NZ  1 
ATOM   673  N  N   . GLU A 1 92  ? -6.315  -14.307 -0.190  1.00 21.77 ? 120 GLU A N   1 
ATOM   674  C  CA  . GLU A 1 92  ? -7.429  -15.079 0.367   1.00 22.00 ? 120 GLU A CA  1 
ATOM   675  C  C   . GLU A 1 92  ? -8.767  -14.326 0.462   1.00 22.21 ? 120 GLU A C   1 
ATOM   676  O  O   . GLU A 1 92  ? -9.825  -14.951 0.365   1.00 22.53 ? 120 GLU A O   1 
ATOM   677  C  CB  . GLU A 1 92  ? -7.040  -15.693 1.717   1.00 22.03 ? 120 GLU A CB  1 
ATOM   678  C  CG  . GLU A 1 92  ? -5.936  -16.755 1.618   1.00 22.24 ? 120 GLU A CG  1 
ATOM   679  C  CD  . GLU A 1 92  ? -5.485  -17.288 2.963   1.00 23.09 ? 120 GLU A CD  1 
ATOM   680  O  OE1 . GLU A 1 92  ? -5.907  -16.740 3.998   1.00 24.92 ? 120 GLU A OE1 1 
ATOM   681  O  OE2 . GLU A 1 92  ? -4.697  -18.257 3.000   1.00 24.18 ? 120 GLU A OE2 1 
ATOM   682  N  N   . ASP A 1 93  ? -8.740  -13.005 0.647   1.00 22.09 ? 121 ASP A N   1 
ATOM   683  C  CA  . ASP A 1 93  ? -9.992  -12.232 0.739   1.00 22.16 ? 121 ASP A CA  1 
ATOM   684  C  C   . ASP A 1 93  ? -9.864  -10.844 0.091   1.00 22.33 ? 121 ASP A C   1 
ATOM   685  O  O   . ASP A 1 93  ? -9.959  -9.821  0.788   1.00 22.66 ? 121 ASP A O   1 
ATOM   686  C  CB  . ASP A 1 93  ? -10.474 -12.132 2.199   1.00 21.84 ? 121 ASP A CB  1 
ATOM   687  C  CG  . ASP A 1 93  ? -11.929 -11.659 2.327   1.00 22.35 ? 121 ASP A CG  1 
ATOM   688  O  OD1 . ASP A 1 93  ? -12.666 -11.575 1.318   1.00 21.92 ? 121 ASP A OD1 1 
ATOM   689  O  OD2 . ASP A 1 93  ? -12.351 -11.373 3.468   1.00 23.07 ? 121 ASP A OD2 1 
ATOM   690  N  N   . PRO A 1 94  ? -9.668  -10.803 -1.251  1.00 22.17 ? 122 PRO A N   1 
ATOM   691  C  CA  . PRO A 1 94  ? -9.446  -9.531  -1.949  1.00 21.92 ? 122 PRO A CA  1 
ATOM   692  C  C   . PRO A 1 94  ? -10.511 -8.457  -1.694  1.00 21.64 ? 122 PRO A C   1 
ATOM   693  O  O   . PRO A 1 94  ? -10.165 -7.288  -1.514  1.00 21.68 ? 122 PRO A O   1 
ATOM   694  C  CB  . PRO A 1 94  ? -9.412  -9.938  -3.441  1.00 22.02 ? 122 PRO A CB  1 
ATOM   695  C  CG  . PRO A 1 94  ? -9.982  -11.315 -3.500  1.00 21.73 ? 122 PRO A CG  1 
ATOM   696  C  CD  . PRO A 1 94  ? -9.637  -11.944 -2.189  1.00 22.01 ? 122 PRO A CD  1 
ATOM   697  N  N   . ASP A 1 95  ? -11.784 -8.847  -1.674  1.00 21.53 ? 123 ASP A N   1 
ATOM   698  C  CA  . ASP A 1 95  ? -12.906 -7.897  -1.487  1.00 21.20 ? 123 ASP A CA  1 
ATOM   699  C  C   . ASP A 1 95  ? -12.849 -7.130  -0.155  1.00 20.62 ? 123 ASP A C   1 
ATOM   700  O  O   . ASP A 1 95  ? -13.417 -6.037  -0.034  1.00 20.36 ? 123 ASP A O   1 
ATOM   701  C  CB  . ASP A 1 95  ? -14.251 -8.634  -1.583  1.00 21.54 ? 123 ASP A CB  1 
ATOM   702  C  CG  . ASP A 1 95  ? -14.502 -9.244  -2.962  1.00 23.07 ? 123 ASP A CG  1 
ATOM   703  O  OD1 . ASP A 1 95  ? -13.668 -9.079  -3.882  1.00 24.62 ? 123 ASP A OD1 1 
ATOM   704  O  OD2 . ASP A 1 95  ? -15.553 -9.895  -3.124  1.00 24.22 ? 123 ASP A OD2 1 
ATOM   705  N  N   . SER A 1 96  ? -12.175 -7.727  0.828   1.00 19.82 ? 124 SER A N   1 
ATOM   706  C  CA  . SER A 1 96  ? -12.003 -7.163  2.154   1.00 19.30 ? 124 SER A CA  1 
ATOM   707  C  C   . SER A 1 96  ? -10.659 -6.460  2.303   1.00 18.76 ? 124 SER A C   1 
ATOM   708  O  O   . SER A 1 96  ? -10.354 -5.913  3.377   1.00 18.86 ? 124 SER A O   1 
ATOM   709  C  CB  . SER A 1 96  ? -12.069 -8.280  3.209   1.00 19.53 ? 124 SER A CB  1 
ATOM   710  O  OG  . SER A 1 96  ? -13.328 -8.928  3.213   1.00 20.25 ? 124 SER A OG  1 
ATOM   711  N  N   . PHE A 1 97  ? -9.844  -6.477  1.248   1.00 17.88 ? 125 PHE A N   1 
ATOM   712  C  CA  . PHE A 1 97  ? -8.450  -6.066  1.410   1.00 16.89 ? 125 PHE A CA  1 
ATOM   713  C  C   . PHE A 1 97  ? -8.275  -4.646  1.964   1.00 16.46 ? 125 PHE A C   1 
ATOM   714  O  O   . PHE A 1 97  ? -7.505  -4.434  2.886   1.00 16.11 ? 125 PHE A O   1 
ATOM   715  C  CB  . PHE A 1 97  ? -7.625  -6.240  0.130   1.00 16.36 ? 125 PHE A CB  1 
ATOM   716  C  CG  . PHE A 1 97  ? -6.229  -5.699  0.258   1.00 15.41 ? 125 PHE A CG  1 
ATOM   717  C  CD1 . PHE A 1 97  ? -5.230  -6.460  0.858   1.00 13.28 ? 125 PHE A CD1 1 
ATOM   718  C  CD2 . PHE A 1 97  ? -5.929  -4.393  -0.153  1.00 14.38 ? 125 PHE A CD2 1 
ATOM   719  C  CE1 . PHE A 1 97  ? -3.948  -5.949  1.010   1.00 13.54 ? 125 PHE A CE1 1 
ATOM   720  C  CE2 . PHE A 1 97  ? -4.639  -3.875  -0.001  1.00 13.30 ? 125 PHE A CE2 1 
ATOM   721  C  CZ  . PHE A 1 97  ? -3.651  -4.654  0.572   1.00 12.91 ? 125 PHE A CZ  1 
ATOM   722  N  N   . TRP A 1 98  ? -9.001  -3.695  1.389   1.00 16.16 ? 126 TRP A N   1 
ATOM   723  C  CA  . TRP A 1 98  ? -8.828  -2.286  1.702   1.00 16.70 ? 126 TRP A CA  1 
ATOM   724  C  C   . TRP A 1 98  ? -9.302  -1.883  3.100   1.00 17.34 ? 126 TRP A C   1 
ATOM   725  O  O   . TRP A 1 98  ? -8.720  -0.988  3.715   1.00 17.63 ? 126 TRP A O   1 
ATOM   726  C  CB  . TRP A 1 98  ? -9.419  -1.430  0.575   1.00 16.56 ? 126 TRP A CB  1 
ATOM   727  C  CG  . TRP A 1 98  ? -8.659  -1.737  -0.693  1.00 16.22 ? 126 TRP A CG  1 
ATOM   728  C  CD1 . TRP A 1 98  ? -9.042  -2.573  -1.710  1.00 14.41 ? 126 TRP A CD1 1 
ATOM   729  C  CD2 . TRP A 1 98  ? -7.328  -1.297  -1.012  1.00 15.25 ? 126 TRP A CD2 1 
ATOM   730  N  NE1 . TRP A 1 98  ? -8.051  -2.639  -2.665  1.00 14.97 ? 126 TRP A NE1 1 
ATOM   731  C  CE2 . TRP A 1 98  ? -6.987  -1.872  -2.262  1.00 14.56 ? 126 TRP A CE2 1 
ATOM   732  C  CE3 . TRP A 1 98  ? -6.402  -0.450  -0.376  1.00 14.72 ? 126 TRP A CE3 1 
ATOM   733  C  CZ2 . TRP A 1 98  ? -5.757  -1.625  -2.891  1.00 13.25 ? 126 TRP A CZ2 1 
ATOM   734  C  CZ3 . TRP A 1 98  ? -5.171  -0.206  -1.005  1.00 14.24 ? 126 TRP A CZ3 1 
ATOM   735  C  CH2 . TRP A 1 98  ? -4.866  -0.794  -2.251  1.00 14.25 ? 126 TRP A CH2 1 
ATOM   736  N  N   . ASP A 1 99  ? -10.316 -2.568  3.622   1.00 17.68 ? 127 ASP A N   1 
ATOM   737  C  CA  . ASP A 1 99  ? -10.711 -2.386  5.023   1.00 17.97 ? 127 ASP A CA  1 
ATOM   738  C  C   . ASP A 1 99  ? -9.604  -2.832  5.991   1.00 17.77 ? 127 ASP A C   1 
ATOM   739  O  O   . ASP A 1 99  ? -9.312  -2.137  6.954   1.00 17.81 ? 127 ASP A O   1 
ATOM   740  C  CB  . ASP A 1 99  ? -12.037 -3.109  5.297   1.00 18.41 ? 127 ASP A CB  1 
ATOM   741  C  CG  . ASP A 1 99  ? -13.134 -2.672  4.345   1.00 18.94 ? 127 ASP A CG  1 
ATOM   742  O  OD1 . ASP A 1 99  ? -13.426 -1.465  4.306   1.00 20.89 ? 127 ASP A OD1 1 
ATOM   743  O  OD2 . ASP A 1 99  ? -13.688 -3.520  3.617   1.00 20.46 ? 127 ASP A OD2 1 
ATOM   744  N  N   . PHE A 1 100 ? -8.973  -3.971  5.706   1.00 17.83 ? 128 PHE A N   1 
ATOM   745  C  CA  . PHE A 1 100 ? -7.832  -4.475  6.485   1.00 17.58 ? 128 PHE A CA  1 
ATOM   746  C  C   . PHE A 1 100 ? -6.602  -3.559  6.417   1.00 17.79 ? 128 PHE A C   1 
ATOM   747  O  O   . PHE A 1 100 ? -5.902  -3.358  7.423   1.00 17.75 ? 128 PHE A O   1 
ATOM   748  C  CB  . PHE A 1 100 ? -7.447  -5.881  6.006   1.00 17.07 ? 128 PHE A CB  1 
ATOM   749  C  CG  . PHE A 1 100 ? -6.227  -6.446  6.692   1.00 17.66 ? 128 PHE A CG  1 
ATOM   750  C  CD1 . PHE A 1 100 ? -6.354  -7.185  7.869   1.00 16.72 ? 128 PHE A CD1 1 
ATOM   751  C  CD2 . PHE A 1 100 ? -4.947  -6.233  6.163   1.00 16.57 ? 128 PHE A CD2 1 
ATOM   752  C  CE1 . PHE A 1 100 ? -5.223  -7.705  8.510   1.00 17.96 ? 128 PHE A CE1 1 
ATOM   753  C  CE2 . PHE A 1 100 ? -3.810  -6.748  6.798   1.00 17.26 ? 128 PHE A CE2 1 
ATOM   754  C  CZ  . PHE A 1 100 ? -3.946  -7.488  7.970   1.00 17.60 ? 128 PHE A CZ  1 
ATOM   755  N  N   . HIS A 1 101 ? -6.333  -3.060  5.212   1.00 17.96 ? 129 HIS A N   1 
ATOM   756  C  CA  . HIS A 1 101 ? -5.196  -2.192  4.901   1.00 17.99 ? 129 HIS A CA  1 
ATOM   757  C  C   . HIS A 1 101 ? -5.274  -0.870  5.646   1.00 18.47 ? 129 HIS A C   1 
ATOM   758  O  O   . HIS A 1 101 ? -4.288  -0.420  6.235   1.00 18.17 ? 129 HIS A O   1 
ATOM   759  C  CB  . HIS A 1 101 ? -5.196  -1.924  3.396   1.00 18.16 ? 129 HIS A CB  1 
ATOM   760  C  CG  . HIS A 1 101 ? -4.102  -1.020  2.929   1.00 16.76 ? 129 HIS A CG  1 
ATOM   761  N  ND1 . HIS A 1 101 ? -2.810  -1.454  2.743   1.00 16.25 ? 129 HIS A ND1 1 
ATOM   762  C  CD2 . HIS A 1 101 ? -4.117  0.285   2.572   1.00 16.68 ? 129 HIS A CD2 1 
ATOM   763  C  CE1 . HIS A 1 101 ? -2.067  -0.452  2.309   1.00 15.59 ? 129 HIS A CE1 1 
ATOM   764  N  NE2 . HIS A 1 101 ? -2.836  0.614   2.191   1.00 16.56 ? 129 HIS A NE2 1 
ATOM   765  N  N   . GLU A 1 102 ? -6.453  -0.253  5.604   1.00 18.92 ? 130 GLU A N   1 
ATOM   766  C  CA  . GLU A 1 102 ? -6.676  1.037   6.243   1.00 19.69 ? 130 GLU A CA  1 
ATOM   767  C  C   . GLU A 1 102 ? -6.716  0.907   7.766   1.00 19.92 ? 130 GLU A C   1 
ATOM   768  O  O   . GLU A 1 102 ? -6.212  1.776   8.474   1.00 20.24 ? 130 GLU A O   1 
ATOM   769  C  CB  . GLU A 1 102 ? -7.963  1.677   5.721   1.00 20.06 ? 130 GLU A CB  1 
ATOM   770  C  CG  . GLU A 1 102 ? -7.919  2.065   4.244   1.00 21.33 ? 130 GLU A CG  1 
ATOM   771  C  CD  . GLU A 1 102 ? -9.296  2.336   3.668   1.00 23.81 ? 130 GLU A CD  1 
ATOM   772  O  OE1 . GLU A 1 102 ? -10.240 2.566   4.452   1.00 25.79 ? 130 GLU A OE1 1 
ATOM   773  O  OE2 . GLU A 1 102 ? -9.437  2.327   2.431   1.00 24.68 ? 130 GLU A OE2 1 
ATOM   774  N  N   . LYS A 1 103 ? -7.300  -0.180  8.264   1.00 20.05 ? 131 LYS A N   1 
ATOM   775  C  CA  . LYS A 1 103 ? -7.385  -0.410  9.708   1.00 20.30 ? 131 LYS A CA  1 
ATOM   776  C  C   . LYS A 1 103 ? -6.038  -0.727  10.338  1.00 20.01 ? 131 LYS A C   1 
ATOM   777  O  O   . LYS A 1 103 ? -5.846  -0.481  11.525  1.00 20.09 ? 131 LYS A O   1 
ATOM   778  C  CB  . LYS A 1 103 ? -8.395  -1.517  10.048  1.00 20.37 ? 131 LYS A CB  1 
ATOM   779  C  CG  . LYS A 1 103 ? -9.854  -1.158  9.782   1.00 21.55 ? 131 LYS A CG  1 
ATOM   780  C  CD  . LYS A 1 103 ? -10.314 0.066   10.562  1.00 23.33 ? 131 LYS A CD  1 
ATOM   781  C  CE  . LYS A 1 103 ? -11.732 0.436   10.163  1.00 24.94 ? 131 LYS A CE  1 
ATOM   782  N  NZ  . LYS A 1 103 ? -12.070 1.826   10.576  1.00 26.12 ? 131 LYS A NZ  1 
ATOM   783  N  N   . LEU A 1 104 ? -5.120  -1.283  9.542   1.00 19.86 ? 132 LEU A N   1 
ATOM   784  C  CA  . LEU A 1 104 ? -3.755  -1.557  9.991   1.00 19.38 ? 132 LEU A CA  1 
ATOM   785  C  C   . LEU A 1 104 ? -2.957  -0.258  10.152  1.00 19.28 ? 132 LEU A C   1 
ATOM   786  O  O   . LEU A 1 104 ? -2.250  -0.077  11.148  1.00 18.99 ? 132 LEU A O   1 
ATOM   787  C  CB  . LEU A 1 104 ? -3.051  -2.515  9.020   1.00 19.39 ? 132 LEU A CB  1 
ATOM   788  C  CG  . LEU A 1 104 ? -1.618  -3.011  9.282   1.00 18.82 ? 132 LEU A CG  1 
ATOM   789  C  CD1 . LEU A 1 104 ? -1.336  -3.350  10.751  1.00 17.54 ? 132 LEU A CD1 1 
ATOM   790  C  CD2 . LEU A 1 104 ? -1.367  -4.229  8.407   1.00 19.09 ? 132 LEU A CD2 1 
ATOM   791  N  N   . PHE A 1 105 ? -3.080  0.635   9.170   1.00 19.22 ? 133 PHE A N   1 
ATOM   792  C  CA  . PHE A 1 105 ? -2.484  1.964   9.253   1.00 19.46 ? 133 PHE A CA  1 
ATOM   793  C  C   . PHE A 1 105 ? -3.038  2.753   10.432  1.00 19.89 ? 133 PHE A C   1 
ATOM   794  O  O   . PHE A 1 105 ? -2.292  3.441   11.126  1.00 19.63 ? 133 PHE A O   1 
ATOM   795  C  CB  . PHE A 1 105 ? -2.646  2.739   7.941   1.00 19.00 ? 133 PHE A CB  1 
ATOM   796  C  CG  . PHE A 1 105 ? -1.573  2.449   6.945   1.00 18.10 ? 133 PHE A CG  1 
ATOM   797  C  CD1 . PHE A 1 105 ? -0.232  2.671   7.266   1.00 17.49 ? 133 PHE A CD1 1 
ATOM   798  C  CD2 . PHE A 1 105 ? -1.884  1.930   5.699   1.00 16.47 ? 133 PHE A CD2 1 
ATOM   799  C  CE1 . PHE A 1 105 ? 0.781   2.375   6.348   1.00 16.97 ? 133 PHE A CE1 1 
ATOM   800  C  CE2 . PHE A 1 105 ? -0.881  1.645   4.781   1.00 17.08 ? 133 PHE A CE2 1 
ATOM   801  C  CZ  . PHE A 1 105 ? 0.458   1.871   5.106   1.00 16.06 ? 133 PHE A CZ  1 
ATOM   802  N  N   . GLU A 1 106 ? -4.339  2.614   10.671  1.00 20.64 ? 134 GLU A N   1 
ATOM   803  C  CA  . GLU A 1 106 ? -4.986  3.284   11.790  1.00 21.78 ? 134 GLU A CA  1 
ATOM   804  C  C   . GLU A 1 106 ? -4.529  2.715   13.153  1.00 21.97 ? 134 GLU A C   1 
ATOM   805  O  O   . GLU A 1 106 ? -4.375  3.467   14.117  1.00 21.79 ? 134 GLU A O   1 
ATOM   806  C  CB  . GLU A 1 106 ? -6.515  3.335   11.584  1.00 22.21 ? 134 GLU A CB  1 
ATOM   807  C  CG  . GLU A 1 106 ? -6.935  4.405   10.517  1.00 24.10 ? 134 GLU A CG  1 
ATOM   808  C  CD  . GLU A 1 106 ? -8.228  4.082   9.733   1.00 27.09 ? 134 GLU A CD  1 
ATOM   809  O  OE1 . GLU A 1 106 ? -9.212  3.603   10.351  1.00 27.44 ? 134 GLU A OE1 1 
ATOM   810  O  OE2 . GLU A 1 106 ? -8.263  4.330   8.492   1.00 26.07 ? 134 GLU A OE2 1 
ATOM   811  N  N   . LYS A 1 107 ? -4.229  1.412   13.198  1.00 22.32 ? 135 LYS A N   1 
ATOM   812  C  CA  . LYS A 1 107 ? -3.650  0.766   14.395  1.00 22.89 ? 135 LYS A CA  1 
ATOM   813  C  C   . LYS A 1 107 ? -2.178  1.114   14.683  1.00 22.75 ? 135 LYS A C   1 
ATOM   814  O  O   . LYS A 1 107 ? -1.661  0.791   15.762  1.00 22.90 ? 135 LYS A O   1 
ATOM   815  C  CB  . LYS A 1 107 ? -3.794  -0.763  14.329  1.00 22.98 ? 135 LYS A CB  1 
ATOM   816  C  CG  . LYS A 1 107 ? -5.199  -1.297  14.624  1.00 25.62 ? 135 LYS A CG  1 
ATOM   817  C  CD  . LYS A 1 107 ? -5.593  -1.189  16.109  1.00 27.73 ? 135 LYS A CD  1 
ATOM   818  C  CE  . LYS A 1 107 ? -7.082  -1.544  16.307  1.00 29.18 ? 135 LYS A CE  1 
ATOM   819  N  NZ  . LYS A 1 107 ? -7.608  -1.141  17.650  1.00 29.02 ? 135 LYS A NZ  1 
ATOM   820  N  N   . GLN A 1 108 ? -1.497  1.741   13.727  1.00 22.41 ? 136 GLN A N   1 
ATOM   821  C  CA  . GLN A 1 108 ? -0.110  2.154   13.930  1.00 22.56 ? 136 GLN A CA  1 
ATOM   822  C  C   . GLN A 1 108 ? 0.010   3.224   15.028  1.00 23.40 ? 136 GLN A C   1 
ATOM   823  O  O   . GLN A 1 108 ? -0.631  4.277   14.944  1.00 23.09 ? 136 GLN A O   1 
ATOM   824  C  CB  . GLN A 1 108 ? 0.497   2.662   12.619  1.00 22.00 ? 136 GLN A CB  1 
ATOM   825  C  CG  . GLN A 1 108 ? 1.979   2.971   12.702  1.00 20.25 ? 136 GLN A CG  1 
ATOM   826  C  CD  . GLN A 1 108 ? 2.439   3.925   11.622  1.00 18.77 ? 136 GLN A CD  1 
ATOM   827  O  OE1 . GLN A 1 108 ? 2.426   3.599   10.427  1.00 19.47 ? 136 GLN A OE1 1 
ATOM   828  N  NE2 . GLN A 1 108 ? 2.869   5.106   12.034  1.00 16.28 ? 136 GLN A NE2 1 
ATOM   829  N  N   . PRO A 1 109 ? 0.820   2.950   16.069  1.00 24.36 ? 137 PRO A N   1 
ATOM   830  C  CA  . PRO A 1 109 ? 1.010   3.956   17.117  1.00 25.39 ? 137 PRO A CA  1 
ATOM   831  C  C   . PRO A 1 109 ? 1.971   5.074   16.689  1.00 26.37 ? 137 PRO A C   1 
ATOM   832  O  O   . PRO A 1 109 ? 2.644   4.962   15.657  1.00 26.30 ? 137 PRO A O   1 
ATOM   833  C  CB  . PRO A 1 109 ? 1.580   3.144   18.292  1.00 25.12 ? 137 PRO A CB  1 
ATOM   834  C  CG  . PRO A 1 109 ? 2.263   1.991   17.667  1.00 24.91 ? 137 PRO A CG  1 
ATOM   835  C  CD  . PRO A 1 109 ? 1.577   1.717   16.345  1.00 24.45 ? 137 PRO A CD  1 
ATOM   836  N  N   . ASP A 1 110 ? 2.018   6.143   17.480  1.00 27.77 ? 138 ASP A N   1 
ATOM   837  C  CA  . ASP A 1 110 ? 2.865   7.299   17.184  1.00 29.24 ? 138 ASP A CA  1 
ATOM   838  C  C   . ASP A 1 110 ? 4.182   7.203   17.948  1.00 29.86 ? 138 ASP A C   1 
ATOM   839  O  O   . ASP A 1 110 ? 4.894   8.196   18.132  1.00 29.91 ? 138 ASP A O   1 
ATOM   840  C  CB  . ASP A 1 110 ? 2.129   8.603   17.520  1.00 29.59 ? 138 ASP A CB  1 
ATOM   841  C  CG  . ASP A 1 110 ? 0.855   8.801   16.690  1.00 30.64 ? 138 ASP A CG  1 
ATOM   842  O  OD1 . ASP A 1 110 ? 0.631   8.044   15.717  1.00 31.72 ? 138 ASP A OD1 1 
ATOM   843  O  OD2 . ASP A 1 110 ? 0.079   9.728   17.011  1.00 31.63 ? 138 ASP A OD2 1 
ATOM   844  N  N   . THR A 1 111 ? 4.492   5.991   18.393  1.00 30.68 ? 139 THR A N   1 
ATOM   845  C  CA  . THR A 1 111 ? 5.724   5.724   19.111  1.00 31.45 ? 139 THR A CA  1 
ATOM   846  C  C   . THR A 1 111 ? 6.645   4.852   18.260  1.00 31.71 ? 139 THR A C   1 
ATOM   847  O  O   . THR A 1 111 ? 6.190   4.168   17.336  1.00 31.76 ? 139 THR A O   1 
ATOM   848  C  CB  . THR A 1 111 ? 5.452   5.089   20.500  1.00 31.71 ? 139 THR A CB  1 
ATOM   849  O  OG1 . THR A 1 111 ? 4.888   3.782   20.345  1.00 32.08 ? 139 THR A OG1 1 
ATOM   850  C  CG2 . THR A 1 111 ? 4.490   5.964   21.312  1.00 32.31 ? 139 THR A CG2 1 
ATOM   851  N  N   . GLU A 1 112 ? 7.934   4.882   18.589  1.00 32.15 ? 140 GLU A N   1 
ATOM   852  C  CA  . GLU A 1 112 ? 8.997   4.311   17.759  1.00 32.59 ? 140 GLU A CA  1 
ATOM   853  C  C   . GLU A 1 112 ? 9.091   2.789   17.796  1.00 32.34 ? 140 GLU A C   1 
ATOM   854  O  O   . GLU A 1 112 ? 9.239   2.149   16.749  1.00 32.60 ? 140 GLU A O   1 
ATOM   855  C  CB  . GLU A 1 112 ? 10.352  4.881   18.189  1.00 32.76 ? 140 GLU A CB  1 
ATOM   856  C  CG  . GLU A 1 112 ? 11.403  4.880   17.093  1.00 34.92 ? 140 GLU A CG  1 
ATOM   857  C  CD  . GLU A 1 112 ? 11.286  6.096   16.186  1.00 38.09 ? 140 GLU A CD  1 
ATOM   858  O  OE1 . GLU A 1 112 ? 11.043  7.206   16.716  1.00 38.39 ? 140 GLU A OE1 1 
ATOM   859  O  OE2 . GLU A 1 112 ? 11.440  5.943   14.949  1.00 39.04 ? 140 GLU A OE2 1 
ATOM   860  N  N   . GLN A 1 113 ? 9.024   2.223   19.001  1.00 31.88 ? 141 GLN A N   1 
ATOM   861  C  CA  . GLN A 1 113 ? 9.382   0.821   19.237  1.00 31.41 ? 141 GLN A CA  1 
ATOM   862  C  C   . GLN A 1 113 ? 8.443   -0.148  18.510  1.00 30.31 ? 141 GLN A C   1 
ATOM   863  O  O   . GLN A 1 113 ? 7.425   0.262   17.957  1.00 30.32 ? 141 GLN A O   1 
ATOM   864  C  CB  . GLN A 1 113 ? 9.436   0.523   20.745  1.00 31.96 ? 141 GLN A CB  1 
ATOM   865  C  CG  . GLN A 1 113 ? 10.218  1.554   21.599  1.00 34.14 ? 141 GLN A CG  1 
ATOM   866  C  CD  . GLN A 1 113 ? 11.714  1.627   21.275  1.00 37.08 ? 141 GLN A CD  1 
ATOM   867  O  OE1 . GLN A 1 113 ? 12.373  0.605   21.061  1.00 38.62 ? 141 GLN A OE1 1 
ATOM   868  N  NE2 . GLN A 1 113 ? 12.254  2.845   21.243  1.00 37.75 ? 141 GLN A NE2 1 
ATOM   869  N  N   . GLU A 1 114 ? 8.796   -1.430  18.498  1.00 29.05 ? 142 GLU A N   1 
ATOM   870  C  CA  . GLU A 1 114 ? 7.999   -2.434  17.788  1.00 27.43 ? 142 GLU A CA  1 
ATOM   871  C  C   . GLU A 1 114 ? 6.583   -2.559  18.359  1.00 26.52 ? 142 GLU A C   1 
ATOM   872  O  O   . GLU A 1 114 ? 6.369   -2.383  19.561  1.00 26.55 ? 142 GLU A O   1 
ATOM   873  C  CB  . GLU A 1 114 ? 8.718   -3.794  17.738  1.00 27.24 ? 142 GLU A CB  1 
ATOM   874  C  CG  . GLU A 1 114 ? 8.067   -4.824  16.796  1.00 26.84 ? 142 GLU A CG  1 
ATOM   875  C  CD  . GLU A 1 114 ? 7.896   -4.301  15.372  1.00 25.55 ? 142 GLU A CD  1 
ATOM   876  O  OE1 . GLU A 1 114 ? 8.894   -4.229  14.625  1.00 26.18 ? 142 GLU A OE1 1 
ATOM   877  O  OE2 . GLU A 1 114 ? 6.761   -3.963  14.999  1.00 24.85 ? 142 GLU A OE2 1 
ATOM   878  N  N   . TRP A 1 115 ? 5.629   -2.840  17.473  1.00 25.26 ? 143 TRP A N   1 
ATOM   879  C  CA  . TRP A 1 115 ? 4.225   -2.987  17.828  1.00 24.15 ? 143 TRP A CA  1 
ATOM   880  C  C   . TRP A 1 115 ? 3.514   -4.034  16.959  1.00 23.76 ? 143 TRP A C   1 
ATOM   881  O  O   . TRP A 1 115 ? 2.396   -4.456  17.270  1.00 23.44 ? 143 TRP A O   1 
ATOM   882  C  CB  . TRP A 1 115 ? 3.513   -1.638  17.683  1.00 24.01 ? 143 TRP A CB  1 
ATOM   883  C  CG  . TRP A 1 115 ? 3.590   -1.058  16.288  1.00 22.95 ? 143 TRP A CG  1 
ATOM   884  C  CD1 . TRP A 1 115 ? 4.597   -0.289  15.776  1.00 21.13 ? 143 TRP A CD1 1 
ATOM   885  C  CD2 . TRP A 1 115 ? 2.621   -1.206  15.235  1.00 21.41 ? 143 TRP A CD2 1 
ATOM   886  N  NE1 . TRP A 1 115 ? 4.315   0.051   14.476  1.00 21.33 ? 143 TRP A NE1 1 
ATOM   887  C  CE2 . TRP A 1 115 ? 3.110   -0.492  14.119  1.00 20.65 ? 143 TRP A CE2 1 
ATOM   888  C  CE3 . TRP A 1 115 ? 1.390   -1.867  15.130  1.00 21.03 ? 143 TRP A CE3 1 
ATOM   889  C  CZ2 . TRP A 1 115 ? 2.414   -0.426  12.909  1.00 19.90 ? 143 TRP A CZ2 1 
ATOM   890  C  CZ3 . TRP A 1 115 ? 0.695   -1.795  13.930  1.00 20.07 ? 143 TRP A CZ3 1 
ATOM   891  C  CH2 . TRP A 1 115 ? 1.213   -1.079  12.833  1.00 20.89 ? 143 TRP A CH2 1 
ATOM   892  N  N   . VAL A 1 116 ? 4.145   -4.426  15.853  1.00 23.27 ? 144 VAL A N   1 
ATOM   893  C  CA  . VAL A 1 116 ? 3.519   -5.382  14.936  1.00 22.76 ? 144 VAL A CA  1 
ATOM   894  C  C   . VAL A 1 116 ? 3.753   -6.804  15.451  1.00 22.53 ? 144 VAL A C   1 
ATOM   895  O  O   . VAL A 1 116 ? 4.883   -7.309  15.427  1.00 22.30 ? 144 VAL A O   1 
ATOM   896  C  CB  . VAL A 1 116 ? 4.009   -5.236  13.468  1.00 22.81 ? 144 VAL A CB  1 
ATOM   897  C  CG1 . VAL A 1 116 ? 3.184   -6.142  12.527  1.00 22.28 ? 144 VAL A CG1 1 
ATOM   898  C  CG2 . VAL A 1 116 ? 3.938   -3.785  13.013  1.00 22.15 ? 144 VAL A CG2 1 
ATOM   899  N  N   . THR A 1 117 ? 2.674   -7.418  15.933  1.00 21.81 ? 145 THR A N   1 
ATOM   900  C  CA  . THR A 1 117 ? 2.702   -8.788  16.438  1.00 21.87 ? 145 THR A CA  1 
ATOM   901  C  C   . THR A 1 117 ? 1.729   -9.633  15.627  1.00 21.69 ? 145 THR A C   1 
ATOM   902  O  O   . THR A 1 117 ? 0.798   -9.082  15.027  1.00 21.57 ? 145 THR A O   1 
ATOM   903  C  CB  . THR A 1 117 ? 2.279   -8.857  17.921  1.00 21.63 ? 145 THR A CB  1 
ATOM   904  O  OG1 . THR A 1 117 ? 0.913   -8.439  18.046  1.00 22.08 ? 145 THR A OG1 1 
ATOM   905  C  CG2 . THR A 1 117 ? 3.161   -7.973  18.775  1.00 21.86 ? 145 THR A CG2 1 
ATOM   906  N  N   . PRO A 1 118 ? 1.939   -10.969 15.591  1.00 21.87 ? 146 PRO A N   1 
ATOM   907  C  CA  . PRO A 1 118 ? 0.951   -11.865 14.961  1.00 21.93 ? 146 PRO A CA  1 
ATOM   908  C  C   . PRO A 1 118 ? -0.437  -11.687 15.566  1.00 22.11 ? 146 PRO A C   1 
ATOM   909  O  O   . PRO A 1 118 ? -1.427  -11.738 14.844  1.00 22.68 ? 146 PRO A O   1 
ATOM   910  C  CB  . PRO A 1 118 ? 1.490   -13.269 15.259  1.00 21.61 ? 146 PRO A CB  1 
ATOM   911  C  CG  . PRO A 1 118 ? 2.932   -13.082 15.535  1.00 22.18 ? 146 PRO A CG  1 
ATOM   912  C  CD  . PRO A 1 118 ? 3.108   -11.708 16.105  1.00 21.67 ? 146 PRO A CD  1 
ATOM   913  N  N   . GLY A 1 119 ? -0.502  -11.460 16.879  1.00 22.58 ? 147 GLY A N   1 
ATOM   914  C  CA  . GLY A 1 119 ? -1.773  -11.272 17.587  1.00 22.89 ? 147 GLY A CA  1 
ATOM   915  C  C   . GLY A 1 119 ? -2.581  -10.081 17.107  1.00 23.15 ? 147 GLY A C   1 
ATOM   916  O  O   . GLY A 1 119 ? -3.790  -10.191 16.898  1.00 23.49 ? 147 GLY A O   1 
ATOM   917  N  N   . LEU A 1 120 ? -1.910  -8.939  16.939  1.00 23.51 ? 148 LEU A N   1 
ATOM   918  C  CA  . LEU A 1 120 ? -2.530  -7.727  16.409  1.00 23.64 ? 148 LEU A CA  1 
ATOM   919  C  C   . LEU A 1 120 ? -3.064  -7.954  14.994  1.00 23.88 ? 148 LEU A C   1 
ATOM   920  O  O   . LEU A 1 120 ? -4.206  -7.586  14.687  1.00 24.00 ? 148 LEU A O   1 
ATOM   921  C  CB  . LEU A 1 120 ? -1.532  -6.562  16.419  1.00 23.66 ? 148 LEU A CB  1 
ATOM   922  C  CG  . LEU A 1 120 ? -1.986  -5.228  15.817  1.00 24.03 ? 148 LEU A CG  1 
ATOM   923  C  CD1 . LEU A 1 120 ? -1.396  -4.049  16.583  1.00 25.33 ? 148 LEU A CD1 1 
ATOM   924  C  CD2 . LEU A 1 120 ? -1.626  -5.139  14.342  1.00 24.84 ? 148 LEU A CD2 1 
ATOM   925  N  N   . LEU A 1 121 ? -2.238  -8.571  14.147  1.00 23.89 ? 149 LEU A N   1 
ATOM   926  C  CA  . LEU A 1 121 ? -2.591  -8.812  12.748  1.00 23.95 ? 149 LEU A CA  1 
ATOM   927  C  C   . LEU A 1 121 ? -3.772  -9.773  12.638  1.00 24.45 ? 149 LEU A C   1 
ATOM   928  O  O   . LEU A 1 121 ? -4.678  -9.562  11.821  1.00 24.36 ? 149 LEU A O   1 
ATOM   929  C  CB  . LEU A 1 121 ? -1.378  -9.334  11.966  1.00 23.83 ? 149 LEU A CB  1 
ATOM   930  C  CG  . LEU A 1 121 ? -0.239  -8.350  11.671  1.00 23.11 ? 149 LEU A CG  1 
ATOM   931  C  CD1 . LEU A 1 121 ? 1.062   -9.087  11.389  1.00 22.29 ? 149 LEU A CD1 1 
ATOM   932  C  CD2 . LEU A 1 121 ? -0.585  -7.402  10.524  1.00 21.75 ? 149 LEU A CD2 1 
ATOM   933  N  N   . GLY A 1 122 ? -3.763  -10.814 13.475  1.00 24.89 ? 150 GLY A N   1 
ATOM   934  C  CA  . GLY A 1 122 ? -4.884  -11.756 13.568  1.00 25.58 ? 150 GLY A CA  1 
ATOM   935  C  C   . GLY A 1 122 ? -6.177  -11.080 13.985  1.00 25.97 ? 150 GLY A C   1 
ATOM   936  O  O   . GLY A 1 122 ? -7.237  -11.381 13.442  1.00 26.17 ? 150 GLY A O   1 
ATOM   937  N  N   . ASP A 1 123 ? -6.086  -10.154 14.940  1.00 26.55 ? 151 ASP A N   1 
ATOM   938  C  CA  . ASP A 1 123 ? -7.253  -9.398  15.421  1.00 27.03 ? 151 ASP A CA  1 
ATOM   939  C  C   . ASP A 1 123 ? -7.824  -8.445  14.375  1.00 26.84 ? 151 ASP A C   1 
ATOM   940  O  O   . ASP A 1 123 ? -9.029  -8.184  14.366  1.00 26.91 ? 151 ASP A O   1 
ATOM   941  C  CB  . ASP A 1 123 ? -6.918  -8.630  16.708  1.00 27.58 ? 151 ASP A CB  1 
ATOM   942  C  CG  . ASP A 1 123 ? -7.049  -9.496  17.960  1.00 28.96 ? 151 ASP A CG  1 
ATOM   943  O  OD1 . ASP A 1 123 ? -8.175  -9.968  18.247  1.00 30.38 ? 151 ASP A OD1 1 
ATOM   944  O  OD2 . ASP A 1 123 ? -6.031  -9.694  18.662  1.00 30.35 ? 151 ASP A OD2 1 
ATOM   945  N  N   . LEU A 1 124 ? -6.968  -7.917  13.503  1.00 26.64 ? 152 LEU A N   1 
ATOM   946  C  CA  . LEU A 1 124 ? -7.449  -7.117  12.372  1.00 26.65 ? 152 LEU A CA  1 
ATOM   947  C  C   . LEU A 1 124 ? -8.120  -7.986  11.305  1.00 26.52 ? 152 LEU A C   1 
ATOM   948  O  O   . LEU A 1 124 ? -9.164  -7.611  10.762  1.00 26.14 ? 152 LEU A O   1 
ATOM   949  C  CB  . LEU A 1 124 ? -6.333  -6.257  11.778  1.00 26.54 ? 152 LEU A CB  1 
ATOM   950  C  CG  . LEU A 1 124 ? -6.016  -5.020  12.623  1.00 27.13 ? 152 LEU A CG  1 
ATOM   951  C  CD1 . LEU A 1 124 ? -4.654  -4.474  12.280  1.00 27.00 ? 152 LEU A CD1 1 
ATOM   952  C  CD2 . LEU A 1 124 ? -7.092  -3.936  12.493  1.00 27.34 ? 152 LEU A CD2 1 
ATOM   953  N  N   . ALA A 1 125 ? -7.520  -9.146  11.030  1.00 26.59 ? 153 ALA A N   1 
ATOM   954  C  CA  . ALA A 1 125 ? -8.120  -10.162 10.171  1.00 26.78 ? 153 ALA A CA  1 
ATOM   955  C  C   . ALA A 1 125 ? -9.528  -10.537 10.659  1.00 27.12 ? 153 ALA A C   1 
ATOM   956  O  O   . ALA A 1 125 ? -10.488 -10.516 9.882   1.00 26.95 ? 153 ALA A O   1 
ATOM   957  C  CB  . ALA A 1 125 ? -7.220  -11.393 10.106  1.00 26.70 ? 153 ALA A CB  1 
ATOM   958  N  N   . LYS A 1 126 ? -9.644  -10.841 11.952  1.00 27.59 ? 154 LYS A N   1 
ATOM   959  C  CA  . LYS A 1 126 ? -10.923 -11.193 12.576  1.00 28.14 ? 154 LYS A CA  1 
ATOM   960  C  C   . LYS A 1 126 ? -12.021 -10.167 12.317  1.00 28.07 ? 154 LYS A C   1 
ATOM   961  O  O   . LYS A 1 126 ? -13.119 -10.528 11.910  1.00 28.15 ? 154 LYS A O   1 
ATOM   962  C  CB  . LYS A 1 126 ? -10.755 -11.406 14.084  1.00 28.49 ? 154 LYS A CB  1 
ATOM   963  C  CG  . LYS A 1 126 ? -11.878 -12.234 14.723  1.00 30.03 ? 154 LYS A CG  1 
ATOM   964  C  CD  . LYS A 1 126 ? -11.775 -12.246 16.246  1.00 31.76 ? 154 LYS A CD  1 
ATOM   965  C  CE  . LYS A 1 126 ? -12.660 -13.338 16.850  1.00 32.50 ? 154 LYS A CE  1 
ATOM   966  N  NZ  . LYS A 1 126 ? -12.307 -13.613 18.276  1.00 32.08 ? 154 LYS A NZ  1 
ATOM   967  N  N   . SER A 1 127 ? -11.717 -8.890  12.536  1.00 28.08 ? 155 SER A N   1 
ATOM   968  C  CA  . SER A 1 127 ? -12.721 -7.828  12.414  1.00 27.85 ? 155 SER A CA  1 
ATOM   969  C  C   . SER A 1 127 ? -12.995 -7.324  10.988  1.00 27.76 ? 155 SER A C   1 
ATOM   970  O  O   . SER A 1 127 ? -14.095 -6.838  10.707  1.00 27.78 ? 155 SER A O   1 
ATOM   971  C  CB  . SER A 1 127 ? -12.416 -6.654  13.371  1.00 28.27 ? 155 SER A CB  1 
ATOM   972  O  OG  . SER A 1 127 ? -11.033 -6.562  13.723  1.00 28.31 ? 155 SER A OG  1 
ATOM   973  N  N   . THR A 1 128 ? -12.016 -7.447  10.088  1.00 27.40 ? 156 THR A N   1 
ATOM   974  C  CA  . THR A 1 128 ? -12.148 -6.851  8.746   1.00 27.05 ? 156 THR A CA  1 
ATOM   975  C  C   . THR A 1 128 ? -12.339 -7.841  7.588   1.00 27.11 ? 156 THR A C   1 
ATOM   976  O  O   . THR A 1 128 ? -12.796 -7.448  6.510   1.00 26.73 ? 156 THR A O   1 
ATOM   977  C  CB  . THR A 1 128 ? -10.957 -5.908  8.406   1.00 26.86 ? 156 THR A CB  1 
ATOM   978  O  OG1 . THR A 1 128 ? -9.724  -6.624  8.519   1.00 25.93 ? 156 THR A OG1 1 
ATOM   979  C  CG2 . THR A 1 128 ? -10.934 -4.696  9.331   1.00 26.49 ? 156 THR A CG2 1 
ATOM   980  N  N   . THR A 1 129 ? -11.993 -9.109  7.810   1.00 27.39 ? 157 THR A N   1 
ATOM   981  C  CA  . THR A 1 129 ? -11.970 -10.112 6.730   1.00 27.65 ? 157 THR A CA  1 
ATOM   982  C  C   . THR A 1 129 ? -12.779 -11.388 7.020   1.00 28.08 ? 157 THR A C   1 
ATOM   983  O  O   . THR A 1 129 ? -13.310 -11.566 8.123   1.00 28.24 ? 157 THR A O   1 
ATOM   984  C  CB  . THR A 1 129 ? -10.523 -10.540 6.397   1.00 27.28 ? 157 THR A CB  1 
ATOM   985  O  OG1 . THR A 1 129 ? -10.042 -11.422 7.418   1.00 27.37 ? 157 THR A OG1 1 
ATOM   986  C  CG2 . THR A 1 129 ? -9.592  -9.331  6.283   1.00 26.81 ? 157 THR A CG2 1 
ATOM   987  N  N   . LYS A 1 130 ? -12.856 -12.263 6.008   1.00 28.42 ? 158 LYS A N   1 
ATOM   988  C  CA  . LYS A 1 130 ? -13.377 -13.632 6.132   1.00 28.44 ? 158 LYS A CA  1 
ATOM   989  C  C   . LYS A 1 130 ? -12.339 -14.582 6.733   1.00 28.46 ? 158 LYS A C   1 
ATOM   990  O  O   . LYS A 1 130 ? -12.663 -15.731 7.054   1.00 28.57 ? 158 LYS A O   1 
ATOM   991  C  CB  . LYS A 1 130 ? -13.765 -14.199 4.756   1.00 28.59 ? 158 LYS A CB  1 
ATOM   992  C  CG  . LYS A 1 130 ? -14.922 -13.514 4.040   1.00 29.10 ? 158 LYS A CG  1 
ATOM   993  C  CD  . LYS A 1 130 ? -15.363 -14.283 2.781   1.00 28.73 ? 158 LYS A CD  1 
ATOM   994  C  CE  . LYS A 1 130 ? -14.186 -14.610 1.851   1.00 29.95 ? 158 LYS A CE  1 
ATOM   995  N  NZ  . LYS A 1 130 ? -14.621 -14.977 0.468   1.00 28.62 ? 158 LYS A NZ  1 
ATOM   996  N  N   . ILE A 1 131 ? -11.094 -14.120 6.863   1.00 28.25 ? 159 ILE A N   1 
ATOM   997  C  CA  . ILE A 1 131 ? -9.994  -14.999 7.265   1.00 28.46 ? 159 ILE A CA  1 
ATOM   998  C  C   . ILE A 1 131 ? -9.974  -15.255 8.770   1.00 28.83 ? 159 ILE A C   1 
ATOM   999  O  O   . ILE A 1 131 ? -10.136 -14.333 9.576   1.00 28.80 ? 159 ILE A O   1 
ATOM   1000 C  CB  . ILE A 1 131 ? -8.603  -14.493 6.771   1.00 28.40 ? 159 ILE A CB  1 
ATOM   1001 C  CG1 . ILE A 1 131 ? -8.621  -14.229 5.262   1.00 28.24 ? 159 ILE A CG1 1 
ATOM   1002 C  CG2 . ILE A 1 131 ? -7.496  -15.489 7.120   1.00 27.53 ? 159 ILE A CG2 1 
ATOM   1003 C  CD1 . ILE A 1 131 ? -7.343  -13.578 4.733   1.00 27.67 ? 159 ILE A CD1 1 
ATOM   1004 N  N   . LYS A 1 132 ? -9.779  -16.525 9.122   1.00 29.18 ? 160 LYS A N   1 
ATOM   1005 C  CA  . LYS A 1 132 ? -9.674  -16.975 10.502  1.00 29.56 ? 160 LYS A CA  1 
ATOM   1006 C  C   . LYS A 1 132 ? -8.342  -16.528 11.094  1.00 29.62 ? 160 LYS A C   1 
ATOM   1007 O  O   . LYS A 1 132 ? -7.291  -16.730 10.471  1.00 29.79 ? 160 LYS A O   1 
ATOM   1008 C  CB  . LYS A 1 132 ? -9.796  -18.500 10.577  1.00 29.44 ? 160 LYS A CB  1 
ATOM   1009 C  CG  . LYS A 1 132 ? -11.214 -19.005 10.427  1.00 30.38 ? 160 LYS A CG  1 
ATOM   1010 C  CD  . LYS A 1 132 ? -11.266 -20.518 10.274  1.00 31.44 ? 160 LYS A CD  1 
ATOM   1011 C  CE  . LYS A 1 132 ? -12.708 -21.011 10.381  1.00 33.04 ? 160 LYS A CE  1 
ATOM   1012 N  NZ  . LYS A 1 132 ? -12.906 -22.359 9.774   1.00 34.12 ? 160 LYS A NZ  1 
ATOM   1013 N  N   . PRO A 1 133 ? -8.373  -15.926 12.299  1.00 29.58 ? 161 PRO A N   1 
ATOM   1014 C  CA  . PRO A 1 133 ? -7.159  -15.379 12.899  1.00 29.58 ? 161 PRO A CA  1 
ATOM   1015 C  C   . PRO A 1 133 ? -6.036  -16.405 12.951  1.00 29.66 ? 161 PRO A C   1 
ATOM   1016 O  O   . PRO A 1 133 ? -4.888  -16.067 12.659  1.00 29.72 ? 161 PRO A O   1 
ATOM   1017 C  CB  . PRO A 1 133 ? -7.603  -15.005 14.314  1.00 29.42 ? 161 PRO A CB  1 
ATOM   1018 C  CG  . PRO A 1 133 ? -9.046  -14.762 14.202  1.00 29.78 ? 161 PRO A CG  1 
ATOM   1019 C  CD  . PRO A 1 133 ? -9.550  -15.724 13.163  1.00 29.70 ? 161 PRO A CD  1 
ATOM   1020 N  N   . GLU A 1 134 ? -6.375  -17.648 13.299  1.00 29.76 ? 162 GLU A N   1 
ATOM   1021 C  CA  . GLU A 1 134 ? -5.389  -18.722 13.453  1.00 29.79 ? 162 GLU A CA  1 
ATOM   1022 C  C   . GLU A 1 134 ? -4.767  -19.156 12.117  1.00 29.17 ? 162 GLU A C   1 
ATOM   1023 O  O   . GLU A 1 134 ? -3.619  -19.601 12.087  1.00 29.04 ? 162 GLU A O   1 
ATOM   1024 C  CB  . GLU A 1 134 ? -5.971  -19.915 14.243  1.00 30.21 ? 162 GLU A CB  1 
ATOM   1025 C  CG  . GLU A 1 134 ? -7.083  -20.723 13.541  1.00 32.14 ? 162 GLU A CG  1 
ATOM   1026 C  CD  . GLU A 1 134 ? -8.507  -20.244 13.854  1.00 34.94 ? 162 GLU A CD  1 
ATOM   1027 O  OE1 . GLU A 1 134 ? -8.694  -19.072 14.275  1.00 35.42 ? 162 GLU A OE1 1 
ATOM   1028 O  OE2 . GLU A 1 134 ? -9.448  -21.059 13.663  1.00 34.99 ? 162 GLU A OE2 1 
ATOM   1029 N  N   . THR A 1 135 ? -5.533  -19.019 11.030  1.00 28.59 ? 163 THR A N   1 
ATOM   1030 C  CA  . THR A 1 135 ? -5.024  -19.198 9.665   1.00 27.82 ? 163 THR A CA  1 
ATOM   1031 C  C   . THR A 1 135 ? -3.959  -18.151 9.325   1.00 27.39 ? 163 THR A C   1 
ATOM   1032 O  O   . THR A 1 135 ? -2.860  -18.536 8.897   1.00 27.36 ? 163 THR A O   1 
ATOM   1033 C  CB  . THR A 1 135 ? -6.149  -19.163 8.598   1.00 27.93 ? 163 THR A CB  1 
ATOM   1034 O  OG1 . THR A 1 135 ? -7.163  -20.112 8.937   1.00 27.13 ? 163 THR A OG1 1 
ATOM   1035 C  CG2 . THR A 1 135 ? -5.596  -19.482 7.202   1.00 27.21 ? 163 THR A CG2 1 
ATOM   1036 N  N   . LEU A 1 136 ? -4.267  -16.853 9.532   1.00 26.83 ? 164 LEU A N   1 
ATOM   1037 C  CA  . LEU A 1 136 ? -3.273  -15.770 9.331   1.00 26.20 ? 164 LEU A CA  1 
ATOM   1038 C  C   . LEU A 1 136 ? -1.928  -16.326 9.817   1.00 26.01 ? 164 LEU A C   1 
ATOM   1039 O  O   . LEU A 1 136 ? -0.903  -16.136 9.154   1.00 25.81 ? 164 LEU A O   1 
ATOM   1040 C  CB  . LEU A 1 136 ? -3.673  -14.428 9.945   1.00 26.49 ? 164 LEU A CB  1 
ATOM   1041 C  CG  . LEU A 1 136 ? -2.901  -13.257 9.309   1.00 25.58 ? 164 LEU A CG  1 
ATOM   1042 C  CD1 . LEU A 1 136 ? -3.462  -12.869 7.930   1.00 26.08 ? 164 LEU A CD1 1 
ATOM   1043 C  CD2 . LEU A 1 136 ? -2.954  -12.084 10.238  1.00 26.55 ? 164 LEU A CD2 1 
ATOM   1044 N  N   . LYS A 1 137 ? -1.903  -16.886 11.037  1.00 25.88 ? 165 LYS A N   1 
ATOM   1045 C  CA  . LYS A 1 137 ? -1.182  -16.380 12.220  1.00 25.51 ? 165 LYS A CA  1 
ATOM   1046 C  C   . LYS A 1 137 ? -0.191  -17.548 12.088  1.00 25.39 ? 165 LYS A C   1 
ATOM   1047 O  O   . LYS A 1 137 ? 0.999   -17.448 12.390  1.00 25.49 ? 165 LYS A O   1 
ATOM   1048 C  CB  . LYS A 1 137 ? -1.937  -16.598 13.530  1.00 25.72 ? 165 LYS A CB  1 
ATOM   1049 C  CG  . LYS A 1 137 ? -2.129  -15.364 14.405  1.00 26.14 ? 165 LYS A CG  1 
ATOM   1050 C  CD  . LYS A 1 137 ? -3.284  -15.638 15.343  1.00 26.15 ? 165 LYS A CD  1 
ATOM   1051 C  CE  . LYS A 1 137 ? -2.953  -15.284 16.764  1.00 26.68 ? 165 LYS A CE  1 
ATOM   1052 N  NZ  . LYS A 1 137 ? -3.914  -15.910 17.717  1.00 26.14 ? 165 LYS A NZ  1 
ATOM   1053 N  N   . GLU A 1 138 ? -0.759  -18.677 11.635  1.00 25.19 ? 166 GLU A N   1 
ATOM   1054 C  CA  . GLU A 1 138 ? -0.062  -19.895 11.202  1.00 25.33 ? 166 GLU A CA  1 
ATOM   1055 C  C   . GLU A 1 138 ? 0.811   -19.605 9.980   1.00 24.68 ? 166 GLU A C   1 
ATOM   1056 O  O   . GLU A 1 138 ? 1.957   -20.041 9.908   1.00 24.17 ? 166 GLU A O   1 
ATOM   1057 C  CB  . GLU A 1 138 ? -1.116  -20.966 10.845  1.00 25.77 ? 166 GLU A CB  1 
ATOM   1058 C  CG  . GLU A 1 138 ? -0.613  -22.414 10.677  1.00 27.93 ? 166 GLU A CG  1 
ATOM   1059 C  CD  . GLU A 1 138 ? -1.710  -23.415 10.222  1.00 31.12 ? 166 GLU A CD  1 
ATOM   1060 O  OE1 . GLU A 1 138 ? -1.417  -24.632 10.222  1.00 32.44 ? 166 GLU A OE1 1 
ATOM   1061 O  OE2 . GLU A 1 138 ? -2.854  -23.011 9.867   1.00 30.96 ? 166 GLU A OE2 1 
ATOM   1062 N  N   . ASN A 1 139 ? 0.244   -18.861 9.026   1.00 24.42 ? 167 ASN A N   1 
ATOM   1063 C  CA  . ASN A 1 139 ? 0.950   -18.458 7.808   1.00 24.00 ? 167 ASN A CA  1 
ATOM   1064 C  C   . ASN A 1 139 ? 2.064   -17.454 8.067   1.00 24.12 ? 167 ASN A C   1 
ATOM   1065 O  O   . ASN A 1 139 ? 3.096   -17.471 7.386   1.00 23.88 ? 167 ASN A O   1 
ATOM   1066 C  CB  . ASN A 1 139 ? -0.033  -17.895 6.778   1.00 23.62 ? 167 ASN A CB  1 
ATOM   1067 C  CG  . ASN A 1 139 ? -0.832  -18.983 6.078   1.00 22.52 ? 167 ASN A CG  1 
ATOM   1068 O  OD1 . ASN A 1 139 ? -0.269  -19.941 5.557   1.00 22.32 ? 167 ASN A OD1 1 
ATOM   1069 N  ND2 . ASN A 1 139 ? -2.142  -18.831 6.056   1.00 19.93 ? 167 ASN A ND2 1 
ATOM   1070 N  N   . LEU A 1 140 ? 1.843   -16.575 9.042   1.00 24.39 ? 168 LEU A N   1 
ATOM   1071 C  CA  . LEU A 1 140 ? 2.858   -15.611 9.458   1.00 24.78 ? 168 LEU A CA  1 
ATOM   1072 C  C   . LEU A 1 140 ? 4.060   -16.348 10.032  1.00 24.99 ? 168 LEU A C   1 
ATOM   1073 O  O   . LEU A 1 140 ? 5.202   -16.110 9.633   1.00 24.92 ? 168 LEU A O   1 
ATOM   1074 C  CB  . LEU A 1 140 ? 2.284   -14.637 10.490  1.00 24.97 ? 168 LEU A CB  1 
ATOM   1075 C  CG  . LEU A 1 140 ? 1.238   -13.639 9.993   1.00 24.55 ? 168 LEU A CG  1 
ATOM   1076 C  CD1 . LEU A 1 140 ? 0.710   -12.827 11.162  1.00 24.07 ? 168 LEU A CD1 1 
ATOM   1077 C  CD2 . LEU A 1 140 ? 1.825   -12.736 8.917   1.00 24.13 ? 168 LEU A CD2 1 
ATOM   1078 N  N   . ASP A 1 141 ? 3.768   -17.255 10.958  1.00 25.36 ? 169 ASP A N   1 
ATOM   1079 C  CA  . ASP A 1 141 ? 4.755   -18.127 11.584  1.00 25.84 ? 169 ASP A CA  1 
ATOM   1080 C  C   . ASP A 1 141 ? 5.625   -18.868 10.565  1.00 25.91 ? 169 ASP A C   1 
ATOM   1081 O  O   . ASP A 1 141 ? 6.844   -18.935 10.717  1.00 25.99 ? 169 ASP A O   1 
ATOM   1082 C  CB  . ASP A 1 141 ? 4.017   -19.124 12.481  1.00 26.03 ? 169 ASP A CB  1 
ATOM   1083 C  CG  . ASP A 1 141 ? 4.943   -20.079 13.190  1.00 26.90 ? 169 ASP A CG  1 
ATOM   1084 O  OD1 . ASP A 1 141 ? 5.989   -19.643 13.729  1.00 27.90 ? 169 ASP A OD1 1 
ATOM   1085 O  OD2 . ASP A 1 141 ? 4.595   -21.276 13.229  1.00 28.41 ? 169 ASP A OD2 1 
ATOM   1086 N  N   . LYS A 1 142 ? 4.996   -19.416 9.528   1.00 25.89 ? 170 LYS A N   1 
ATOM   1087 C  CA  . LYS A 1 142 ? 5.715   -20.192 8.515   1.00 26.21 ? 170 LYS A CA  1 
ATOM   1088 C  C   . LYS A 1 142 ? 6.247   -19.314 7.380   1.00 26.11 ? 170 LYS A C   1 
ATOM   1089 O  O   . LYS A 1 142 ? 7.030   -19.782 6.541   1.00 26.09 ? 170 LYS A O   1 
ATOM   1090 C  CB  . LYS A 1 142 ? 4.829   -21.321 7.957   1.00 26.41 ? 170 LYS A CB  1 
ATOM   1091 C  CG  . LYS A 1 142 ? 4.304   -22.301 9.031   1.00 27.00 ? 170 LYS A CG  1 
ATOM   1092 C  CD  . LYS A 1 142 ? 3.365   -23.378 8.457   1.00 28.10 ? 170 LYS A CD  1 
ATOM   1093 C  CE  . LYS A 1 142 ? 2.082   -22.795 7.848   1.00 28.13 ? 170 LYS A CE  1 
ATOM   1094 N  NZ  . LYS A 1 142 ? 1.348   -23.786 6.999   1.00 27.44 ? 170 LYS A NZ  1 
ATOM   1095 N  N   . GLU A 1 143 ? 5.836   -18.042 7.381   1.00 25.80 ? 171 GLU A N   1 
ATOM   1096 C  CA  . GLU A 1 143 ? 6.159   -17.082 6.318   1.00 25.66 ? 171 GLU A CA  1 
ATOM   1097 C  C   . GLU A 1 143 ? 5.760   -17.619 4.947   1.00 25.07 ? 171 GLU A C   1 
ATOM   1098 O  O   . GLU A 1 143 ? 6.562   -17.629 4.018   1.00 24.84 ? 171 GLU A O   1 
ATOM   1099 C  CB  . GLU A 1 143 ? 7.639   -16.687 6.334   1.00 25.82 ? 171 GLU A CB  1 
ATOM   1100 C  CG  . GLU A 1 143 ? 8.092   -15.911 7.566   1.00 27.37 ? 171 GLU A CG  1 
ATOM   1101 C  CD  . GLU A 1 143 ? 9.315   -15.052 7.280   1.00 28.95 ? 171 GLU A CD  1 
ATOM   1102 O  OE1 . GLU A 1 143 ? 10.032  -15.344 6.295   1.00 29.80 ? 171 GLU A OE1 1 
ATOM   1103 O  OE2 . GLU A 1 143 ? 9.555   -14.079 8.028   1.00 29.11 ? 171 GLU A OE2 1 
ATOM   1104 N  N   . THR A 1 144 ? 4.505   -18.055 4.855   1.00 24.64 ? 172 THR A N   1 
ATOM   1105 C  CA  . THR A 1 144 ? 3.912   -18.676 3.664   1.00 24.44 ? 172 THR A CA  1 
ATOM   1106 C  C   . THR A 1 144 ? 3.970   -17.789 2.401   1.00 24.30 ? 172 THR A C   1 
ATOM   1107 O  O   . THR A 1 144 ? 4.176   -18.290 1.300   1.00 24.19 ? 172 THR A O   1 
ATOM   1108 C  CB  . THR A 1 144 ? 2.433   -19.080 3.966   1.00 24.36 ? 172 THR A CB  1 
ATOM   1109 O  OG1 . THR A 1 144 ? 2.395   -20.072 5.001   1.00 24.34 ? 172 THR A OG1 1 
ATOM   1110 C  CG2 . THR A 1 144 ? 1.715   -19.613 2.741   1.00 24.24 ? 172 THR A CG2 1 
ATOM   1111 N  N   . PHE A 1 145 ? 3.795   -16.478 2.573   1.00 24.15 ? 173 PHE A N   1 
ATOM   1112 C  CA  . PHE A 1 145 ? 3.691   -15.543 1.445   1.00 23.72 ? 173 PHE A CA  1 
ATOM   1113 C  C   . PHE A 1 145 ? 4.974   -14.736 1.206   1.00 23.79 ? 173 PHE A C   1 
ATOM   1114 O  O   . PHE A 1 145 ? 4.946   -13.654 0.602   1.00 23.87 ? 173 PHE A O   1 
ATOM   1115 C  CB  . PHE A 1 145 ? 2.481   -14.618 1.638   1.00 23.55 ? 173 PHE A CB  1 
ATOM   1116 C  CG  . PHE A 1 145 ? 1.151   -15.305 1.432   1.00 22.52 ? 173 PHE A CG  1 
ATOM   1117 C  CD1 . PHE A 1 145 ? 0.481   -15.200 0.222   1.00 21.11 ? 173 PHE A CD1 1 
ATOM   1118 C  CD2 . PHE A 1 145 ? 0.575   -16.066 2.451   1.00 22.23 ? 173 PHE A CD2 1 
ATOM   1119 C  CE1 . PHE A 1 145 ? -0.745  -15.840 0.027   1.00 21.40 ? 173 PHE A CE1 1 
ATOM   1120 C  CE2 . PHE A 1 145 ? -0.647  -16.712 2.267   1.00 20.80 ? 173 PHE A CE2 1 
ATOM   1121 C  CZ  . PHE A 1 145 ? -1.307  -16.600 1.058   1.00 21.16 ? 173 PHE A CZ  1 
ATOM   1122 N  N   . ALA A 1 146 ? 6.092   -15.281 1.679   1.00 23.52 ? 174 ALA A N   1 
ATOM   1123 C  CA  . ALA A 1 146 ? 7.406   -14.660 1.538   1.00 23.65 ? 174 ALA A CA  1 
ATOM   1124 C  C   . ALA A 1 146 ? 7.699   -14.221 0.108   1.00 23.72 ? 174 ALA A C   1 
ATOM   1125 O  O   . ALA A 1 146 ? 8.282   -13.148 -0.109  1.00 23.73 ? 174 ALA A O   1 
ATOM   1126 C  CB  . ALA A 1 146 ? 8.494   -15.606 2.027   1.00 23.61 ? 174 ALA A CB  1 
ATOM   1127 N  N   . SER A 1 147 ? 7.278   -15.046 -0.855  1.00 23.29 ? 175 SER A N   1 
ATOM   1128 C  CA  . SER A 1 147 ? 7.521   -14.783 -2.273  1.00 22.98 ? 175 SER A CA  1 
ATOM   1129 C  C   . SER A 1 147 ? 6.849   -13.494 -2.770  1.00 22.75 ? 175 SER A C   1 
ATOM   1130 O  O   . SER A 1 147 ? 7.355   -12.855 -3.688  1.00 22.63 ? 175 SER A O   1 
ATOM   1131 C  CB  . SER A 1 147 ? 7.092   -15.973 -3.139  1.00 22.83 ? 175 SER A CB  1 
ATOM   1132 O  OG  . SER A 1 147 ? 5.696   -15.962 -3.365  1.00 22.36 ? 175 SER A OG  1 
ATOM   1133 N  N   . GLN A 1 148 ? 5.715   -13.127 -2.173  1.00 22.42 ? 176 GLN A N   1 
ATOM   1134 C  CA  . GLN A 1 148 ? 5.024   -11.885 -2.539  1.00 22.13 ? 176 GLN A CA  1 
ATOM   1135 C  C   . GLN A 1 148 ? 5.763   -10.665 -1.988  1.00 21.96 ? 176 GLN A C   1 
ATOM   1136 O  O   . GLN A 1 148 ? 5.858   -9.632  -2.647  1.00 21.95 ? 176 GLN A O   1 
ATOM   1137 C  CB  . GLN A 1 148 ? 3.573   -11.899 -2.061  1.00 22.02 ? 176 GLN A CB  1 
ATOM   1138 C  CG  . GLN A 1 148 ? 2.695   -12.987 -2.686  1.00 22.46 ? 176 GLN A CG  1 
ATOM   1139 C  CD  . GLN A 1 148 ? 2.507   -12.818 -4.193  1.00 22.69 ? 176 GLN A CD  1 
ATOM   1140 O  OE1 . GLN A 1 148 ? 2.494   -11.701 -4.711  1.00 22.68 ? 176 GLN A OE1 1 
ATOM   1141 N  NE2 . GLN A 1 148 ? 2.357   -13.930 -4.896  1.00 21.97 ? 176 GLN A NE2 1 
ATOM   1142 N  N   . VAL A 1 149 ? 6.289   -10.808 -0.776  1.00 21.85 ? 177 VAL A N   1 
ATOM   1143 C  CA  . VAL A 1 149 ? 7.142   -9.800  -0.153  1.00 21.56 ? 177 VAL A CA  1 
ATOM   1144 C  C   . VAL A 1 149 ? 8.421   -9.575  -0.975  1.00 21.53 ? 177 VAL A C   1 
ATOM   1145 O  O   . VAL A 1 149 ? 8.803   -8.434  -1.225  1.00 21.39 ? 177 VAL A O   1 
ATOM   1146 C  CB  . VAL A 1 149 ? 7.485   -10.189 1.320   1.00 21.36 ? 177 VAL A CB  1 
ATOM   1147 C  CG1 . VAL A 1 149 ? 8.633   -9.344  1.877   1.00 21.16 ? 177 VAL A CG1 1 
ATOM   1148 C  CG2 . VAL A 1 149 ? 6.246   -10.071 2.198   1.00 20.90 ? 177 VAL A CG2 1 
ATOM   1149 N  N   . GLU A 1 150 ? 9.063   -10.664 -1.395  1.00 21.90 ? 178 GLU A N   1 
ATOM   1150 C  CA  . GLU A 1 150 ? 10.271  -10.594 -2.225  1.00 22.50 ? 178 GLU A CA  1 
ATOM   1151 C  C   . GLU A 1 150 ? 9.984   -10.060 -3.621  1.00 21.85 ? 178 GLU A C   1 
ATOM   1152 O  O   . GLU A 1 150 ? 10.827  -9.393  -4.211  1.00 21.92 ? 178 GLU A O   1 
ATOM   1153 C  CB  . GLU A 1 150 ? 10.982  -11.955 -2.312  1.00 23.02 ? 178 GLU A CB  1 
ATOM   1154 C  CG  . GLU A 1 150 ? 11.385  -12.568 -0.963  1.00 26.37 ? 178 GLU A CG  1 
ATOM   1155 C  CD  . GLU A 1 150 ? 12.301  -11.689 -0.107  1.00 30.02 ? 178 GLU A CD  1 
ATOM   1156 O  OE1 . GLU A 1 150 ? 12.726  -10.592 -0.555  1.00 32.41 ? 178 GLU A OE1 1 
ATOM   1157 O  OE2 . GLU A 1 150 ? 12.606  -12.109 1.034   1.00 31.53 ? 178 GLU A OE2 1 
ATOM   1158 N  N   . LYS A 1 151 ? 8.792   -10.345 -4.138  1.00 21.63 ? 179 LYS A N   1 
ATOM   1159 C  CA  . LYS A 1 151 ? 8.345   -9.764  -5.401  1.00 21.79 ? 179 LYS A CA  1 
ATOM   1160 C  C   . LYS A 1 151 ? 8.277   -8.230  -5.315  1.00 21.23 ? 179 LYS A C   1 
ATOM   1161 O  O   . LYS A 1 151 ? 8.754   -7.530  -6.215  1.00 21.78 ? 179 LYS A O   1 
ATOM   1162 C  CB  . LYS A 1 151 ? 6.987   -10.336 -5.814  1.00 22.20 ? 179 LYS A CB  1 
ATOM   1163 C  CG  . LYS A 1 151 ? 6.504   -9.831  -7.166  1.00 23.78 ? 179 LYS A CG  1 
ATOM   1164 C  CD  . LYS A 1 151 ? 5.068   -10.216 -7.423  1.00 27.43 ? 179 LYS A CD  1 
ATOM   1165 C  CE  . LYS A 1 151 ? 4.579   -9.612  -8.734  1.00 29.49 ? 179 LYS A CE  1 
ATOM   1166 N  NZ  . LYS A 1 151 ? 3.098   -9.716  -8.863  1.00 30.43 ? 179 LYS A NZ  1 
ATOM   1167 N  N   . ASP A 1 152 ? 7.687   -7.724  -4.232  1.00 20.34 ? 180 ASP A N   1 
ATOM   1168 C  CA  . ASP A 1 152 ? 7.575   -6.286  -3.996  1.00 19.64 ? 180 ASP A CA  1 
ATOM   1169 C  C   . ASP A 1 152 ? 8.952   -5.651  -3.796  1.00 19.39 ? 180 ASP A C   1 
ATOM   1170 O  O   . ASP A 1 152 ? 9.216   -4.561  -4.316  1.00 18.91 ? 180 ASP A O   1 
ATOM   1171 C  CB  . ASP A 1 152 ? 6.680   -5.996  -2.779  1.00 19.09 ? 180 ASP A CB  1 
ATOM   1172 C  CG  . ASP A 1 152 ? 5.210   -6.294  -3.036  1.00 17.91 ? 180 ASP A CG  1 
ATOM   1173 O  OD1 . ASP A 1 152 ? 4.851   -6.761  -4.132  1.00 14.34 ? 180 ASP A OD1 1 
ATOM   1174 O  OD2 . ASP A 1 152 ? 4.389   -6.064  -2.120  1.00 17.04 ? 180 ASP A OD2 1 
ATOM   1175 N  N   . SER A 1 153 ? 9.807   -6.342  -3.036  1.00 19.51 ? 181 SER A N   1 
ATOM   1176 C  CA  . SER A 1 153 ? 11.194  -5.926  -2.786  1.00 19.91 ? 181 SER A CA  1 
ATOM   1177 C  C   . SER A 1 153 ? 11.967  -5.748  -4.082  1.00 20.06 ? 181 SER A C   1 
ATOM   1178 O  O   . SER A 1 153 ? 12.676  -4.760  -4.246  1.00 20.22 ? 181 SER A O   1 
ATOM   1179 C  CB  . SER A 1 153 ? 11.925  -6.932  -1.896  1.00 19.95 ? 181 SER A CB  1 
ATOM   1180 O  OG  . SER A 1 153 ? 11.565  -6.778  -0.534  1.00 20.66 ? 181 SER A OG  1 
ATOM   1181 N  N   . ASP A 1 154 ? 11.833  -6.713  -4.992  1.00 20.50 ? 182 ASP A N   1 
ATOM   1182 C  CA  . ASP A 1 154 ? 12.406  -6.608  -6.336  1.00 20.98 ? 182 ASP A CA  1 
ATOM   1183 C  C   . ASP A 1 154 ? 11.912  -5.358  -7.060  1.00 20.70 ? 182 ASP A C   1 
ATOM   1184 O  O   . ASP A 1 154 ? 12.712  -4.632  -7.636  1.00 20.87 ? 182 ASP A O   1 
ATOM   1185 C  CB  . ASP A 1 154 ? 12.081  -7.856  -7.169  1.00 21.31 ? 182 ASP A CB  1 
ATOM   1186 C  CG  . ASP A 1 154 ? 12.857  -9.084  -6.717  1.00 23.57 ? 182 ASP A CG  1 
ATOM   1187 O  OD1 . ASP A 1 154 ? 13.668  -8.984  -5.760  1.00 26.05 ? 182 ASP A OD1 1 
ATOM   1188 O  OD2 . ASP A 1 154 ? 12.653  -10.158 -7.320  1.00 25.60 ? 182 ASP A OD2 1 
ATOM   1189 N  N   . LEU A 1 155 ? 10.601  -5.115  -7.020  1.00 20.49 ? 183 LEU A N   1 
ATOM   1190 C  CA  . LEU A 1 155 ? 10.010  -3.926  -7.635  1.00 20.55 ? 183 LEU A CA  1 
ATOM   1191 C  C   . LEU A 1 155 ? 10.475  -2.603  -7.005  1.00 20.74 ? 183 LEU A C   1 
ATOM   1192 O  O   . LEU A 1 155 ? 10.693  -1.632  -7.739  1.00 20.72 ? 183 LEU A O   1 
ATOM   1193 C  CB  . LEU A 1 155 ? 8.480   -4.021  -7.647  1.00 20.24 ? 183 LEU A CB  1 
ATOM   1194 C  CG  . LEU A 1 155 ? 7.640   -3.007  -8.430  1.00 20.40 ? 183 LEU A CG  1 
ATOM   1195 C  CD1 . LEU A 1 155 ? 8.102   -2.833  -9.895  1.00 19.88 ? 183 LEU A CD1 1 
ATOM   1196 C  CD2 . LEU A 1 155 ? 6.159   -3.405  -8.367  1.00 20.06 ? 183 LEU A CD2 1 
ATOM   1197 N  N   . ASN A 1 156 ? 10.628  -2.575  -5.671  1.00 20.97 ? 184 ASN A N   1 
ATOM   1198 C  CA  A ASN A 1 156 ? 11.129  -1.399  -4.923  0.70 21.11 ? 184 ASN A CA  1 
ATOM   1199 C  CA  B ASN A 1 156 ? 11.070  -1.357  -4.997  0.30 21.19 ? 184 ASN A CA  1 
ATOM   1200 C  C   . ASN A 1 156 ? 12.521  -1.021  -5.352  1.00 21.19 ? 184 ASN A C   1 
ATOM   1201 O  O   . ASN A 1 156 ? 12.885  0.152   -5.412  1.00 21.36 ? 184 ASN A O   1 
ATOM   1202 C  CB  A ASN A 1 156 ? 11.245  -1.693  -3.422  0.70 20.96 ? 184 ASN A CB  1 
ATOM   1203 C  CB  B ASN A 1 156 ? 10.824  -1.424  -3.474  0.30 21.18 ? 184 ASN A CB  1 
ATOM   1204 C  CG  A ASN A 1 156 ? 9.946   -2.053  -2.785  0.70 20.21 ? 184 ASN A CG  1 
ATOM   1205 C  CG  B ASN A 1 156 ? 12.104  -1.582  -2.661  0.30 21.16 ? 184 ASN A CG  1 
ATOM   1206 O  OD1 A ASN A 1 156 ? 9.929   -2.675  -1.727  0.70 18.75 ? 184 ASN A OD1 1 
ATOM   1207 O  OD1 B ASN A 1 156 ? 12.604  -0.618  -2.084  0.30 21.43 ? 184 ASN A OD1 1 
ATOM   1208 N  ND2 A ASN A 1 156 ? 8.844   -1.670  -3.414  0.70 20.84 ? 184 ASN A ND2 1 
ATOM   1209 N  ND2 B ASN A 1 156 ? 12.633  -2.796  -2.607  0.30 21.66 ? 184 ASN A ND2 1 
ATOM   1210 N  N   . GLN A 1 157 ? 13.319  -2.053  -5.600  1.00 21.50 ? 185 GLN A N   1 
ATOM   1211 C  CA  . GLN A 1 157 ? 14.710  -1.890  -5.971  1.00 22.09 ? 185 GLN A CA  1 
ATOM   1212 C  C   . GLN A 1 157 ? 14.818  -1.450  -7.424  1.00 21.66 ? 185 GLN A C   1 
ATOM   1213 O  O   . GLN A 1 157 ? 15.610  -0.572  -7.740  1.00 22.28 ? 185 GLN A O   1 
ATOM   1214 C  CB  . GLN A 1 157 ? 15.477  -3.185  -5.717  1.00 22.37 ? 185 GLN A CB  1 
ATOM   1215 C  CG  . GLN A 1 157 ? 15.568  -3.542  -4.233  1.00 24.59 ? 185 GLN A CG  1 
ATOM   1216 C  CD  . GLN A 1 157 ? 15.912  -5.016  -3.980  1.00 27.43 ? 185 GLN A CD  1 
ATOM   1217 O  OE1 . GLN A 1 157 ? 15.709  -5.525  -2.875  1.00 28.43 ? 185 GLN A OE1 1 
ATOM   1218 N  NE2 . GLN A 1 157 ? 16.436  -5.701  -5.002  1.00 27.61 ? 185 GLN A NE2 1 
ATOM   1219 N  N   . LYS A 1 158 ? 13.995  -2.035  -8.292  1.00 21.13 ? 186 LYS A N   1 
ATOM   1220 C  CA  . LYS A 1 158 ? 13.912  -1.627  -9.698  1.00 20.67 ? 186 LYS A CA  1 
ATOM   1221 C  C   . LYS A 1 158 ? 13.529  -0.152  -9.834  1.00 19.98 ? 186 LYS A C   1 
ATOM   1222 O  O   . LYS A 1 158 ? 14.055  0.552   -10.701 1.00 19.97 ? 186 LYS A O   1 
ATOM   1223 C  CB  . LYS A 1 158 ? 12.916  -2.525  -10.452 1.00 21.11 ? 186 LYS A CB  1 
ATOM   1224 C  CG  . LYS A 1 158 ? 12.590  -2.119  -11.891 1.00 22.08 ? 186 LYS A CG  1 
ATOM   1225 C  CD  . LYS A 1 158 ? 11.732  -3.194  -12.558 1.00 25.49 ? 186 LYS A CD  1 
ATOM   1226 C  CE  . LYS A 1 158 ? 11.263  -2.797  -13.959 1.00 27.48 ? 186 LYS A CE  1 
ATOM   1227 N  NZ  . LYS A 1 158 ? 12.333  -2.962  -15.004 1.00 30.00 ? 186 LYS A NZ  1 
ATOM   1228 N  N   . MET A 1 159 ? 12.615  0.309   -8.978  1.00 19.02 ? 187 MET A N   1 
ATOM   1229 C  CA  . MET A 1 159 ? 12.141  1.692   -9.026  1.00 17.97 ? 187 MET A CA  1 
ATOM   1230 C  C   . MET A 1 159 ? 13.009  2.620   -8.173  1.00 17.79 ? 187 MET A C   1 
ATOM   1231 O  O   . MET A 1 159 ? 12.829  3.841   -8.194  1.00 17.50 ? 187 MET A O   1 
ATOM   1232 C  CB  . MET A 1 159 ? 10.666  1.793   -8.622  1.00 17.94 ? 187 MET A CB  1 
ATOM   1233 C  CG  . MET A 1 159 ? 9.698   0.912   -9.431  1.00 17.02 ? 187 MET A CG  1 
ATOM   1234 S  SD  . MET A 1 159 ? 9.751   1.071   -11.233 1.00 16.79 ? 187 MET A SD  1 
ATOM   1235 C  CE  . MET A 1 159 ? 9.271   2.775   -11.488 1.00 13.51 ? 187 MET A CE  1 
ATOM   1236 N  N   . ASN A 1 160 ? 13.958  2.027   -7.442  1.00 17.43 ? 188 ASN A N   1 
ATOM   1237 C  CA  . ASN A 1 160 ? 14.958  2.768   -6.670  1.00 16.82 ? 188 ASN A CA  1 
ATOM   1238 C  C   . ASN A 1 160 ? 14.311  3.627   -5.573  1.00 16.38 ? 188 ASN A C   1 
ATOM   1239 O  O   . ASN A 1 160 ? 14.684  4.787   -5.357  1.00 15.92 ? 188 ASN A O   1 
ATOM   1240 C  CB  . ASN A 1 160 ? 15.847  3.602   -7.611  1.00 16.99 ? 188 ASN A CB  1 
ATOM   1241 C  CG  . ASN A 1 160 ? 17.135  4.071   -6.952  1.00 17.31 ? 188 ASN A CG  1 
ATOM   1242 O  OD1 . ASN A 1 160 ? 17.525  5.230   -7.098  1.00 17.78 ? 188 ASN A OD1 1 
ATOM   1243 N  ND2 . ASN A 1 160 ? 17.800  3.175   -6.225  1.00 17.01 ? 188 ASN A ND2 1 
ATOM   1244 N  N   . ILE A 1 161 ? 13.333  3.031   -4.891  1.00 15.72 ? 189 ILE A N   1 
ATOM   1245 C  CA  . ILE A 1 161 ? 12.580  3.692   -3.825  1.00 14.96 ? 189 ILE A CA  1 
ATOM   1246 C  C   . ILE A 1 161 ? 13.516  4.067   -2.688  1.00 15.04 ? 189 ILE A C   1 
ATOM   1247 O  O   . ILE A 1 161 ? 14.265  3.224   -2.182  1.00 15.38 ? 189 ILE A O   1 
ATOM   1248 C  CB  . ILE A 1 161 ? 11.377  2.828   -3.341  1.00 14.59 ? 189 ILE A CB  1 
ATOM   1249 C  CG1 . ILE A 1 161 ? 10.360  2.609   -4.482  1.00 13.78 ? 189 ILE A CG1 1 
ATOM   1250 C  CG2 . ILE A 1 161 ? 10.694  3.444   -2.104  1.00 15.03 ? 189 ILE A CG2 1 
ATOM   1251 C  CD1 . ILE A 1 161 ? 9.899   3.900   -5.227  1.00 10.56 ? 189 ILE A CD1 1 
ATOM   1252 N  N   . GLN A 1 162 ? 13.481  5.345   -2.319  1.00 14.95 ? 190 GLN A N   1 
ATOM   1253 C  CA  . GLN A 1 162 ? 14.406  5.928   -1.338  1.00 15.07 ? 190 GLN A CA  1 
ATOM   1254 C  C   . GLN A 1 162 ? 13.740  6.187   0.013   1.00 14.66 ? 190 GLN A C   1 
ATOM   1255 O  O   . GLN A 1 162 ? 14.412  6.228   1.036   1.00 14.75 ? 190 GLN A O   1 
ATOM   1256 C  CB  . GLN A 1 162 ? 14.954  7.270   -1.860  1.00 15.27 ? 190 GLN A CB  1 
ATOM   1257 C  CG  . GLN A 1 162 ? 15.768  7.184   -3.139  1.00 16.16 ? 190 GLN A CG  1 
ATOM   1258 C  CD  . GLN A 1 162 ? 16.987  6.307   -2.997  1.00 16.42 ? 190 GLN A CD  1 
ATOM   1259 O  OE1 . GLN A 1 162 ? 17.141  5.330   -3.724  1.00 18.39 ? 190 GLN A OE1 1 
ATOM   1260 N  NE2 . GLN A 1 162 ? 17.855  6.642   -2.055  1.00 15.66 ? 190 GLN A NE2 1 
ATOM   1261 N  N   . ALA A 1 163 ? 12.426  6.410   -0.017  1.00 14.18 ? 191 ALA A N   1 
ATOM   1262 C  CA  . ALA A 1 163 ? 11.632  6.769   1.158   1.00 13.83 ? 191 ALA A CA  1 
ATOM   1263 C  C   . ALA A 1 163 ? 10.160  6.433   0.916   1.00 13.52 ? 191 ALA A C   1 
ATOM   1264 O  O   . ALA A 1 163 ? 9.690   6.439   -0.227  1.00 13.15 ? 191 ALA A O   1 
ATOM   1265 C  CB  . ALA A 1 163 ? 11.787  8.261   1.480   1.00 13.71 ? 191 ALA A CB  1 
ATOM   1266 N  N   . THR A 1 164 ? 9.444   6.147   2.000   1.00 13.38 ? 192 THR A N   1 
ATOM   1267 C  CA  . THR A 1 164 ? 8.011   5.842   1.948   1.00 13.22 ? 192 THR A CA  1 
ATOM   1268 C  C   . THR A 1 164 ? 7.160   6.983   2.557   1.00 13.20 ? 192 THR A C   1 
ATOM   1269 O  O   . THR A 1 164 ? 7.601   7.658   3.483   1.00 12.72 ? 192 THR A O   1 
ATOM   1270 C  CB  . THR A 1 164 ? 7.701   4.485   2.634   1.00 13.20 ? 192 THR A CB  1 
ATOM   1271 O  OG1 . THR A 1 164 ? 8.305   4.458   3.933   1.00 13.70 ? 192 THR A OG1 1 
ATOM   1272 C  CG2 . THR A 1 164 ? 8.250   3.318   1.815   1.00 12.57 ? 192 THR A CG2 1 
ATOM   1273 N  N   . PRO A 1 165 ? 5.965   7.241   1.992   1.00 13.15 ? 193 PRO A N   1 
ATOM   1274 C  CA  . PRO A 1 165 ? 5.493   6.634   0.744   1.00 13.17 ? 193 PRO A CA  1 
ATOM   1275 C  C   . PRO A 1 165 ? 6.052   7.361   -0.480  1.00 13.03 ? 193 PRO A C   1 
ATOM   1276 O  O   . PRO A 1 165 ? 6.272   8.582   -0.440  1.00 12.89 ? 193 PRO A O   1 
ATOM   1277 C  CB  . PRO A 1 165 ? 3.971   6.807   0.816   1.00 13.05 ? 193 PRO A CB  1 
ATOM   1278 C  CG  . PRO A 1 165 ? 3.757   8.000   1.702   1.00 13.03 ? 193 PRO A CG  1 
ATOM   1279 C  CD  . PRO A 1 165 ? 4.981   8.182   2.559   1.00 12.98 ? 193 PRO A CD  1 
ATOM   1280 N  N   . THR A 1 166 ? 6.307   6.600   -1.541  1.00 12.33 ? 194 THR A N   1 
ATOM   1281 C  CA  . THR A 1 166 ? 6.578   7.174   -2.850  1.00 11.57 ? 194 THR A CA  1 
ATOM   1282 C  C   . THR A 1 166 ? 5.348   6.867   -3.699  1.00 11.43 ? 194 THR A C   1 
ATOM   1283 O  O   . THR A 1 166 ? 4.932   5.719   -3.811  1.00 11.20 ? 194 THR A O   1 
ATOM   1284 C  CB  . THR A 1 166 ? 7.883   6.618   -3.479  1.00 11.29 ? 194 THR A CB  1 
ATOM   1285 O  OG1 . THR A 1 166 ? 8.980   6.932   -2.619  1.00 12.18 ? 194 THR A OG1 1 
ATOM   1286 C  CG2 . THR A 1 166 ? 8.156   7.231   -4.844  1.00 9.76  ? 194 THR A CG2 1 
ATOM   1287 N  N   . ILE A 1 167 ? 4.751   7.916   -4.251  1.00 11.27 ? 195 ILE A N   1 
ATOM   1288 C  CA  . ILE A 1 167 ? 3.539   7.791   -5.047  1.00 11.20 ? 195 ILE A CA  1 
ATOM   1289 C  C   . ILE A 1 167 ? 3.880   7.983   -6.518  1.00 10.83 ? 195 ILE A C   1 
ATOM   1290 O  O   . ILE A 1 167 ? 4.561   8.934   -6.872  1.00 10.67 ? 195 ILE A O   1 
ATOM   1291 C  CB  . ILE A 1 167 ? 2.464   8.844   -4.633  1.00 11.07 ? 195 ILE A CB  1 
ATOM   1292 C  CG1 . ILE A 1 167 ? 2.273   8.880   -3.112  1.00 11.38 ? 195 ILE A CG1 1 
ATOM   1293 C  CG2 . ILE A 1 167 ? 1.134   8.592   -5.352  1.00 10.81 ? 195 ILE A CG2 1 
ATOM   1294 C  CD1 . ILE A 1 167 ? 1.834   7.547   -2.475  1.00 9.88  ? 195 ILE A CD1 1 
ATOM   1295 N  N   . TYR A 1 168 ? 3.415   7.059   -7.356  1.00 10.84 ? 196 TYR A N   1 
ATOM   1296 C  CA  . TYR A 1 168 ? 3.447   7.231   -8.803  1.00 10.91 ? 196 TYR A CA  1 
ATOM   1297 C  C   . TYR A 1 168 ? 2.049   7.506   -9.324  1.00 11.17 ? 196 TYR A C   1 
ATOM   1298 O  O   . TYR A 1 168 ? 1.078   6.896   -8.875  1.00 11.04 ? 196 TYR A O   1 
ATOM   1299 C  CB  . TYR A 1 168 ? 3.990   5.989   -9.501  1.00 10.82 ? 196 TYR A CB  1 
ATOM   1300 C  CG  . TYR A 1 168 ? 5.484   5.807   -9.396  1.00 11.11 ? 196 TYR A CG  1 
ATOM   1301 C  CD1 . TYR A 1 168 ? 6.311   5.997   -10.506 1.00 10.93 ? 196 TYR A CD1 1 
ATOM   1302 C  CD2 . TYR A 1 168 ? 6.069   5.429   -8.189  1.00 11.05 ? 196 TYR A CD2 1 
ATOM   1303 C  CE1 . TYR A 1 168 ? 7.681   5.806   -10.414 1.00 10.78 ? 196 TYR A CE1 1 
ATOM   1304 C  CE2 . TYR A 1 168 ? 7.425   5.242   -8.084  1.00 12.23 ? 196 TYR A CE2 1 
ATOM   1305 C  CZ  . TYR A 1 168 ? 8.232   5.432   -9.192  1.00 11.77 ? 196 TYR A CZ  1 
ATOM   1306 O  OH  . TYR A 1 168 ? 9.590   5.242   -9.044  1.00 13.50 ? 196 TYR A OH  1 
ATOM   1307 N  N   . VAL A 1 169 ? 1.970   8.436   -10.270 1.00 11.27 ? 197 VAL A N   1 
ATOM   1308 C  CA  . VAL A 1 169 ? 0.771   8.699   -11.038 1.00 11.38 ? 197 VAL A CA  1 
ATOM   1309 C  C   . VAL A 1 169 ? 1.180   8.397   -12.467 1.00 12.04 ? 197 VAL A C   1 
ATOM   1310 O  O   . VAL A 1 169 ? 1.979   9.123   -13.057 1.00 12.07 ? 197 VAL A O   1 
ATOM   1311 C  CB  . VAL A 1 169 ? 0.298   10.155  -10.894 1.00 11.43 ? 197 VAL A CB  1 
ATOM   1312 C  CG1 . VAL A 1 169 ? -0.937  10.422  -11.780 1.00 9.96  ? 197 VAL A CG1 1 
ATOM   1313 C  CG2 . VAL A 1 169 ? 0.012   10.485  -9.415  1.00 11.00 ? 197 VAL A CG2 1 
ATOM   1314 N  N   . ASN A 1 170 ? 0.641   7.304   -13.007 1.00 12.70 ? 198 ASN A N   1 
ATOM   1315 C  CA  . ASN A 1 170 ? 1.194   6.671   -14.196 1.00 13.40 ? 198 ASN A CA  1 
ATOM   1316 C  C   . ASN A 1 170 ? 2.724   6.603   -14.068 1.00 13.77 ? 198 ASN A C   1 
ATOM   1317 O  O   . ASN A 1 170 ? 3.227   6.025   -13.093 1.00 13.86 ? 198 ASN A O   1 
ATOM   1318 C  CB  . ASN A 1 170 ? 0.715   7.371   -15.476 1.00 13.17 ? 198 ASN A CB  1 
ATOM   1319 C  CG  . ASN A 1 170 ? -0.768  7.149   -15.742 1.00 13.41 ? 198 ASN A CG  1 
ATOM   1320 O  OD1 . ASN A 1 170 ? -1.374  6.193   -15.238 1.00 13.10 ? 198 ASN A OD1 1 
ATOM   1321 N  ND2 . ASN A 1 170 ? -1.361  8.027   -16.549 1.00 12.65 ? 198 ASN A ND2 1 
ATOM   1322 N  N   . ASP A 1 171 ? 3.456   7.189   -15.018 1.00 14.22 ? 199 ASP A N   1 
ATOM   1323 C  CA  . ASP A 1 171 ? 4.930   7.179   -14.964 1.00 14.74 ? 199 ASP A CA  1 
ATOM   1324 C  C   . ASP A 1 171 ? 5.553   8.350   -14.178 1.00 14.72 ? 199 ASP A C   1 
ATOM   1325 O  O   . ASP A 1 171 ? 6.775   8.490   -14.125 1.00 14.73 ? 199 ASP A O   1 
ATOM   1326 C  CB  . ASP A 1 171 ? 5.546   7.076   -16.381 1.00 14.94 ? 199 ASP A CB  1 
ATOM   1327 C  CG  . ASP A 1 171 ? 5.086   8.187   -17.331 1.00 16.22 ? 199 ASP A CG  1 
ATOM   1328 O  OD1 . ASP A 1 171 ? 4.124   8.924   -17.024 1.00 16.55 ? 199 ASP A OD1 1 
ATOM   1329 O  OD2 . ASP A 1 171 ? 5.689   8.305   -18.424 1.00 18.34 ? 199 ASP A OD2 1 
ATOM   1330 N  N   . LYS A 1 172 ? 4.717   9.190   -13.577 1.00 14.78 ? 200 LYS A N   1 
ATOM   1331 C  CA  . LYS A 1 172 ? 5.208   10.375  -12.884 1.00 15.29 ? 200 LYS A CA  1 
ATOM   1332 C  C   . LYS A 1 172 ? 5.417   10.114  -11.402 1.00 15.32 ? 200 LYS A C   1 
ATOM   1333 O  O   . LYS A 1 172 ? 4.528   9.591   -10.714 1.00 15.10 ? 200 LYS A O   1 
ATOM   1334 C  CB  . LYS A 1 172 ? 4.275   11.577  -13.093 1.00 15.27 ? 200 LYS A CB  1 
ATOM   1335 C  CG  . LYS A 1 172 ? 3.935   11.881  -14.559 1.00 16.35 ? 200 LYS A CG  1 
ATOM   1336 C  CD  . LYS A 1 172 ? 5.168   12.159  -15.417 1.00 16.58 ? 200 LYS A CD  1 
ATOM   1337 C  CE  . LYS A 1 172 ? 4.779   12.525  -16.843 1.00 17.44 ? 200 LYS A CE  1 
ATOM   1338 N  NZ  . LYS A 1 172 ? 3.916   11.491  -17.490 1.00 18.57 ? 200 LYS A NZ  1 
ATOM   1339 N  N   . VAL A 1 173 ? 6.608   10.482  -10.929 1.00 15.25 ? 201 VAL A N   1 
ATOM   1340 C  CA  . VAL A 1 173 ? 6.982   10.338  -9.528  1.00 15.42 ? 201 VAL A CA  1 
ATOM   1341 C  C   . VAL A 1 173 ? 6.651   11.631  -8.797  1.00 15.44 ? 201 VAL A C   1 
ATOM   1342 O  O   . VAL A 1 173 ? 7.179   12.703  -9.141  1.00 15.41 ? 201 VAL A O   1 
ATOM   1343 C  CB  . VAL A 1 173 ? 8.492   10.041  -9.367  1.00 15.20 ? 201 VAL A CB  1 
ATOM   1344 C  CG1 . VAL A 1 173 ? 8.812   9.683   -7.941  1.00 15.71 ? 201 VAL A CG1 1 
ATOM   1345 C  CG2 . VAL A 1 173 ? 8.918   8.927   -10.284 1.00 15.22 ? 201 VAL A CG2 1 
ATOM   1346 N  N   . ILE A 1 174 ? 5.781   11.509  -7.793  1.00 15.30 ? 202 ILE A N   1 
ATOM   1347 C  CA  . ILE A 1 174 ? 5.366   12.610  -6.929  1.00 15.25 ? 202 ILE A CA  1 
ATOM   1348 C  C   . ILE A 1 174 ? 6.485   12.946  -5.939  1.00 15.58 ? 202 ILE A C   1 
ATOM   1349 O  O   . ILE A 1 174 ? 7.002   12.054  -5.252  1.00 16.00 ? 202 ILE A O   1 
ATOM   1350 C  CB  . ILE A 1 174 ? 4.059   12.246  -6.152  1.00 15.41 ? 202 ILE A CB  1 
ATOM   1351 C  CG1 . ILE A 1 174 ? 2.896   11.924  -7.113  1.00 15.07 ? 202 ILE A CG1 1 
ATOM   1352 C  CG2 . ILE A 1 174 ? 3.684   13.331  -5.126  1.00 15.02 ? 202 ILE A CG2 1 
ATOM   1353 C  CD1 . ILE A 1 174 ? 2.486   13.069  -8.063  1.00 14.66 ? 202 ILE A CD1 1 
ATOM   1354 N  N   . LYS A 1 175 ? 6.856   14.224  -5.872  1.00 15.20 ? 203 LYS A N   1 
ATOM   1355 C  CA  . LYS A 1 175 ? 7.942   14.674  -5.000  1.00 15.50 ? 203 LYS A CA  1 
ATOM   1356 C  C   . LYS A 1 175 ? 7.515   14.729  -3.533  1.00 14.94 ? 203 LYS A C   1 
ATOM   1357 O  O   . LYS A 1 175 ? 8.288   14.379  -2.643  1.00 15.22 ? 203 LYS A O   1 
ATOM   1358 C  CB  . LYS A 1 175 ? 8.487   16.037  -5.455  1.00 15.95 ? 203 LYS A CB  1 
ATOM   1359 C  CG  . LYS A 1 175 ? 8.818   16.124  -6.957  1.00 18.27 ? 203 LYS A CG  1 
ATOM   1360 C  CD  . LYS A 1 175 ? 9.137   17.558  -7.418  1.00 22.28 ? 203 LYS A CD  1 
ATOM   1361 C  CE  . LYS A 1 175 ? 7.927   18.521  -7.316  1.00 24.62 ? 203 LYS A CE  1 
ATOM   1362 N  NZ  . LYS A 1 175 ? 6.975   18.454  -8.473  1.00 23.86 ? 203 LYS A NZ  1 
ATOM   1363 N  N   . ASN A 1 176 ? 6.284   15.165  -3.289  1.00 14.36 ? 204 ASN A N   1 
ATOM   1364 C  CA  . ASN A 1 176 ? 5.747   15.260  -1.935  1.00 13.51 ? 204 ASN A CA  1 
ATOM   1365 C  C   . ASN A 1 176 ? 4.369   14.589  -1.808  1.00 12.94 ? 204 ASN A C   1 
ATOM   1366 O  O   . ASN A 1 176 ? 3.362   15.136  -2.259  1.00 12.12 ? 204 ASN A O   1 
ATOM   1367 C  CB  . ASN A 1 176 ? 5.694   16.732  -1.496  1.00 13.36 ? 204 ASN A CB  1 
ATOM   1368 C  CG  . ASN A 1 176 ? 5.350   16.899  -0.027  1.00 12.88 ? 204 ASN A CG  1 
ATOM   1369 O  OD1 . ASN A 1 176 ? 5.080   15.926  0.676   1.00 13.19 ? 204 ASN A OD1 1 
ATOM   1370 N  ND2 . ASN A 1 176 ? 5.360   18.143  0.446   1.00 9.90  ? 204 ASN A ND2 1 
ATOM   1371 N  N   . PHE A 1 177 ? 4.349   13.411  -1.180  1.00 12.68 ? 205 PHE A N   1 
ATOM   1372 C  CA  . PHE A 1 177 ? 3.125   12.627  -0.955  1.00 12.68 ? 205 PHE A CA  1 
ATOM   1373 C  C   . PHE A 1 177 ? 2.041   13.401  -0.188  1.00 12.89 ? 205 PHE A C   1 
ATOM   1374 O  O   . PHE A 1 177 ? 0.854   13.116  -0.349  1.00 12.97 ? 205 PHE A O   1 
ATOM   1375 C  CB  . PHE A 1 177 ? 3.443   11.338  -0.173  1.00 12.34 ? 205 PHE A CB  1 
ATOM   1376 C  CG  . PHE A 1 177 ? 3.651   11.573  1.299   1.00 12.64 ? 205 PHE A CG  1 
ATOM   1377 C  CD1 . PHE A 1 177 ? 2.580   11.493  2.189   1.00 12.10 ? 205 PHE A CD1 1 
ATOM   1378 C  CD2 . PHE A 1 177 ? 4.906   11.928  1.787   1.00 13.14 ? 205 PHE A CD2 1 
ATOM   1379 C  CE1 . PHE A 1 177 ? 2.760   11.743  3.541   1.00 12.71 ? 205 PHE A CE1 1 
ATOM   1380 C  CE2 . PHE A 1 177 ? 5.098   12.181  3.138   1.00 13.52 ? 205 PHE A CE2 1 
ATOM   1381 C  CZ  . PHE A 1 177 ? 4.022   12.090  4.018   1.00 13.30 ? 205 PHE A CZ  1 
ATOM   1382 N  N   . ALA A 1 178 ? 2.455   14.341  0.665   1.00 12.76 ? 206 ALA A N   1 
ATOM   1383 C  CA  . ALA A 1 178 ? 1.528   15.112  1.511   1.00 13.00 ? 206 ALA A CA  1 
ATOM   1384 C  C   . ALA A 1 178 ? 1.004   16.406  0.867   1.00 13.25 ? 206 ALA A C   1 
ATOM   1385 O  O   . ALA A 1 178 ? 0.115   17.064  1.416   1.00 13.21 ? 206 ALA A O   1 
ATOM   1386 C  CB  . ALA A 1 178 ? 2.181   15.426  2.864   1.00 13.03 ? 206 ALA A CB  1 
ATOM   1387 N  N   . ASP A 1 179 ? 1.574   16.771  -0.281  1.00 13.35 ? 207 ASP A N   1 
ATOM   1388 C  CA  . ASP A 1 179 ? 1.075   17.878  -1.104  1.00 13.38 ? 207 ASP A CA  1 
ATOM   1389 C  C   . ASP A 1 179 ? -0.030  17.358  -2.040  1.00 13.12 ? 207 ASP A C   1 
ATOM   1390 O  O   . ASP A 1 179 ? 0.248   16.837  -3.121  1.00 13.54 ? 207 ASP A O   1 
ATOM   1391 C  CB  . ASP A 1 179 ? 2.237   18.479  -1.907  1.00 13.25 ? 207 ASP A CB  1 
ATOM   1392 C  CG  . ASP A 1 179 ? 1.849   19.716  -2.700  1.00 13.71 ? 207 ASP A CG  1 
ATOM   1393 O  OD1 . ASP A 1 179 ? 2.732   20.260  -3.392  1.00 15.05 ? 207 ASP A OD1 1 
ATOM   1394 O  OD2 . ASP A 1 179 ? 0.686   20.154  -2.657  1.00 14.85 ? 207 ASP A OD2 1 
ATOM   1395 N  N   . TYR A 1 180 ? -1.283  17.490  -1.618  1.00 13.09 ? 208 TYR A N   1 
ATOM   1396 C  CA  . TYR A 1 180 ? -2.407  17.023  -2.426  1.00 12.86 ? 208 TYR A CA  1 
ATOM   1397 C  C   . TYR A 1 180 ? -2.588  17.832  -3.712  1.00 13.11 ? 208 TYR A C   1 
ATOM   1398 O  O   . TYR A 1 180 ? -3.155  17.340  -4.685  1.00 12.42 ? 208 TYR A O   1 
ATOM   1399 C  CB  . TYR A 1 180 ? -3.720  16.997  -1.637  1.00 12.62 ? 208 TYR A CB  1 
ATOM   1400 C  CG  . TYR A 1 180 ? -4.839  16.353  -2.440  1.00 12.77 ? 208 TYR A CG  1 
ATOM   1401 C  CD1 . TYR A 1 180 ? -4.675  15.074  -2.982  1.00 12.20 ? 208 TYR A CD1 1 
ATOM   1402 C  CD2 . TYR A 1 180 ? -6.037  17.030  -2.693  1.00 11.83 ? 208 TYR A CD2 1 
ATOM   1403 C  CE1 . TYR A 1 180 ? -5.673  14.480  -3.737  1.00 12.33 ? 208 TYR A CE1 1 
ATOM   1404 C  CE2 . TYR A 1 180 ? -7.058  16.429  -3.441  1.00 11.16 ? 208 TYR A CE2 1 
ATOM   1405 C  CZ  . TYR A 1 180 ? -6.859  15.157  -3.955  1.00 11.34 ? 208 TYR A CZ  1 
ATOM   1406 O  OH  . TYR A 1 180 ? -7.826  14.542  -4.704  1.00 12.41 ? 208 TYR A OH  1 
ATOM   1407 N  N   . ASP A 1 181 ? -2.107  19.071  -3.712  1.00 13.53 ? 209 ASP A N   1 
ATOM   1408 C  CA  . ASP A 1 181 ? -2.157  19.874  -4.918  1.00 13.91 ? 209 ASP A CA  1 
ATOM   1409 C  C   . ASP A 1 181 ? -1.364  19.220  -6.048  1.00 14.02 ? 209 ASP A C   1 
ATOM   1410 O  O   . ASP A 1 181 ? -1.873  19.091  -7.155  1.00 13.91 ? 209 ASP A O   1 
ATOM   1411 C  CB  . ASP A 1 181 ? -1.627  21.280  -4.677  1.00 14.05 ? 209 ASP A CB  1 
ATOM   1412 C  CG  . ASP A 1 181 ? -1.519  22.059  -5.961  1.00 14.75 ? 209 ASP A CG  1 
ATOM   1413 O  OD1 . ASP A 1 181 ? -2.584  22.325  -6.565  1.00 12.76 ? 209 ASP A OD1 1 
ATOM   1414 O  OD2 . ASP A 1 181 ? -0.377  22.363  -6.382  1.00 15.40 ? 209 ASP A OD2 1 
ATOM   1415 N  N   . GLU A 1 182 ? -0.124  18.813  -5.755  1.00 14.16 ? 210 GLU A N   1 
ATOM   1416 C  CA  . GLU A 1 182 ? 0.747   18.146  -6.726  1.00 14.03 ? 210 GLU A CA  1 
ATOM   1417 C  C   . GLU A 1 182 ? 0.109   16.869  -7.247  1.00 13.93 ? 210 GLU A C   1 
ATOM   1418 O  O   . GLU A 1 182 ? 0.208   16.552  -8.434  1.00 13.69 ? 210 GLU A O   1 
ATOM   1419 C  CB  . GLU A 1 182 ? 2.099   17.797  -6.083  1.00 14.30 ? 210 GLU A CB  1 
ATOM   1420 C  CG  . GLU A 1 182 ? 3.169   17.327  -7.074  1.00 14.70 ? 210 GLU A CG  1 
ATOM   1421 C  CD  . GLU A 1 182 ? 4.365   16.654  -6.411  1.00 14.79 ? 210 GLU A CD  1 
ATOM   1422 O  OE1 . GLU A 1 182 ? 4.561   16.829  -5.187  1.00 13.20 ? 210 GLU A OE1 1 
ATOM   1423 O  OE2 . GLU A 1 182 ? 5.119   15.952  -7.133  1.00 15.36 ? 210 GLU A OE2 1 
ATOM   1424 N  N   . ILE A 1 183 ? -0.521  16.128  -6.339  1.00 13.98 ? 211 ILE A N   1 
ATOM   1425 C  CA  . ILE A 1 183 ? -1.113  14.829  -6.662  1.00 13.74 ? 211 ILE A CA  1 
ATOM   1426 C  C   . ILE A 1 183 ? -2.343  15.000  -7.552  1.00 13.59 ? 211 ILE A C   1 
ATOM   1427 O  O   . ILE A 1 183 ? -2.449  14.345  -8.586  1.00 13.16 ? 211 ILE A O   1 
ATOM   1428 C  CB  . ILE A 1 183 ? -1.441  14.006  -5.383  1.00 13.71 ? 211 ILE A CB  1 
ATOM   1429 C  CG1 . ILE A 1 183 ? -0.148  13.507  -4.728  1.00 13.37 ? 211 ILE A CG1 1 
ATOM   1430 C  CG2 . ILE A 1 183 ? -2.335  12.819  -5.709  1.00 13.11 ? 211 ILE A CG2 1 
ATOM   1431 C  CD1 . ILE A 1 183 ? -0.387  12.740  -3.444  1.00 12.93 ? 211 ILE A CD1 1 
ATOM   1432 N  N   . LYS A 1 184 ? -3.237  15.908  -7.161  1.00 13.41 ? 212 LYS A N   1 
ATOM   1433 C  CA  . LYS A 1 184 ? -4.465  16.179  -7.908  1.00 13.73 ? 212 LYS A CA  1 
ATOM   1434 C  C   . LYS A 1 184 ? -4.151  16.695  -9.316  1.00 13.76 ? 212 LYS A C   1 
ATOM   1435 O  O   . LYS A 1 184 ? -4.656  16.159  -10.312 1.00 14.19 ? 212 LYS A O   1 
ATOM   1436 C  CB  . LYS A 1 184 ? -5.340  17.168  -7.130  1.00 13.82 ? 212 LYS A CB  1 
ATOM   1437 C  CG  . LYS A 1 184 ? -6.771  17.299  -7.618  1.00 13.60 ? 212 LYS A CG  1 
ATOM   1438 C  CD  . LYS A 1 184 ? -7.520  18.335  -6.784  1.00 13.30 ? 212 LYS A CD  1 
ATOM   1439 C  CE  . LYS A 1 184 ? -9.032  18.254  -6.961  1.00 13.13 ? 212 LYS A CE  1 
ATOM   1440 N  NZ  . LYS A 1 184 ? -9.460  18.578  -8.356  1.00 13.38 ? 212 LYS A NZ  1 
ATOM   1441 N  N   . GLU A 1 185 ? -3.292  17.710  -9.384  1.00 13.58 ? 213 GLU A N   1 
ATOM   1442 C  CA  A GLU A 1 185 ? -2.824  18.320  -10.637 0.70 13.72 ? 213 GLU A CA  1 
ATOM   1443 C  CA  B GLU A 1 185 ? -2.914  18.297  -10.667 0.30 13.34 ? 213 GLU A CA  1 
ATOM   1444 C  C   . GLU A 1 185 ? -2.146  17.344  -11.603 1.00 13.31 ? 213 GLU A C   1 
ATOM   1445 O  O   . GLU A 1 185 ? -2.227  17.491  -12.819 1.00 13.16 ? 213 GLU A O   1 
ATOM   1446 C  CB  A GLU A 1 185 ? -1.820  19.427  -10.322 0.70 14.00 ? 213 GLU A CB  1 
ATOM   1447 C  CB  B GLU A 1 185 ? -2.172  19.623  -10.460 0.30 13.37 ? 213 GLU A CB  1 
ATOM   1448 C  CG  A GLU A 1 185 ? -2.415  20.731  -9.837  0.70 15.63 ? 213 GLU A CG  1 
ATOM   1449 C  CG  B GLU A 1 185 ? -3.094  20.768  -10.028 0.30 13.04 ? 213 GLU A CG  1 
ATOM   1450 C  CD  A GLU A 1 185 ? -1.338  21.746  -9.478  0.70 18.10 ? 213 GLU A CD  1 
ATOM   1451 C  CD  B GLU A 1 185 ? -2.394  22.115  -9.984  0.30 12.63 ? 213 GLU A CD  1 
ATOM   1452 O  OE1 A GLU A 1 185 ? -0.155  21.554  -9.870  0.70 18.59 ? 213 GLU A OE1 1 
ATOM   1453 O  OE1 B GLU A 1 185 ? -2.728  22.991  -10.808 0.30 11.84 ? 213 GLU A OE1 1 
ATOM   1454 O  OE2 A GLU A 1 185 ? -1.676  22.734  -8.795  0.70 18.36 ? 213 GLU A OE2 1 
ATOM   1455 O  OE2 B GLU A 1 185 ? -1.506  22.298  -9.125  0.30 13.37 ? 213 GLU A OE2 1 
ATOM   1456 N  N   . THR A 1 186 ? -1.429  16.370  -11.048 1.00 13.27 ? 214 THR A N   1 
ATOM   1457 C  CA  . THR A 1 186 ? -0.710  15.362  -11.845 1.00 13.11 ? 214 THR A CA  1 
ATOM   1458 C  C   . THR A 1 186 ? -1.675  14.303  -12.379 1.00 13.27 ? 214 THR A C   1 
ATOM   1459 O  O   . THR A 1 186 ? -1.536  13.860  -13.521 1.00 13.63 ? 214 THR A O   1 
ATOM   1460 C  CB  . THR A 1 186 ? 0.433   14.699  -11.027 1.00 13.05 ? 214 THR A CB  1 
ATOM   1461 O  OG1 . THR A 1 186 ? 1.295   15.714  -10.507 1.00 13.67 ? 214 THR A OG1 1 
ATOM   1462 C  CG2 . THR A 1 186 ? 1.264   13.729  -11.882 1.00 12.93 ? 214 THR A CG2 1 
ATOM   1463 N  N   . ILE A 1 187 ? -2.646  13.898  -11.559 1.00 13.28 ? 215 ILE A N   1 
ATOM   1464 C  CA  . ILE A 1 187 ? -3.714  13.009  -12.012 1.00 13.20 ? 215 ILE A CA  1 
ATOM   1465 C  C   . ILE A 1 187 ? -4.505  13.679  -13.142 1.00 14.11 ? 215 ILE A C   1 
ATOM   1466 O  O   . ILE A 1 187 ? -4.805  13.044  -14.162 1.00 14.26 ? 215 ILE A O   1 
ATOM   1467 C  CB  . ILE A 1 187 ? -4.652  12.568  -10.852 1.00 13.06 ? 215 ILE A CB  1 
ATOM   1468 C  CG1 . ILE A 1 187 ? -3.935  11.577  -9.921  1.00 11.98 ? 215 ILE A CG1 1 
ATOM   1469 C  CG2 . ILE A 1 187 ? -5.955  11.952  -11.399 1.00 11.28 ? 215 ILE A CG2 1 
ATOM   1470 C  CD1 . ILE A 1 187 ? -4.461  11.569  -8.506  1.00 10.19 ? 215 ILE A CD1 1 
ATOM   1471 N  N   . GLU A 1 188 ? -4.806  14.965  -12.964 1.00 14.54 ? 216 GLU A N   1 
ATOM   1472 C  CA  . GLU A 1 188 ? -5.583  15.725  -13.947 1.00 15.18 ? 216 GLU A CA  1 
ATOM   1473 C  C   . GLU A 1 188 ? -4.817  15.961  -15.248 1.00 15.75 ? 216 GLU A C   1 
ATOM   1474 O  O   . GLU A 1 188 ? -5.405  15.940  -16.319 1.00 15.57 ? 216 GLU A O   1 
ATOM   1475 C  CB  . GLU A 1 188 ? -6.088  17.041  -13.342 1.00 14.85 ? 216 GLU A CB  1 
ATOM   1476 C  CG  . GLU A 1 188 ? -7.248  16.849  -12.359 1.00 14.45 ? 216 GLU A CG  1 
ATOM   1477 C  CD  . GLU A 1 188 ? -7.377  17.975  -11.353 1.00 14.94 ? 216 GLU A CD  1 
ATOM   1478 O  OE1 . GLU A 1 188 ? -6.524  18.895  -11.343 1.00 15.96 ? 216 GLU A OE1 1 
ATOM   1479 O  OE2 . GLU A 1 188 ? -8.339  17.948  -10.560 1.00 14.66 ? 216 GLU A OE2 1 
ATOM   1480 N  N   . LYS A 1 189 ? -3.506  16.161  -15.148 1.00 17.07 ? 217 LYS A N   1 
ATOM   1481 C  CA  . LYS A 1 189 ? -2.646  16.317  -16.333 1.00 18.41 ? 217 LYS A CA  1 
ATOM   1482 C  C   . LYS A 1 189 ? -2.553  15.009  -17.125 1.00 19.31 ? 217 LYS A C   1 
ATOM   1483 O  O   . LYS A 1 189 ? -2.639  15.019  -18.355 1.00 19.30 ? 217 LYS A O   1 
ATOM   1484 C  CB  . LYS A 1 189 ? -1.253  16.798  -15.928 1.00 18.37 ? 217 LYS A CB  1 
ATOM   1485 C  CG  . LYS A 1 189 ? -0.481  17.533  -17.023 1.00 19.93 ? 217 LYS A CG  1 
ATOM   1486 C  CD  . LYS A 1 189 ? 0.817   18.134  -16.475 1.00 22.26 ? 217 LYS A CD  1 
ATOM   1487 C  CE  . LYS A 1 189 ? 1.648   18.768  -17.581 1.00 24.68 ? 217 LYS A CE  1 
ATOM   1488 N  NZ  . LYS A 1 189 ? 2.321   20.039  -17.121 1.00 26.38 ? 217 LYS A NZ  1 
ATOM   1489 N  N   . GLU A 1 190 ? -2.380  13.893  -16.407 1.00 20.28 ? 218 GLU A N   1 
ATOM   1490 C  CA  . GLU A 1 190 ? -2.371  12.555  -17.000 1.00 21.46 ? 218 GLU A CA  1 
ATOM   1491 C  C   . GLU A 1 190 ? -3.716  12.208  -17.632 1.00 22.26 ? 218 GLU A C   1 
ATOM   1492 O  O   . GLU A 1 190 ? -3.762  11.540  -18.656 1.00 22.29 ? 218 GLU A O   1 
ATOM   1493 C  CB  . GLU A 1 190 ? -2.011  11.487  -15.954 1.00 21.35 ? 218 GLU A CB  1 
ATOM   1494 C  CG  . GLU A 1 190 ? -0.557  11.476  -15.502 1.00 21.34 ? 218 GLU A CG  1 
ATOM   1495 C  CD  . GLU A 1 190 ? 0.429   11.301  -16.651 1.00 21.98 ? 218 GLU A CD  1 
ATOM   1496 O  OE1 . GLU A 1 190 ? 0.365   10.265  -17.356 1.00 22.63 ? 218 GLU A OE1 1 
ATOM   1497 O  OE2 . GLU A 1 190 ? 1.274   12.201  -16.839 1.00 20.42 ? 218 GLU A OE2 1 
ATOM   1498 N  N   . LEU A 1 191 ? -4.802  12.669  -17.014 1.00 23.41 ? 219 LEU A N   1 
ATOM   1499 C  CA  . LEU A 1 191 ? -6.152  12.419  -17.513 1.00 24.77 ? 219 LEU A CA  1 
ATOM   1500 C  C   . LEU A 1 191 ? -6.445  13.131  -18.829 1.00 25.80 ? 219 LEU A C   1 
ATOM   1501 O  O   . LEU A 1 191 ? -7.271  12.680  -19.614 1.00 25.94 ? 219 LEU A O   1 
ATOM   1502 C  CB  . LEU A 1 191 ? -7.185  12.848  -16.470 1.00 24.64 ? 219 LEU A CB  1 
ATOM   1503 C  CG  . LEU A 1 191 ? -7.699  11.819  -15.472 1.00 24.52 ? 219 LEU A CG  1 
ATOM   1504 C  CD1 . LEU A 1 191 ? -8.485  12.550  -14.399 1.00 24.11 ? 219 LEU A CD1 1 
ATOM   1505 C  CD2 . LEU A 1 191 ? -8.574  10.777  -16.177 1.00 24.16 ? 219 LEU A CD2 1 
ATOM   1506 N  N   . LYS A 1 192 ? -5.775  14.256  -19.045 1.00 27.37 ? 220 LYS A N   1 
ATOM   1507 C  CA  . LYS A 1 192 ? -5.925  15.039  -20.260 1.00 28.92 ? 220 LYS A CA  1 
ATOM   1508 C  C   . LYS A 1 192 ? -5.285  14.344  -21.468 1.00 29.65 ? 220 LYS A C   1 
ATOM   1509 O  O   . LYS A 1 192 ? -5.946  14.127  -22.485 1.00 29.82 ? 220 LYS A O   1 
ATOM   1510 C  CB  . LYS A 1 192 ? -5.310  16.424  -20.053 1.00 29.14 ? 220 LYS A CB  1 
ATOM   1511 C  CG  . LYS A 1 192 ? -6.188  17.572  -20.508 1.00 30.99 ? 220 LYS A CG  1 
ATOM   1512 C  CD  . LYS A 1 192 ? -7.475  17.657  -19.674 1.00 32.58 ? 220 LYS A CD  1 
ATOM   1513 C  CE  . LYS A 1 192 ? -8.140  19.023  -19.785 1.00 34.25 ? 220 LYS A CE  1 
ATOM   1514 N  NZ  . LYS A 1 192 ? -8.112  19.637  -21.155 1.00 33.90 ? 220 LYS A NZ  1 
ATOM   1515 N  N   . GLY A 1 193 ? -4.006  13.985  -21.348 1.00 30.49 ? 221 GLY A N   1 
ATOM   1516 C  CA  . GLY A 1 193 ? -3.271  13.358  -22.451 1.00 31.41 ? 221 GLY A CA  1 
ATOM   1517 C  C   . GLY A 1 193 ? -2.503  12.116  -22.035 1.00 32.15 ? 221 GLY A C   1 
ATOM   1518 O  O   . GLY A 1 193 ? -2.931  10.982  -22.294 1.00 32.68 ? 221 GLY A O   1 
HETATM 1519 CA CA  . CA  B 2 .   ? 2.415   -7.041  -3.334  1.00 17.54 ? 1   CA  A CA  1 
HETATM 1520 O  O   . HOH C 3 .   ? 1.363   -5.162  -2.031  1.00 9.22  ? 231 HOH A O   1 
HETATM 1521 O  O   . HOH C 3 .   ? 3.416   -9.207  -4.279  1.00 21.59 ? 232 HOH A O   1 
HETATM 1522 O  O   . HOH C 3 .   ? 0.568   -8.468  -3.911  1.00 12.15 ? 233 HOH A O   1 
HETATM 1523 O  O   . HOH C 3 .   ? 8.470   10.173  3.319   1.00 12.98 ? 234 HOH A O   1 
HETATM 1524 O  O   . HOH C 3 .   ? -0.348  4.708   3.154   1.00 3.83  ? 235 HOH A O   1 
HETATM 1525 O  O   . HOH C 3 .   ? 5.827   10.409  -3.236  1.00 10.53 ? 236 HOH A O   1 
HETATM 1526 O  O   . HOH C 3 .   ? 3.129   7.290   13.683  1.00 14.70 ? 237 HOH A O   1 
HETATM 1527 O  O   . HOH C 3 .   ? 0.298   -5.938  0.220   1.00 17.16 ? 238 HOH A O   1 
HETATM 1528 O  O   . HOH C 3 .   ? 3.951   -5.781  -9.493  1.00 12.09 ? 239 HOH A O   1 
HETATM 1529 O  O   . HOH C 3 .   ? 7.025   12.138  -1.494  1.00 15.93 ? 240 HOH A O   1 
HETATM 1530 O  O   . HOH C 3 .   ? 8.614   15.314  0.018   1.00 11.62 ? 241 HOH A O   1 
HETATM 1531 O  O   . HOH C 3 .   ? 9.940   10.033  -1.414  1.00 25.70 ? 242 HOH A O   1 
HETATM 1532 O  O   . HOH C 3 .   ? 11.634  7.185   -3.142  1.00 16.46 ? 243 HOH A O   1 
HETATM 1533 O  O   . HOH C 3 .   ? 12.692  9.955   -4.909  1.00 19.77 ? 244 HOH A O   1 
HETATM 1534 O  O   . HOH C 3 .   ? 9.423   13.968  -9.488  1.00 14.11 ? 245 HOH A O   1 
HETATM 1535 O  O   . HOH C 3 .   ? -3.935  6.250   8.828   1.00 18.79 ? 246 HOH A O   1 
HETATM 1536 O  O   . HOH C 3 .   ? -4.867  -12.902 17.079  1.00 23.44 ? 247 HOH A O   1 
HETATM 1537 O  O   . HOH C 3 .   ? 13.800  -2.800  7.293   1.00 14.74 ? 248 HOH A O   1 
HETATM 1538 O  O   . HOH C 3 .   ? 13.805  3.757   7.825   1.00 13.40 ? 249 HOH A O   1 
HETATM 1539 O  O   . HOH C 3 .   ? 1.625   4.233   -11.594 1.00 15.67 ? 250 HOH A O   1 
HETATM 1540 O  O   . HOH C 3 .   ? 2.271   5.466   -18.263 1.00 18.49 ? 251 HOH A O   1 
HETATM 1541 O  O   . HOH C 3 .   ? 1.731   9.430   -19.497 1.00 25.04 ? 252 HOH A O   1 
HETATM 1542 O  O   . HOH C 3 .   ? -11.851 3.968   -10.470 1.00 14.44 ? 253 HOH A O   1 
HETATM 1543 O  O   . HOH C 3 .   ? 0.260   -14.354 6.038   1.00 14.38 ? 254 HOH A O   1 
HETATM 1544 O  O   . HOH C 3 .   ? 2.472   -15.605 5.477   1.00 21.33 ? 255 HOH A O   1 
HETATM 1545 O  O   . HOH C 3 .   ? 6.376   10.882  9.069   1.00 13.30 ? 256 HOH A O   1 
HETATM 1546 O  O   . HOH C 3 .   ? -1.029  -11.891 -2.260  1.00 15.40 ? 257 HOH A O   1 
HETATM 1547 O  O   . HOH C 3 .   ? -12.717 -11.787 -1.346  1.00 17.51 ? 258 HOH A O   1 
HETATM 1548 O  O   . HOH C 3 .   ? -15.945 -4.878  -0.535  1.00 24.13 ? 259 HOH A O   1 
HETATM 1549 O  O   . HOH C 3 .   ? -14.427 -5.863  4.623   1.00 19.79 ? 260 HOH A O   1 
HETATM 1550 O  O   . HOH C 3 .   ? 11.442  -3.840  0.303   1.00 19.13 ? 261 HOH A O   1 
HETATM 1551 O  O   . HOH C 3 .   ? 5.151   19.041  -4.083  1.00 17.34 ? 262 HOH A O   1 
HETATM 1552 O  O   . HOH C 3 .   ? -2.835  3.484   1.901   1.00 21.92 ? 263 HOH A O   1 
HETATM 1553 O  O   . HOH C 3 .   ? 9.746   10.818  -4.541  1.00 25.76 ? 264 HOH A O   1 
HETATM 1554 O  O   . HOH C 3 .   ? 11.193  13.840  -3.019  1.00 15.41 ? 265 HOH A O   1 
HETATM 1555 O  O   . HOH C 3 .   ? 12.738  -6.924  6.782   1.00 23.40 ? 266 HOH A O   1 
HETATM 1556 O  O   . HOH C 3 .   ? 13.523  -8.141  9.214   1.00 18.56 ? 267 HOH A O   1 
HETATM 1557 O  O   . HOH C 3 .   ? -11.351 -4.186  -0.077  1.00 11.62 ? 268 HOH A O   1 
# 
